data_3OM9
#
_entry.id   3OM9
#
_cell.length_a   67.307
_cell.length_b   124.458
_cell.length_c   86.721
_cell.angle_alpha   90.00
_cell.angle_beta   105.61
_cell.angle_gamma   90.00
#
_symmetry.space_group_name_H-M   'P 1 21 1'
#
loop_
_entity.id
_entity.type
_entity.pdbx_description
1 polymer 'Lactate dehydrogenase'
2 non-polymer NICOTINAMIDE-ADENINE-DINUCLEOTIDE
3 non-polymer '4-HYDROXY-1,2,5-OXADIAZOLE-3-CARBOXYLIC ACID'
4 water water
#
_entity_poly.entity_id   1
_entity_poly.type   'polypeptide(L)'
_entity_poly.pdbx_seq_one_letter_code
;PALVQRRKKVAMIGSGMIGGTMGYLCALRELADVVLYDVVKGMPEGKALDLSHVTSVVDTNVSVRAEYSYEAALTGADCV
IVTAGLTKVPGKPDSEWSRNDLLPFNSKIIREIGQNIKKYCPKTFIIVVTNPLDCMVKVMCEASGVPTNMICGMACMLDS
GRFRRYVADALSVSPRDVQATVIGTHGDCMVPLVRYITVNGYPIQKFIKDGVVTEKQLEEIAEHTKVSGGEIVRFLGQGS
AYYAPAASAVAMATSFLNDEKRVIPCSVYCNGEYGLKDMFIGLPAVIGGAGIERVIELELNEEEKKQFQKSVDDVMALNK
AVAALQAPG
;
_entity_poly.pdbx_strand_id   A,B,C,D
#
loop_
_chem_comp.id
_chem_comp.type
_chem_comp.name
_chem_comp.formula
NAD non-polymer NICOTINAMIDE-ADENINE-DINUCLEOTIDE 'C21 H27 N7 O14 P2'
OXQ non-polymer '4-HYDROXY-1,2,5-OXADIAZOLE-3-CARBOXYLIC ACID' 'C3 H2 N2 O4'
#
# COMPACT_ATOMS: atom_id res chain seq x y z
N PRO A 1 -1.03 20.03 22.62
CA PRO A 1 -2.49 20.06 22.38
C PRO A 1 -2.88 20.74 21.06
N ALA A 2 -2.10 21.73 20.66
CA ALA A 2 -2.34 22.46 19.41
C ALA A 2 -2.05 21.57 18.20
N LEU A 3 -2.98 21.56 17.24
CA LEU A 3 -2.82 20.74 16.04
C LEU A 3 -1.73 21.32 15.13
N VAL A 4 -0.80 20.47 14.73
CA VAL A 4 0.30 20.88 13.86
C VAL A 4 0.15 20.25 12.47
N GLN A 5 -0.23 18.98 12.44
CA GLN A 5 -0.42 18.27 11.18
C GLN A 5 -1.90 17.93 10.99
N ARG A 6 -2.61 18.77 10.26
CA ARG A 6 -4.04 18.55 10.00
C ARG A 6 -4.19 17.65 8.78
N ARG A 7 -5.08 16.67 8.87
CA ARG A 7 -5.31 15.76 7.74
C ARG A 7 -5.87 16.53 6.57
N LYS A 8 -5.61 16.04 5.37
CA LYS A 8 -6.14 16.69 4.19
C LYS A 8 -7.64 16.41 4.22
N LYS A 9 -8.43 17.29 3.61
CA LYS A 9 -9.87 17.10 3.57
C LYS A 9 -10.38 17.16 2.14
N VAL A 10 -11.10 16.12 1.73
CA VAL A 10 -11.66 16.06 0.39
C VAL A 10 -13.18 16.03 0.51
N ALA A 11 -13.83 16.93 -0.21
CA ALA A 11 -15.29 17.01 -0.18
C ALA A 11 -15.89 16.41 -1.43
N MET A 12 -16.78 15.43 -1.23
CA MET A 12 -17.44 14.78 -2.34
C MET A 12 -18.79 15.46 -2.53
N ILE A 13 -18.85 16.41 -3.47
CA ILE A 13 -20.09 17.11 -3.73
C ILE A 13 -20.82 16.25 -4.74
N GLY A 14 -21.75 15.46 -4.20
CA GLY A 14 -22.49 14.50 -4.98
C GLY A 14 -22.09 13.21 -4.28
N SER A 15 -23.05 12.53 -3.69
CA SER A 15 -22.74 11.30 -2.96
C SER A 15 -23.40 10.08 -3.58
N GLY A 16 -23.48 10.07 -4.90
CA GLY A 16 -24.06 8.94 -5.60
C GLY A 16 -23.01 7.85 -5.72
N MET A 17 -23.09 7.06 -6.78
CA MET A 17 -22.15 5.96 -7.00
C MET A 17 -20.68 6.38 -6.94
N ILE A 18 -20.29 7.34 -7.78
CA ILE A 18 -18.90 7.79 -7.81
C ILE A 18 -18.46 8.50 -6.53
N GLY A 19 -19.35 9.33 -5.99
CA GLY A 19 -19.02 10.06 -4.77
C GLY A 19 -18.73 9.10 -3.63
N GLY A 20 -19.61 8.12 -3.45
CA GLY A 20 -19.40 7.15 -2.40
C GLY A 20 -18.16 6.32 -2.66
N THR A 21 -17.95 5.97 -3.91
CA THR A 21 -16.79 5.18 -4.27
C THR A 21 -15.49 5.92 -4.00
N MET A 22 -15.47 7.22 -4.26
CA MET A 22 -14.26 8.00 -4.03
C MET A 22 -14.00 8.08 -2.52
N GLY A 23 -15.08 8.16 -1.75
CA GLY A 23 -14.93 8.20 -0.30
C GLY A 23 -14.33 6.88 0.16
N TYR A 24 -14.73 5.80 -0.48
CA TYR A 24 -14.21 4.46 -0.14
C TYR A 24 -12.70 4.45 -0.32
N LEU A 25 -12.23 4.92 -1.46
CA LEU A 25 -10.81 4.98 -1.74
C LEU A 25 -10.05 5.80 -0.70
N CYS A 26 -10.62 6.91 -0.28
CA CYS A 26 -9.97 7.76 0.72
C CYS A 26 -9.85 7.02 2.06
N ALA A 27 -10.92 6.34 2.48
CA ALA A 27 -10.90 5.60 3.75
C ALA A 27 -9.97 4.40 3.67
N LEU A 28 -9.98 3.72 2.53
CA LEU A 28 -9.12 2.54 2.32
C LEU A 28 -7.64 2.89 2.38
N ARG A 29 -7.28 4.04 1.81
CA ARG A 29 -5.88 4.48 1.74
C ARG A 29 -5.50 5.51 2.80
N GLU A 30 -6.45 5.84 3.67
CA GLU A 30 -6.24 6.85 4.71
C GLU A 30 -5.69 8.11 4.06
N LEU A 31 -6.23 8.43 2.89
CA LEU A 31 -5.80 9.59 2.11
C LEU A 31 -6.21 10.92 2.73
N ALA A 32 -7.43 10.98 3.24
CA ALA A 32 -7.90 12.24 3.83
C ALA A 32 -9.23 12.04 4.48
N ASP A 33 -9.64 13.04 5.27
CA ASP A 33 -10.94 12.99 5.89
C ASP A 33 -11.90 13.20 4.72
N VAL A 34 -13.08 12.60 4.82
CA VAL A 34 -14.06 12.69 3.75
C VAL A 34 -15.38 13.29 4.20
N VAL A 35 -15.96 14.11 3.34
CA VAL A 35 -17.26 14.69 3.61
C VAL A 35 -18.12 14.30 2.41
N LEU A 36 -19.30 13.76 2.69
CA LEU A 36 -20.23 13.38 1.64
C LEU A 36 -21.39 14.36 1.69
N TYR A 37 -21.63 15.03 0.56
CA TYR A 37 -22.72 15.99 0.46
C TYR A 37 -23.61 15.58 -0.71
N ASP A 38 -24.91 15.82 -0.56
CA ASP A 38 -25.85 15.49 -1.62
C ASP A 38 -27.19 16.14 -1.28
N VAL A 39 -28.02 16.40 -2.29
CA VAL A 39 -29.32 17.00 -2.03
C VAL A 39 -30.23 15.93 -1.46
N VAL A 40 -29.89 14.68 -1.71
CA VAL A 40 -30.68 13.57 -1.20
C VAL A 40 -30.33 13.38 0.27
N LYS A 41 -31.34 13.50 1.12
CA LYS A 41 -31.18 13.34 2.57
C LYS A 41 -31.24 11.87 2.94
N GLY A 42 -30.43 11.48 3.92
CA GLY A 42 -30.40 10.12 4.38
C GLY A 42 -29.30 9.27 3.78
N MET A 43 -29.36 9.05 2.48
CA MET A 43 -28.38 8.24 1.78
C MET A 43 -26.93 8.61 2.10
N PRO A 44 -26.58 9.91 2.04
CA PRO A 44 -25.20 10.28 2.35
C PRO A 44 -24.77 9.84 3.76
N GLU A 45 -25.68 9.94 4.73
CA GLU A 45 -25.37 9.54 6.08
C GLU A 45 -25.18 8.03 6.19
N GLY A 46 -25.96 7.27 5.42
CA GLY A 46 -25.83 5.83 5.45
C GLY A 46 -24.47 5.42 4.93
N LYS A 47 -24.06 6.05 3.83
CA LYS A 47 -22.77 5.77 3.22
C LYS A 47 -21.61 6.23 4.09
N ALA A 48 -21.77 7.39 4.74
CA ALA A 48 -20.70 7.90 5.60
C ALA A 48 -20.49 6.90 6.75
N LEU A 49 -21.59 6.37 7.29
CA LEU A 49 -21.46 5.39 8.37
C LEU A 49 -20.76 4.13 7.83
N ASP A 50 -21.24 3.65 6.69
CA ASP A 50 -20.67 2.46 6.06
C ASP A 50 -19.17 2.66 5.87
N LEU A 51 -18.79 3.82 5.35
CA LEU A 51 -17.37 4.13 5.12
C LEU A 51 -16.57 4.28 6.41
N SER A 52 -17.17 4.86 7.45
CA SER A 52 -16.47 5.02 8.72
C SER A 52 -16.13 3.64 9.28
N HIS A 53 -17.02 2.69 9.04
CA HIS A 53 -16.84 1.31 9.49
C HIS A 53 -15.67 0.67 8.77
N VAL A 54 -15.49 1.04 7.51
CA VAL A 54 -14.38 0.52 6.72
C VAL A 54 -13.03 0.83 7.37
N THR A 55 -12.89 2.05 7.90
CA THR A 55 -11.61 2.44 8.50
C THR A 55 -11.18 1.44 9.56
N SER A 56 -12.15 0.93 10.33
CA SER A 56 -11.85 -0.05 11.37
C SER A 56 -11.39 -1.35 10.72
N VAL A 57 -12.16 -1.82 9.74
CA VAL A 57 -11.86 -3.08 9.07
C VAL A 57 -10.46 -3.09 8.45
N VAL A 58 -10.08 -2.00 7.81
CA VAL A 58 -8.77 -1.92 7.16
C VAL A 58 -7.69 -1.19 7.97
N ASP A 59 -7.99 -0.93 9.23
CA ASP A 59 -7.04 -0.30 10.13
C ASP A 59 -6.49 1.07 9.73
N THR A 60 -7.37 1.96 9.31
CA THR A 60 -6.93 3.31 8.94
C THR A 60 -7.71 4.26 9.82
N ASN A 61 -7.33 5.54 9.84
CA ASN A 61 -8.08 6.49 10.62
C ASN A 61 -8.27 7.81 9.91
N VAL A 62 -9.46 7.96 9.32
CA VAL A 62 -9.85 9.18 8.65
C VAL A 62 -11.29 9.35 9.08
N SER A 63 -11.75 10.59 9.08
CA SER A 63 -13.12 10.91 9.45
C SER A 63 -13.96 10.95 8.19
N VAL A 64 -15.07 10.21 8.19
CA VAL A 64 -15.99 10.20 7.06
C VAL A 64 -17.32 10.68 7.62
N ARG A 65 -17.77 11.84 7.15
CA ARG A 65 -19.01 12.44 7.63
C ARG A 65 -19.89 12.92 6.49
N ALA A 66 -21.19 12.88 6.70
CA ALA A 66 -22.12 13.39 5.72
C ALA A 66 -22.39 14.81 6.22
N GLU A 67 -22.56 15.75 5.31
CA GLU A 67 -22.86 17.14 5.67
C GLU A 67 -23.95 17.57 4.71
N TYR A 68 -25.02 18.18 5.23
CA TYR A 68 -26.10 18.59 4.35
C TYR A 68 -26.10 20.04 3.90
N SER A 69 -25.18 20.83 4.43
CA SER A 69 -25.08 22.24 4.02
C SER A 69 -23.82 22.39 3.19
N TYR A 70 -23.86 23.30 2.22
CA TYR A 70 -22.70 23.54 1.37
C TYR A 70 -21.53 24.00 2.24
N GLU A 71 -21.83 24.86 3.22
CA GLU A 71 -20.80 25.39 4.10
C GLU A 71 -20.02 24.33 4.87
N ALA A 72 -20.73 23.43 5.54
CA ALA A 72 -20.07 22.39 6.32
C ALA A 72 -19.29 21.45 5.41
N ALA A 73 -19.85 21.17 4.24
CA ALA A 73 -19.21 20.27 3.30
C ALA A 73 -17.96 20.84 2.64
N LEU A 74 -18.00 22.13 2.27
CA LEU A 74 -16.89 22.76 1.58
C LEU A 74 -15.80 23.45 2.38
N THR A 75 -16.14 23.99 3.54
CA THR A 75 -15.15 24.69 4.36
C THR A 75 -13.95 23.80 4.67
N GLY A 76 -12.75 24.36 4.50
CA GLY A 76 -11.53 23.64 4.77
C GLY A 76 -11.16 22.52 3.82
N ALA A 77 -11.92 22.38 2.74
CA ALA A 77 -11.67 21.33 1.75
C ALA A 77 -10.43 21.61 0.90
N ASP A 78 -9.45 20.73 1.01
CA ASP A 78 -8.22 20.86 0.24
C ASP A 78 -8.50 20.56 -1.22
N CYS A 79 -9.48 19.70 -1.45
CA CYS A 79 -9.86 19.31 -2.80
C CYS A 79 -11.35 19.03 -2.81
N VAL A 80 -12.01 19.45 -3.88
CA VAL A 80 -13.45 19.22 -4.03
C VAL A 80 -13.69 18.45 -5.33
N ILE A 81 -14.29 17.28 -5.22
CA ILE A 81 -14.58 16.46 -6.41
C ILE A 81 -16.09 16.48 -6.62
N VAL A 82 -16.50 17.01 -7.76
CA VAL A 82 -17.92 17.17 -8.06
C VAL A 82 -18.51 16.17 -9.03
N THR A 83 -19.43 15.36 -8.50
CA THR A 83 -20.13 14.34 -9.28
C THR A 83 -21.63 14.60 -9.27
N ALA A 84 -22.03 15.67 -8.60
CA ALA A 84 -23.45 16.01 -8.53
C ALA A 84 -24.04 16.16 -9.92
N GLY A 85 -25.12 15.45 -10.20
CA GLY A 85 -25.74 15.55 -11.51
C GLY A 85 -26.42 14.27 -11.97
N LEU A 86 -27.11 14.35 -13.10
CA LEU A 86 -27.81 13.21 -13.68
C LEU A 86 -26.86 12.36 -14.52
N THR A 87 -27.14 11.07 -14.62
CA THR A 87 -26.34 10.14 -15.40
C THR A 87 -27.03 9.78 -16.73
N LYS A 88 -28.35 9.77 -16.72
CA LYS A 88 -29.12 9.43 -17.92
C LYS A 88 -30.40 10.25 -17.98
N VAL A 89 -30.84 10.58 -19.19
CA VAL A 89 -32.07 11.35 -19.35
C VAL A 89 -33.23 10.39 -19.10
N PRO A 90 -34.13 10.73 -18.17
CA PRO A 90 -35.26 9.84 -17.89
C PRO A 90 -36.08 9.54 -19.15
N GLY A 91 -36.37 8.26 -19.38
CA GLY A 91 -37.17 7.87 -20.53
C GLY A 91 -36.40 7.51 -21.78
N LYS A 92 -35.25 8.13 -22.00
CA LYS A 92 -34.46 7.85 -23.19
C LYS A 92 -33.88 6.44 -23.13
N PRO A 93 -34.00 5.68 -24.23
CA PRO A 93 -33.45 4.31 -24.25
C PRO A 93 -31.93 4.33 -24.11
N ASP A 94 -31.39 3.27 -23.53
CA ASP A 94 -29.95 3.16 -23.32
C ASP A 94 -29.15 3.21 -24.62
N SER A 95 -29.79 2.81 -25.72
CA SER A 95 -29.11 2.81 -27.00
C SER A 95 -28.79 4.22 -27.48
N GLU A 96 -29.50 5.21 -26.95
CA GLU A 96 -29.30 6.60 -27.36
C GLU A 96 -28.62 7.44 -26.28
N TRP A 97 -27.97 6.77 -25.33
CA TRP A 97 -27.29 7.47 -24.25
C TRP A 97 -26.25 8.45 -24.82
N SER A 98 -26.34 9.71 -24.43
CA SER A 98 -25.41 10.74 -24.88
C SER A 98 -25.12 11.70 -23.74
N ARG A 99 -23.84 11.90 -23.44
CA ARG A 99 -23.45 12.78 -22.35
C ARG A 99 -23.93 14.22 -22.58
N ASN A 100 -24.00 14.63 -23.85
CA ASN A 100 -24.42 16.00 -24.15
C ASN A 100 -25.88 16.25 -23.80
N ASP A 101 -26.71 15.21 -23.87
CA ASP A 101 -28.12 15.36 -23.53
C ASP A 101 -28.28 15.80 -22.08
N LEU A 102 -27.25 15.54 -21.27
CA LEU A 102 -27.30 15.88 -19.84
C LEU A 102 -27.08 17.36 -19.56
N LEU A 103 -26.63 18.11 -20.56
CA LEU A 103 -26.35 19.54 -20.37
C LEU A 103 -27.44 20.36 -19.68
N PRO A 104 -28.68 20.32 -20.20
CA PRO A 104 -29.74 21.10 -19.54
C PRO A 104 -30.07 20.65 -18.11
N PHE A 105 -29.75 19.41 -17.79
CA PHE A 105 -30.03 18.88 -16.46
C PHE A 105 -28.94 19.18 -15.43
N ASN A 106 -27.70 19.34 -15.88
CA ASN A 106 -26.61 19.56 -14.94
C ASN A 106 -25.94 20.92 -14.89
N SER A 107 -26.10 21.73 -15.93
CA SER A 107 -25.47 23.04 -15.98
C SER A 107 -25.75 23.91 -14.76
N LYS A 108 -27.01 24.02 -14.36
CA LYS A 108 -27.37 24.85 -13.22
C LYS A 108 -26.76 24.35 -11.91
N ILE A 109 -26.80 23.04 -11.71
CA ILE A 109 -26.26 22.41 -10.53
C ILE A 109 -24.77 22.72 -10.38
N ILE A 110 -24.01 22.56 -11.46
CA ILE A 110 -22.58 22.80 -11.44
C ILE A 110 -22.26 24.26 -11.13
N ARG A 111 -22.99 25.17 -11.76
CA ARG A 111 -22.79 26.60 -11.54
C ARG A 111 -22.98 26.94 -10.06
N GLU A 112 -24.07 26.44 -9.48
CA GLU A 112 -24.39 26.68 -8.07
C GLU A 112 -23.28 26.19 -7.15
N ILE A 113 -22.83 24.97 -7.38
CA ILE A 113 -21.76 24.40 -6.57
C ILE A 113 -20.53 25.30 -6.69
N GLY A 114 -20.27 25.78 -7.90
CA GLY A 114 -19.13 26.65 -8.11
C GLY A 114 -19.27 27.91 -7.28
N GLN A 115 -20.47 28.49 -7.28
CA GLN A 115 -20.71 29.71 -6.51
C GLN A 115 -20.44 29.49 -5.03
N ASN A 116 -20.73 28.28 -4.56
CA ASN A 116 -20.53 27.96 -3.15
C ASN A 116 -19.05 27.78 -2.83
N ILE A 117 -18.30 27.18 -3.76
CA ILE A 117 -16.86 26.98 -3.54
C ILE A 117 -16.19 28.35 -3.43
N LYS A 118 -16.63 29.28 -4.28
CA LYS A 118 -16.10 30.64 -4.32
C LYS A 118 -16.20 31.29 -2.93
N LYS A 119 -17.24 30.93 -2.21
CA LYS A 119 -17.51 31.45 -0.87
C LYS A 119 -16.84 30.68 0.26
N TYR A 120 -16.94 29.36 0.22
CA TYR A 120 -16.40 28.52 1.29
C TYR A 120 -14.98 27.96 1.18
N CYS A 121 -14.49 27.74 -0.03
CA CYS A 121 -13.13 27.22 -0.16
C CYS A 121 -12.49 27.62 -1.49
N PRO A 122 -12.29 28.94 -1.68
CA PRO A 122 -11.70 29.50 -2.91
C PRO A 122 -10.28 29.04 -3.18
N LYS A 123 -9.62 28.48 -2.16
CA LYS A 123 -8.24 28.00 -2.32
C LYS A 123 -8.18 26.50 -2.62
N THR A 124 -9.33 25.87 -2.81
CA THR A 124 -9.37 24.44 -3.08
C THR A 124 -8.98 24.09 -4.52
N PHE A 125 -8.71 22.81 -4.74
CA PHE A 125 -8.38 22.31 -6.08
C PHE A 125 -9.67 21.61 -6.50
N ILE A 126 -10.28 22.07 -7.59
CA ILE A 126 -11.54 21.48 -8.04
C ILE A 126 -11.38 20.44 -9.12
N ILE A 127 -11.98 19.28 -8.89
CA ILE A 127 -11.95 18.20 -9.87
C ILE A 127 -13.39 17.93 -10.25
N VAL A 128 -13.76 18.32 -11.47
CA VAL A 128 -15.11 18.12 -11.96
C VAL A 128 -15.23 16.75 -12.62
N VAL A 129 -16.34 16.07 -12.36
CA VAL A 129 -16.60 14.76 -12.94
C VAL A 129 -17.91 14.79 -13.73
N THR A 130 -18.88 15.53 -13.21
CA THR A 130 -20.20 15.66 -13.83
C THR A 130 -20.16 15.96 -15.33
N ASN A 131 -21.03 15.28 -16.10
CA ASN A 131 -21.12 15.48 -17.54
C ASN A 131 -22.16 16.55 -17.92
N PRO A 132 -22.01 17.18 -19.10
CA PRO A 132 -20.91 16.93 -20.06
C PRO A 132 -19.65 17.55 -19.49
N LEU A 133 -18.70 16.69 -19.16
CA LEU A 133 -17.43 17.06 -18.53
C LEU A 133 -16.73 18.37 -18.88
N ASP A 134 -16.19 18.45 -20.09
CA ASP A 134 -15.46 19.65 -20.50
C ASP A 134 -16.25 20.96 -20.39
N CYS A 135 -17.55 20.91 -20.67
CA CYS A 135 -18.38 22.09 -20.56
C CYS A 135 -18.63 22.43 -19.10
N MET A 136 -18.82 21.40 -18.28
CA MET A 136 -19.06 21.60 -16.86
C MET A 136 -17.83 22.17 -16.18
N VAL A 137 -16.65 21.79 -16.65
CA VAL A 137 -15.42 22.30 -16.06
C VAL A 137 -15.36 23.81 -16.27
N LYS A 138 -15.75 24.28 -17.45
CA LYS A 138 -15.72 25.71 -17.73
C LYS A 138 -16.75 26.43 -16.86
N VAL A 139 -17.95 25.85 -16.77
CA VAL A 139 -19.01 26.45 -15.95
C VAL A 139 -18.52 26.54 -14.51
N MET A 140 -17.87 25.49 -14.04
CA MET A 140 -17.36 25.46 -12.67
C MET A 140 -16.28 26.51 -12.48
N CYS A 141 -15.40 26.66 -13.47
CA CYS A 141 -14.33 27.63 -13.39
C CYS A 141 -14.89 29.05 -13.33
N GLU A 142 -15.81 29.35 -14.23
CA GLU A 142 -16.44 30.66 -14.28
C GLU A 142 -17.21 30.97 -13.00
N ALA A 143 -17.90 29.96 -12.46
CA ALA A 143 -18.68 30.14 -11.25
C ALA A 143 -17.88 30.18 -9.95
N SER A 144 -16.88 29.30 -9.83
CA SER A 144 -16.07 29.26 -8.61
C SER A 144 -15.05 30.39 -8.55
N GLY A 145 -14.64 30.87 -9.72
CA GLY A 145 -13.66 31.95 -9.78
C GLY A 145 -12.23 31.58 -9.39
N VAL A 146 -11.97 30.29 -9.20
CA VAL A 146 -10.62 29.87 -8.81
C VAL A 146 -9.63 30.06 -9.95
N PRO A 147 -8.33 30.15 -9.64
CA PRO A 147 -7.33 30.32 -10.70
C PRO A 147 -7.45 29.13 -11.66
N THR A 148 -7.22 29.38 -12.94
CA THR A 148 -7.34 28.32 -13.96
C THR A 148 -6.50 27.08 -13.70
N ASN A 149 -5.43 27.21 -12.91
CA ASN A 149 -4.57 26.06 -12.61
C ASN A 149 -5.12 25.24 -11.45
N MET A 150 -6.13 25.77 -10.76
CA MET A 150 -6.70 25.08 -9.60
C MET A 150 -8.01 24.36 -9.91
N ILE A 151 -8.26 24.11 -11.19
CA ILE A 151 -9.46 23.40 -11.59
C ILE A 151 -9.23 22.61 -12.86
N CYS A 152 -9.77 21.39 -12.88
CA CYS A 152 -9.66 20.52 -14.04
C CYS A 152 -10.83 19.57 -14.00
N GLY A 153 -10.97 18.76 -15.04
CA GLY A 153 -12.06 17.80 -15.09
C GLY A 153 -11.50 16.40 -15.32
N MET A 154 -12.04 15.43 -14.61
CA MET A 154 -11.61 14.05 -14.78
C MET A 154 -12.38 13.43 -15.93
N ALA A 155 -11.67 12.80 -16.85
CA ALA A 155 -12.30 12.11 -17.97
C ALA A 155 -11.27 11.34 -18.78
N CYS A 156 -10.30 12.07 -19.33
CA CYS A 156 -9.28 11.43 -20.15
C CYS A 156 -8.46 10.36 -19.46
N MET A 157 -8.31 10.43 -18.14
CA MET A 157 -7.56 9.38 -17.46
C MET A 157 -8.41 8.12 -17.51
N LEU A 158 -9.74 8.30 -17.45
CA LEU A 158 -10.67 7.17 -17.53
C LEU A 158 -10.64 6.60 -18.94
N ASP A 159 -10.77 7.49 -19.93
CA ASP A 159 -10.75 7.04 -21.32
C ASP A 159 -9.41 6.39 -21.64
N SER A 160 -8.32 7.00 -21.15
CA SER A 160 -6.99 6.46 -21.38
C SER A 160 -6.83 5.15 -20.61
N GLY A 161 -7.51 5.03 -19.47
CA GLY A 161 -7.42 3.81 -18.68
C GLY A 161 -8.03 2.64 -19.43
N ARG A 162 -9.13 2.90 -20.12
CA ARG A 162 -9.80 1.86 -20.90
C ARG A 162 -8.91 1.52 -22.08
N PHE A 163 -8.46 2.56 -22.78
CA PHE A 163 -7.56 2.44 -23.92
C PHE A 163 -6.40 1.53 -23.51
N ARG A 164 -5.82 1.85 -22.35
CA ARG A 164 -4.69 1.08 -21.83
C ARG A 164 -5.00 -0.38 -21.49
N ARG A 165 -6.16 -0.64 -20.89
CA ARG A 165 -6.54 -1.99 -20.52
C ARG A 165 -6.72 -2.88 -21.74
N TYR A 166 -7.31 -2.33 -22.80
CA TYR A 166 -7.54 -3.09 -24.03
C TYR A 166 -6.19 -3.41 -24.70
N VAL A 167 -5.30 -2.42 -24.74
CA VAL A 167 -3.99 -2.61 -25.34
C VAL A 167 -3.18 -3.60 -24.49
N ALA A 168 -3.26 -3.46 -23.17
CA ALA A 168 -2.54 -4.34 -22.27
C ALA A 168 -2.94 -5.80 -22.51
N ASP A 169 -4.24 -6.03 -22.67
CA ASP A 169 -4.74 -7.38 -22.92
C ASP A 169 -4.25 -7.91 -24.26
N ALA A 170 -4.24 -7.05 -25.27
CA ALA A 170 -3.78 -7.45 -26.59
C ALA A 170 -2.29 -7.81 -26.56
N LEU A 171 -1.52 -7.07 -25.77
CA LEU A 171 -0.07 -7.30 -25.68
C LEU A 171 0.38 -8.22 -24.55
N SER A 172 -0.54 -8.59 -23.68
CA SER A 172 -0.24 -9.45 -22.55
C SER A 172 0.80 -8.82 -21.63
N VAL A 173 0.58 -7.54 -21.29
CA VAL A 173 1.47 -6.85 -20.39
C VAL A 173 0.61 -6.10 -19.38
N SER A 174 1.23 -5.65 -18.29
CA SER A 174 0.48 -4.90 -17.30
C SER A 174 0.16 -3.53 -17.89
N PRO A 175 -1.05 -3.02 -17.63
CA PRO A 175 -1.41 -1.72 -18.17
C PRO A 175 -0.53 -0.61 -17.58
N ARG A 176 0.17 -0.92 -16.49
CA ARG A 176 1.08 0.04 -15.88
C ARG A 176 2.10 0.43 -16.93
N ASP A 177 2.46 -0.55 -17.76
CA ASP A 177 3.45 -0.33 -18.79
C ASP A 177 2.91 -0.03 -20.18
N VAL A 178 1.64 0.36 -20.23
CA VAL A 178 1.04 0.76 -21.49
C VAL A 178 0.71 2.24 -21.37
N GLN A 179 1.34 3.06 -22.21
CA GLN A 179 1.04 4.48 -22.18
C GLN A 179 0.15 4.74 -23.39
N ALA A 180 -1.14 4.84 -23.12
CA ALA A 180 -2.12 5.11 -24.17
C ALA A 180 -2.88 6.33 -23.69
N THR A 181 -3.06 7.29 -24.58
CA THR A 181 -3.76 8.51 -24.20
C THR A 181 -4.91 8.90 -25.11
N VAL A 182 -5.97 9.37 -24.49
CA VAL A 182 -7.14 9.86 -25.19
C VAL A 182 -7.20 11.35 -24.87
N ILE A 183 -7.30 12.19 -25.89
CA ILE A 183 -7.39 13.63 -25.66
C ILE A 183 -8.70 14.12 -26.28
N GLY A 184 -8.98 15.41 -26.10
CA GLY A 184 -10.20 15.97 -26.65
C GLY A 184 -11.33 16.01 -25.63
N THR A 185 -12.56 16.14 -26.12
CA THR A 185 -13.73 16.21 -25.24
C THR A 185 -14.25 14.82 -24.93
N HIS A 186 -14.59 14.61 -23.66
CA HIS A 186 -15.10 13.34 -23.20
C HIS A 186 -16.46 13.09 -23.83
N GLY A 187 -16.46 12.40 -24.96
CA GLY A 187 -17.69 12.11 -25.68
C GLY A 187 -17.38 11.31 -26.92
N ASP A 188 -18.34 11.21 -27.83
CA ASP A 188 -18.14 10.43 -29.05
C ASP A 188 -17.02 10.98 -29.94
N CYS A 189 -16.60 12.20 -29.68
CA CYS A 189 -15.53 12.81 -30.46
C CYS A 189 -14.16 12.78 -29.77
N MET A 190 -14.06 12.05 -28.66
CA MET A 190 -12.79 11.93 -27.96
C MET A 190 -11.77 11.36 -28.93
N VAL A 191 -10.48 11.63 -28.70
CA VAL A 191 -9.46 11.17 -29.62
C VAL A 191 -8.42 10.21 -29.04
N PRO A 192 -8.60 8.90 -29.25
CA PRO A 192 -7.64 7.92 -28.74
C PRO A 192 -6.41 8.03 -29.66
N LEU A 193 -5.28 8.45 -29.11
CA LEU A 193 -4.06 8.61 -29.91
C LEU A 193 -3.32 7.30 -30.17
N VAL A 194 -3.83 6.53 -31.12
CA VAL A 194 -3.22 5.24 -31.49
C VAL A 194 -1.75 5.37 -31.88
N ARG A 195 -1.42 6.42 -32.62
CA ARG A 195 -0.05 6.63 -33.08
C ARG A 195 0.92 6.83 -31.93
N TYR A 196 0.41 7.34 -30.82
CA TYR A 196 1.22 7.63 -29.64
C TYR A 196 1.37 6.48 -28.65
N ILE A 197 0.66 5.38 -28.88
CA ILE A 197 0.75 4.25 -27.97
C ILE A 197 2.17 3.74 -27.78
N THR A 198 2.55 3.55 -26.52
CA THR A 198 3.88 3.02 -26.23
C THR A 198 3.79 1.96 -25.13
N VAL A 199 4.74 1.03 -25.18
CA VAL A 199 4.87 -0.04 -24.20
C VAL A 199 6.17 0.36 -23.51
N ASN A 200 6.06 0.91 -22.31
CA ASN A 200 7.20 1.42 -21.56
C ASN A 200 8.08 2.29 -22.45
N GLY A 201 7.44 3.16 -23.24
CA GLY A 201 8.18 4.05 -24.11
C GLY A 201 8.48 3.54 -25.50
N TYR A 202 8.29 2.24 -25.72
CA TYR A 202 8.56 1.63 -27.03
C TYR A 202 7.31 1.82 -27.89
N PRO A 203 7.47 2.39 -29.10
CA PRO A 203 6.37 2.64 -30.04
C PRO A 203 5.57 1.42 -30.47
N ILE A 204 4.24 1.58 -30.47
CA ILE A 204 3.35 0.49 -30.86
C ILE A 204 3.58 0.02 -32.30
N GLN A 205 4.07 0.92 -33.15
CA GLN A 205 4.32 0.58 -34.55
C GLN A 205 5.18 -0.66 -34.74
N LYS A 206 6.20 -0.81 -33.90
CA LYS A 206 7.08 -1.96 -33.97
C LYS A 206 6.30 -3.25 -33.72
N PHE A 207 5.31 -3.19 -32.83
CA PHE A 207 4.51 -4.36 -32.50
C PHE A 207 3.61 -4.77 -33.65
N ILE A 208 3.21 -3.79 -34.47
CA ILE A 208 2.37 -4.08 -35.63
C ILE A 208 3.27 -4.78 -36.66
N LYS A 209 4.39 -4.14 -36.96
CA LYS A 209 5.33 -4.68 -37.93
C LYS A 209 5.76 -6.09 -37.56
N ASP A 210 6.05 -6.32 -36.28
CA ASP A 210 6.46 -7.63 -35.82
C ASP A 210 5.30 -8.63 -35.71
N GLY A 211 4.11 -8.20 -36.12
CA GLY A 211 2.95 -9.08 -36.09
C GLY A 211 2.34 -9.44 -34.74
N VAL A 212 2.59 -8.64 -33.71
CA VAL A 212 2.00 -8.94 -32.39
C VAL A 212 0.54 -8.51 -32.38
N VAL A 213 0.25 -7.41 -33.06
CA VAL A 213 -1.09 -6.88 -33.17
C VAL A 213 -1.26 -6.42 -34.62
N THR A 214 -2.51 -6.19 -35.03
CA THR A 214 -2.77 -5.73 -36.40
C THR A 214 -3.32 -4.32 -36.37
N GLU A 215 -3.33 -3.69 -37.55
CA GLU A 215 -3.84 -2.33 -37.67
C GLU A 215 -5.34 -2.29 -37.33
N LYS A 216 -6.07 -3.32 -37.74
CA LYS A 216 -7.50 -3.37 -37.47
C LYS A 216 -7.77 -3.54 -35.98
N GLN A 217 -6.97 -4.39 -35.34
CA GLN A 217 -7.09 -4.65 -33.92
C GLN A 217 -6.96 -3.36 -33.10
N LEU A 218 -6.00 -2.53 -33.46
CA LEU A 218 -5.81 -1.27 -32.74
C LEU A 218 -6.97 -0.32 -33.01
N GLU A 219 -7.48 -0.34 -34.25
CA GLU A 219 -8.62 0.50 -34.61
C GLU A 219 -9.84 0.11 -33.78
N GLU A 220 -10.04 -1.19 -33.63
CA GLU A 220 -11.17 -1.68 -32.85
C GLU A 220 -10.99 -1.32 -31.38
N ILE A 221 -9.74 -1.24 -30.95
CA ILE A 221 -9.44 -0.88 -29.56
C ILE A 221 -9.78 0.59 -29.34
N ALA A 222 -9.45 1.42 -30.33
CA ALA A 222 -9.74 2.85 -30.25
C ALA A 222 -11.25 3.05 -30.26
N GLU A 223 -11.93 2.34 -31.16
CA GLU A 223 -13.38 2.46 -31.24
C GLU A 223 -14.00 2.00 -29.93
N HIS A 224 -13.56 0.85 -29.43
CA HIS A 224 -14.07 0.32 -28.17
C HIS A 224 -13.85 1.36 -27.07
N THR A 225 -12.70 2.01 -27.10
CA THR A 225 -12.41 3.03 -26.10
C THR A 225 -13.46 4.14 -26.17
N LYS A 226 -13.75 4.59 -27.38
CA LYS A 226 -14.72 5.66 -27.57
C LYS A 226 -16.12 5.31 -27.07
N VAL A 227 -16.54 4.07 -27.31
CA VAL A 227 -17.89 3.66 -26.90
C VAL A 227 -17.98 2.88 -25.58
N SER A 228 -16.88 2.79 -24.84
CA SER A 228 -16.89 2.06 -23.57
C SER A 228 -17.95 2.56 -22.61
N GLY A 229 -18.10 3.88 -22.52
CA GLY A 229 -19.10 4.45 -21.63
C GLY A 229 -20.50 3.95 -21.93
N GLY A 230 -20.90 4.05 -23.19
CA GLY A 230 -22.23 3.59 -23.58
C GLY A 230 -22.36 2.09 -23.36
N GLU A 231 -21.27 1.38 -23.54
CA GLU A 231 -21.26 -0.08 -23.37
C GLU A 231 -21.62 -0.46 -21.93
N ILE A 232 -21.00 0.21 -20.97
CA ILE A 232 -21.27 -0.05 -19.57
C ILE A 232 -22.70 0.37 -19.22
N VAL A 233 -23.13 1.51 -19.75
CA VAL A 233 -24.49 2.00 -19.51
C VAL A 233 -25.52 0.94 -19.92
N ARG A 234 -25.36 0.38 -21.11
CA ARG A 234 -26.28 -0.63 -21.62
C ARG A 234 -26.23 -1.95 -20.84
N PHE A 235 -25.06 -2.29 -20.32
CA PHE A 235 -24.90 -3.51 -19.54
C PHE A 235 -25.51 -3.38 -18.15
N LEU A 236 -25.24 -2.25 -17.50
CA LEU A 236 -25.74 -2.00 -16.15
C LEU A 236 -27.25 -1.84 -16.06
N GLY A 237 -27.86 -1.26 -17.09
CA GLY A 237 -29.30 -1.06 -17.07
C GLY A 237 -29.69 0.22 -16.37
N GLN A 238 -29.08 0.46 -15.21
CA GLN A 238 -29.31 1.67 -14.45
C GLN A 238 -27.97 2.34 -14.18
N GLY A 239 -27.94 3.67 -14.30
CA GLY A 239 -26.72 4.42 -14.04
C GLY A 239 -25.60 4.15 -15.04
N SER A 240 -24.40 4.56 -14.66
CA SER A 240 -23.24 4.40 -15.51
C SER A 240 -22.01 4.00 -14.68
N ALA A 241 -20.86 3.92 -15.34
CA ALA A 241 -19.62 3.51 -14.69
C ALA A 241 -19.25 4.36 -13.48
N TYR A 242 -18.65 3.75 -12.48
CA TYR A 242 -18.26 4.49 -11.30
C TYR A 242 -16.97 4.03 -10.63
N TYR A 243 -16.59 2.77 -10.82
CA TYR A 243 -15.37 2.26 -10.20
C TYR A 243 -14.10 2.89 -10.77
N ALA A 244 -13.95 2.86 -12.09
CA ALA A 244 -12.75 3.45 -12.71
C ALA A 244 -12.84 4.97 -12.63
N PRO A 245 -14.05 5.55 -12.86
CA PRO A 245 -14.18 7.00 -12.77
C PRO A 245 -13.69 7.49 -11.41
N ALA A 246 -14.14 6.82 -10.35
CA ALA A 246 -13.76 7.18 -8.98
C ALA A 246 -12.25 7.06 -8.74
N ALA A 247 -11.67 5.96 -9.19
CA ALA A 247 -10.24 5.73 -9.02
C ALA A 247 -9.43 6.77 -9.78
N SER A 248 -9.95 7.21 -10.94
CA SER A 248 -9.29 8.21 -11.75
C SER A 248 -9.27 9.56 -11.06
N ALA A 249 -10.45 9.98 -10.58
CA ALA A 249 -10.57 11.27 -9.90
C ALA A 249 -9.67 11.33 -8.67
N VAL A 250 -9.61 10.23 -7.92
CA VAL A 250 -8.80 10.19 -6.72
C VAL A 250 -7.31 10.17 -7.04
N ALA A 251 -6.94 9.54 -8.15
CA ALA A 251 -5.54 9.50 -8.56
C ALA A 251 -5.13 10.94 -8.84
N MET A 252 -6.02 11.70 -9.47
CA MET A 252 -5.74 13.09 -9.78
C MET A 252 -5.64 13.91 -8.48
N ALA A 253 -6.58 13.71 -7.57
CA ALA A 253 -6.55 14.44 -6.30
C ALA A 253 -5.29 14.11 -5.51
N THR A 254 -4.85 12.85 -5.57
CA THR A 254 -3.67 12.43 -4.83
C THR A 254 -2.40 13.08 -5.36
N SER A 255 -2.32 13.22 -6.68
CA SER A 255 -1.16 13.84 -7.30
C SER A 255 -1.08 15.30 -6.85
N PHE A 256 -2.24 15.89 -6.60
CA PHE A 256 -2.29 17.27 -6.13
C PHE A 256 -1.92 17.38 -4.65
N LEU A 257 -2.62 16.60 -3.82
CA LEU A 257 -2.39 16.62 -2.38
C LEU A 257 -0.96 16.26 -1.97
N ASN A 258 -0.36 15.31 -2.68
CA ASN A 258 1.01 14.89 -2.37
C ASN A 258 2.06 15.45 -3.31
N ASP A 259 1.68 16.45 -4.10
CA ASP A 259 2.59 17.10 -5.06
C ASP A 259 3.45 16.06 -5.78
N GLU A 260 2.79 15.08 -6.37
CA GLU A 260 3.48 14.01 -7.08
C GLU A 260 3.97 14.43 -8.46
N LYS A 261 3.22 15.32 -9.10
CA LYS A 261 3.57 15.80 -10.44
C LYS A 261 3.39 14.69 -11.47
N ARG A 262 2.32 13.91 -11.30
CA ARG A 262 2.01 12.84 -12.23
C ARG A 262 1.57 13.49 -13.54
N VAL A 263 1.80 12.81 -14.66
CA VAL A 263 1.39 13.30 -15.95
C VAL A 263 0.08 12.59 -16.25
N ILE A 264 -1.02 13.31 -16.13
CA ILE A 264 -2.34 12.72 -16.33
C ILE A 264 -3.20 13.53 -17.30
N PRO A 265 -3.73 12.89 -18.35
CA PRO A 265 -4.55 13.69 -19.24
C PRO A 265 -5.88 13.98 -18.54
N CYS A 266 -6.26 15.25 -18.53
CA CYS A 266 -7.50 15.68 -17.89
C CYS A 266 -7.96 16.96 -18.55
N SER A 267 -9.18 17.40 -18.24
CA SER A 267 -9.71 18.61 -18.85
C SER A 267 -9.08 19.81 -18.17
N VAL A 268 -8.19 20.48 -18.88
CA VAL A 268 -7.48 21.63 -18.35
C VAL A 268 -7.70 22.88 -19.18
N TYR A 269 -7.40 24.03 -18.56
CA TYR A 269 -7.55 25.31 -19.20
C TYR A 269 -6.51 25.51 -20.28
N CYS A 270 -6.95 26.02 -21.43
CA CYS A 270 -6.07 26.28 -22.55
C CYS A 270 -5.84 27.77 -22.70
N ASN A 271 -4.57 28.16 -22.75
CA ASN A 271 -4.19 29.56 -22.89
C ASN A 271 -3.27 29.71 -24.09
N GLY A 272 -3.65 29.07 -25.20
CA GLY A 272 -2.84 29.16 -26.41
C GLY A 272 -2.43 27.80 -26.97
N GLU A 273 -2.36 26.79 -26.10
CA GLU A 273 -1.96 25.46 -26.55
C GLU A 273 -2.93 24.92 -27.58
N TYR A 274 -2.38 24.22 -28.57
CA TYR A 274 -3.20 23.63 -29.63
C TYR A 274 -4.04 24.70 -30.32
N GLY A 275 -3.73 25.97 -30.02
CA GLY A 275 -4.44 27.09 -30.61
C GLY A 275 -5.77 27.42 -29.95
N LEU A 276 -5.98 26.92 -28.73
CA LEU A 276 -7.22 27.16 -28.01
C LEU A 276 -7.10 28.20 -26.89
N LYS A 277 -8.14 29.01 -26.73
CA LYS A 277 -8.16 30.04 -25.70
C LYS A 277 -9.44 30.00 -24.89
N ASP A 278 -9.33 30.41 -23.63
CA ASP A 278 -10.47 30.48 -22.70
C ASP A 278 -11.47 29.33 -22.81
N MET A 279 -10.98 28.11 -22.61
CA MET A 279 -11.82 26.92 -22.65
C MET A 279 -11.07 25.73 -22.08
N PHE A 280 -11.81 24.72 -21.62
CA PHE A 280 -11.20 23.52 -21.06
C PHE A 280 -11.42 22.33 -21.98
N ILE A 281 -10.40 21.50 -22.13
CA ILE A 281 -10.53 20.32 -22.97
C ILE A 281 -9.51 19.30 -22.47
N GLY A 282 -9.77 18.02 -22.74
CA GLY A 282 -8.88 16.97 -22.29
C GLY A 282 -7.52 17.00 -22.96
N LEU A 283 -6.48 17.21 -22.16
CA LEU A 283 -5.12 17.26 -22.67
C LEU A 283 -4.17 16.70 -21.63
N PRO A 284 -2.99 16.23 -22.06
CA PRO A 284 -2.05 15.70 -21.07
C PRO A 284 -1.57 16.87 -20.23
N ALA A 285 -1.48 16.67 -18.93
CA ALA A 285 -1.04 17.73 -18.04
C ALA A 285 -0.32 17.18 -16.82
N VAL A 286 0.39 18.05 -16.12
CA VAL A 286 1.14 17.68 -14.93
C VAL A 286 0.38 18.19 -13.72
N ILE A 287 -0.04 17.28 -12.85
CA ILE A 287 -0.79 17.66 -11.66
C ILE A 287 0.14 17.60 -10.46
N GLY A 288 0.33 18.75 -9.81
CA GLY A 288 1.20 18.81 -8.65
C GLY A 288 0.62 19.64 -7.52
N GLY A 289 1.47 19.96 -6.54
CA GLY A 289 1.01 20.74 -5.40
C GLY A 289 0.54 22.13 -5.75
N ALA A 290 0.79 22.55 -6.99
CA ALA A 290 0.36 23.87 -7.43
C ALA A 290 -0.78 23.70 -8.44
N GLY A 291 -1.44 22.55 -8.39
CA GLY A 291 -2.54 22.28 -9.30
C GLY A 291 -2.02 21.85 -10.65
N ILE A 292 -2.58 22.38 -11.74
CA ILE A 292 -2.12 22.04 -13.07
C ILE A 292 -0.86 22.87 -13.29
N GLU A 293 0.29 22.19 -13.26
CA GLU A 293 1.57 22.88 -13.38
C GLU A 293 2.09 22.97 -14.81
N ARG A 294 1.49 22.19 -15.71
CA ARG A 294 1.91 22.20 -17.11
C ARG A 294 0.88 21.52 -18.00
N VAL A 295 0.65 22.11 -19.16
CA VAL A 295 -0.28 21.54 -20.13
C VAL A 295 0.63 21.11 -21.27
N ILE A 296 0.69 19.81 -21.54
CA ILE A 296 1.54 19.27 -22.58
C ILE A 296 0.94 19.41 -23.96
N GLU A 297 1.71 19.97 -24.89
CA GLU A 297 1.24 20.14 -26.25
C GLU A 297 1.92 19.12 -27.14
N LEU A 298 1.14 18.16 -27.61
CA LEU A 298 1.65 17.10 -28.47
C LEU A 298 1.62 17.55 -29.93
N GLU A 299 2.57 17.04 -30.72
CA GLU A 299 2.60 17.36 -32.15
C GLU A 299 1.62 16.42 -32.82
N LEU A 300 0.48 16.95 -33.24
CA LEU A 300 -0.54 16.14 -33.88
C LEU A 300 -0.38 16.18 -35.40
N ASN A 301 -0.58 15.04 -36.05
CA ASN A 301 -0.49 15.00 -37.50
C ASN A 301 -1.83 15.42 -38.08
N GLU A 302 -1.93 15.42 -39.40
CA GLU A 302 -3.16 15.83 -40.08
C GLU A 302 -4.43 15.17 -39.57
N GLU A 303 -4.48 13.85 -39.59
CA GLU A 303 -5.69 13.16 -39.13
C GLU A 303 -6.00 13.45 -37.68
N GLU A 304 -4.98 13.43 -36.82
CA GLU A 304 -5.20 13.70 -35.40
C GLU A 304 -5.78 15.09 -35.19
N LYS A 305 -5.25 16.08 -35.92
CA LYS A 305 -5.75 17.44 -35.80
C LYS A 305 -7.21 17.50 -36.24
N LYS A 306 -7.54 16.75 -37.30
CA LYS A 306 -8.90 16.74 -37.81
C LYS A 306 -9.83 16.15 -36.75
N GLN A 307 -9.40 15.06 -36.13
CA GLN A 307 -10.21 14.44 -35.08
C GLN A 307 -10.33 15.40 -33.90
N PHE A 308 -9.19 15.96 -33.50
CA PHE A 308 -9.16 16.88 -32.37
C PHE A 308 -10.03 18.11 -32.61
N GLN A 309 -9.99 18.64 -33.82
CA GLN A 309 -10.79 19.81 -34.15
C GLN A 309 -12.27 19.49 -33.97
N LYS A 310 -12.64 18.23 -34.22
CA LYS A 310 -14.03 17.83 -34.05
C LYS A 310 -14.42 17.82 -32.58
N SER A 311 -13.51 17.36 -31.72
CA SER A 311 -13.81 17.36 -30.30
C SER A 311 -13.86 18.83 -29.84
N VAL A 312 -12.99 19.66 -30.42
CA VAL A 312 -12.98 21.08 -30.07
C VAL A 312 -14.31 21.74 -30.46
N ASP A 313 -14.80 21.46 -31.66
CA ASP A 313 -16.06 22.03 -32.11
C ASP A 313 -17.20 21.60 -31.20
N ASP A 314 -17.14 20.35 -30.74
CA ASP A 314 -18.18 19.81 -29.86
C ASP A 314 -18.30 20.63 -28.57
N VAL A 315 -17.20 20.74 -27.84
CA VAL A 315 -17.22 21.48 -26.57
C VAL A 315 -17.42 22.98 -26.77
N MET A 316 -16.91 23.53 -27.86
CA MET A 316 -17.09 24.96 -28.10
C MET A 316 -18.56 25.27 -28.33
N ALA A 317 -19.24 24.39 -29.06
CA ALA A 317 -20.66 24.57 -29.34
C ALA A 317 -21.45 24.50 -28.04
N LEU A 318 -21.12 23.52 -27.20
CA LEU A 318 -21.82 23.40 -25.93
C LEU A 318 -21.51 24.59 -25.04
N ASN A 319 -20.26 25.06 -25.07
CA ASN A 319 -19.89 26.19 -24.23
C ASN A 319 -20.67 27.44 -24.61
N LYS A 320 -20.88 27.66 -25.90
CA LYS A 320 -21.64 28.82 -26.33
C LYS A 320 -23.09 28.67 -25.93
N ALA A 321 -23.62 27.46 -26.10
CA ALA A 321 -25.02 27.19 -25.76
C ALA A 321 -25.31 27.38 -24.27
N VAL A 322 -24.49 26.77 -23.41
CA VAL A 322 -24.70 26.88 -21.97
C VAL A 322 -24.65 28.35 -21.51
N ALA A 323 -23.72 29.12 -22.10
CA ALA A 323 -23.60 30.52 -21.74
C ALA A 323 -24.84 31.32 -22.16
N ALA A 324 -25.41 30.97 -23.31
CA ALA A 324 -26.59 31.67 -23.80
C ALA A 324 -27.81 31.40 -22.93
N LEU A 325 -27.91 30.18 -22.41
CA LEU A 325 -29.05 29.78 -21.59
C LEU A 325 -28.84 29.93 -20.09
N GLN A 326 -27.62 30.30 -19.67
CA GLN A 326 -27.33 30.45 -18.25
C GLN A 326 -28.25 31.42 -17.53
N ALA A 327 -28.76 31.00 -16.38
CA ALA A 327 -29.64 31.84 -15.57
C ALA A 327 -28.74 32.80 -14.78
N PRO A 328 -28.99 34.11 -14.89
CA PRO A 328 -28.19 35.12 -14.19
C PRO A 328 -28.08 34.92 -12.67
N GLY A 329 -28.95 34.07 -12.14
CA GLY A 329 -28.95 33.81 -10.71
C GLY A 329 -30.16 33.02 -10.26
N PRO B 1 2.89 27.96 -11.03
CA PRO B 1 1.91 28.62 -10.14
C PRO B 1 2.41 28.47 -8.70
N ALA B 2 1.68 29.06 -7.75
CA ALA B 2 2.05 29.00 -6.34
C ALA B 2 1.76 27.63 -5.74
N LEU B 3 2.70 27.10 -4.97
CA LEU B 3 2.55 25.79 -4.34
C LEU B 3 1.51 25.85 -3.23
N VAL B 4 0.46 25.05 -3.38
CA VAL B 4 -0.61 25.00 -2.39
C VAL B 4 -0.40 23.83 -1.43
N GLN B 5 -0.10 22.66 -2.00
CA GLN B 5 0.12 21.45 -1.20
C GLN B 5 1.59 21.07 -1.18
N ARG B 6 2.29 21.43 -0.10
CA ARG B 6 3.71 21.13 0.04
C ARG B 6 3.88 19.77 0.68
N ARG B 7 4.76 18.95 0.12
CA ARG B 7 5.02 17.62 0.67
C ARG B 7 5.58 17.77 2.07
N LYS B 8 5.36 16.75 2.90
CA LYS B 8 5.91 16.80 4.24
C LYS B 8 7.41 16.65 4.07
N LYS B 9 8.17 17.12 5.05
CA LYS B 9 9.62 17.01 5.01
C LYS B 9 10.09 16.40 6.30
N VAL B 10 10.89 15.35 6.19
CA VAL B 10 11.43 14.66 7.35
C VAL B 10 12.95 14.73 7.25
N ALA B 11 13.57 15.29 8.29
CA ALA B 11 15.02 15.41 8.35
C ALA B 11 15.63 14.30 9.18
N MET B 12 16.54 13.55 8.56
CA MET B 12 17.23 12.47 9.24
C MET B 12 18.55 13.05 9.73
N ILE B 13 18.62 13.37 11.02
CA ILE B 13 19.85 13.92 11.58
C ILE B 13 20.61 12.68 12.03
N GLY B 14 21.57 12.30 11.19
CA GLY B 14 22.34 11.10 11.37
C GLY B 14 21.93 10.29 10.16
N SER B 15 22.88 9.96 9.29
CA SER B 15 22.56 9.23 8.08
C SER B 15 23.19 7.85 8.04
N GLY B 16 23.32 7.24 9.21
CA GLY B 16 23.89 5.91 9.30
C GLY B 16 22.86 4.87 8.91
N MET B 17 22.97 3.67 9.48
CA MET B 17 22.05 2.59 9.16
C MET B 17 20.58 2.95 9.31
N ILE B 18 20.20 3.43 10.49
CA ILE B 18 18.80 3.78 10.74
C ILE B 18 18.36 5.00 9.95
N GLY B 19 19.21 6.01 9.88
CA GLY B 19 18.88 7.20 9.13
C GLY B 19 18.58 6.86 7.68
N GLY B 20 19.48 6.10 7.05
CA GLY B 20 19.27 5.72 5.68
C GLY B 20 18.04 4.85 5.48
N THR B 21 17.85 3.93 6.42
CA THR B 21 16.72 3.01 6.36
C THR B 21 15.39 3.75 6.46
N MET B 22 15.33 4.77 7.31
CA MET B 22 14.11 5.55 7.46
C MET B 22 13.89 6.33 6.17
N GLY B 23 14.97 6.80 5.58
CA GLY B 23 14.85 7.53 4.33
C GLY B 23 14.28 6.59 3.27
N TYR B 24 14.67 5.33 3.33
CA TYR B 24 14.20 4.33 2.38
C TYR B 24 12.69 4.19 2.50
N LEU B 25 12.20 4.06 3.73
CA LEU B 25 10.77 3.93 3.97
C LEU B 25 9.99 5.13 3.42
N CYS B 26 10.52 6.33 3.60
CA CYS B 26 9.85 7.52 3.09
C CYS B 26 9.75 7.51 1.57
N ALA B 27 10.80 7.06 0.89
CA ALA B 27 10.81 7.01 -0.56
C ALA B 27 9.89 5.90 -1.08
N LEU B 28 9.93 4.75 -0.43
CA LEU B 28 9.09 3.62 -0.81
C LEU B 28 7.60 3.89 -0.67
N ARG B 29 7.23 4.65 0.35
CA ARG B 29 5.82 4.96 0.60
C ARG B 29 5.41 6.36 0.15
N GLU B 30 6.35 7.10 -0.42
CA GLU B 30 6.10 8.46 -0.87
C GLU B 30 5.51 9.24 0.31
N LEU B 31 6.07 8.98 1.49
CA LEU B 31 5.63 9.62 2.73
C LEU B 31 6.03 11.08 2.84
N ALA B 32 7.25 11.42 2.43
CA ALA B 32 7.69 12.81 2.53
C ALA B 32 9.02 12.99 1.85
N ASP B 33 9.39 14.25 1.62
CA ASP B 33 10.70 14.54 1.06
C ASP B 33 11.64 14.20 2.20
N VAL B 34 12.85 13.76 1.86
CA VAL B 34 13.84 13.38 2.85
C VAL B 34 15.13 14.18 2.75
N VAL B 35 15.69 14.50 3.91
CA VAL B 35 16.96 15.19 3.96
C VAL B 35 17.86 14.34 4.84
N LEU B 36 19.04 14.01 4.32
CA LEU B 36 20.00 13.22 5.07
C LEU B 36 21.14 14.10 5.54
N TYR B 37 21.34 14.16 6.84
CA TYR B 37 22.40 14.97 7.43
C TYR B 37 23.33 14.09 8.27
N ASP B 38 24.62 14.39 8.24
CA ASP B 38 25.60 13.62 9.01
C ASP B 38 26.90 14.41 9.03
N VAL B 39 27.73 14.19 10.06
CA VAL B 39 29.00 14.89 10.13
C VAL B 39 29.94 14.27 9.10
N VAL B 40 29.63 13.04 8.71
CA VAL B 40 30.42 12.34 7.71
C VAL B 40 29.96 12.85 6.35
N LYS B 41 30.86 13.50 5.63
CA LYS B 41 30.56 14.05 4.31
C LYS B 41 30.75 12.96 3.25
N GLY B 42 29.98 13.06 2.18
CA GLY B 42 30.09 12.08 1.12
C GLY B 42 29.09 10.96 1.21
N MET B 43 29.14 10.21 2.30
CA MET B 43 28.23 9.09 2.51
C MET B 43 26.75 9.48 2.40
N PRO B 44 26.35 10.63 2.99
CA PRO B 44 24.94 11.00 2.88
C PRO B 44 24.55 11.29 1.42
N GLU B 45 25.48 11.81 0.63
CA GLU B 45 25.19 12.11 -0.78
C GLU B 45 24.99 10.81 -1.53
N GLY B 46 25.78 9.80 -1.15
CA GLY B 46 25.69 8.51 -1.80
C GLY B 46 24.35 7.86 -1.52
N LYS B 47 23.91 7.92 -0.27
CA LYS B 47 22.63 7.34 0.11
C LYS B 47 21.48 8.14 -0.51
N ALA B 48 21.61 9.47 -0.53
CA ALA B 48 20.57 10.32 -1.10
C ALA B 48 20.34 9.99 -2.58
N LEU B 49 21.41 9.74 -3.31
CA LEU B 49 21.32 9.37 -4.72
C LEU B 49 20.66 8.01 -4.84
N ASP B 50 21.16 7.04 -4.07
CA ASP B 50 20.63 5.68 -4.08
C ASP B 50 19.13 5.71 -3.83
N LEU B 51 18.72 6.46 -2.81
CA LEU B 51 17.32 6.59 -2.45
C LEU B 51 16.49 7.34 -3.50
N SER B 52 17.08 8.33 -4.16
CA SER B 52 16.36 9.07 -5.19
C SER B 52 16.06 8.10 -6.32
N HIS B 53 17.00 7.20 -6.58
CA HIS B 53 16.85 6.20 -7.64
C HIS B 53 15.68 5.26 -7.32
N VAL B 54 15.47 4.99 -6.03
CA VAL B 54 14.38 4.13 -5.58
C VAL B 54 13.02 4.65 -6.04
N THR B 55 12.79 5.95 -5.90
CA THR B 55 11.52 6.55 -6.27
C THR B 55 11.11 6.18 -7.69
N SER B 56 12.08 6.13 -8.61
CA SER B 56 11.74 5.76 -9.98
C SER B 56 11.32 4.29 -10.00
N VAL B 57 12.14 3.43 -9.42
CA VAL B 57 11.87 1.99 -9.39
C VAL B 57 10.49 1.67 -8.82
N VAL B 58 10.11 2.30 -7.71
CA VAL B 58 8.80 2.03 -7.10
C VAL B 58 7.71 3.03 -7.50
N ASP B 59 7.98 3.82 -8.53
CA ASP B 59 7.01 4.78 -9.05
C ASP B 59 6.46 5.77 -8.02
N THR B 60 7.34 6.40 -7.26
CA THR B 60 6.89 7.38 -6.27
C THR B 60 7.66 8.66 -6.56
N ASN B 61 7.24 9.77 -5.95
CA ASN B 61 7.96 11.01 -6.18
C ASN B 61 8.15 11.86 -4.94
N VAL B 62 9.33 11.74 -4.35
CA VAL B 62 9.73 12.54 -3.20
C VAL B 62 11.18 12.90 -3.48
N SER B 63 11.62 14.02 -2.93
CA SER B 63 12.99 14.47 -3.11
C SER B 63 13.84 13.94 -1.95
N VAL B 64 14.96 13.30 -2.28
CA VAL B 64 15.86 12.79 -1.26
C VAL B 64 17.19 13.51 -1.47
N ARG B 65 17.57 14.33 -0.50
CA ARG B 65 18.80 15.10 -0.62
C ARG B 65 19.65 15.06 0.63
N ALA B 66 20.96 15.18 0.44
CA ALA B 66 21.87 15.22 1.56
C ALA B 66 22.11 16.71 1.80
N GLU B 67 22.11 17.13 3.05
CA GLU B 67 22.37 18.53 3.38
C GLU B 67 23.56 18.56 4.33
N TYR B 68 24.48 19.47 4.06
CA TYR B 68 25.70 19.57 4.84
C TYR B 68 25.67 20.44 6.08
N SER B 69 24.74 21.37 6.14
CA SER B 69 24.63 22.25 7.29
C SER B 69 23.37 21.97 8.09
N TYR B 70 23.40 22.33 9.38
CA TYR B 70 22.24 22.15 10.23
C TYR B 70 21.11 22.98 9.67
N GLU B 71 21.43 24.21 9.25
CA GLU B 71 20.42 25.10 8.70
C GLU B 71 19.69 24.49 7.52
N ALA B 72 20.43 24.03 6.52
CA ALA B 72 19.83 23.43 5.34
C ALA B 72 19.04 22.15 5.66
N ALA B 73 19.57 21.35 6.59
CA ALA B 73 18.89 20.11 6.95
C ALA B 73 17.63 20.30 7.78
N LEU B 74 17.70 21.15 8.80
CA LEU B 74 16.58 21.37 9.70
C LEU B 74 15.49 22.33 9.27
N THR B 75 15.84 23.37 8.51
CA THR B 75 14.84 24.34 8.06
C THR B 75 13.68 23.69 7.29
N GLY B 76 12.46 23.94 7.72
CA GLY B 76 11.29 23.40 7.06
C GLY B 76 10.93 21.96 7.40
N ALA B 77 11.65 21.37 8.33
CA ALA B 77 11.39 19.98 8.71
C ALA B 77 10.13 19.82 9.55
N ASP B 78 9.17 19.04 9.04
CA ASP B 78 7.91 18.78 9.75
C ASP B 78 8.21 17.86 10.92
N CYS B 79 9.20 16.99 10.74
CA CYS B 79 9.61 16.03 11.74
C CYS B 79 11.12 15.81 11.61
N VAL B 80 11.79 15.69 12.75
CA VAL B 80 13.24 15.46 12.78
C VAL B 80 13.51 14.19 13.57
N ILE B 81 14.07 13.20 12.89
CA ILE B 81 14.37 11.93 13.54
C ILE B 81 15.88 11.89 13.77
N VAL B 82 16.28 11.86 15.03
CA VAL B 82 17.69 11.89 15.38
C VAL B 82 18.31 10.56 15.77
N THR B 83 19.25 10.10 14.95
CA THR B 83 19.95 8.84 15.16
C THR B 83 21.45 9.09 15.28
N ALA B 84 21.86 10.35 15.18
CA ALA B 84 23.27 10.69 15.28
C ALA B 84 23.86 10.20 16.59
N GLY B 85 24.99 9.53 16.53
CA GLY B 85 25.64 9.03 17.73
C GLY B 85 26.31 7.68 17.53
N LEU B 86 26.96 7.18 18.58
CA LEU B 86 27.64 5.88 18.52
C LEU B 86 26.71 4.74 18.89
N THR B 87 26.98 3.58 18.31
CA THR B 87 26.17 2.39 18.57
C THR B 87 26.90 1.47 19.55
N LYS B 88 28.23 1.50 19.50
CA LYS B 88 29.04 0.66 20.37
C LYS B 88 30.32 1.38 20.78
N VAL B 89 30.81 1.09 21.98
CA VAL B 89 32.03 1.71 22.48
C VAL B 89 33.22 0.95 21.94
N PRO B 90 34.20 1.68 21.36
CA PRO B 90 35.39 1.01 20.82
C PRO B 90 36.11 0.16 21.86
N GLY B 91 36.58 -1.01 21.44
CA GLY B 91 37.31 -1.90 22.34
C GLY B 91 36.54 -2.69 23.38
N LYS B 92 35.22 -2.54 23.44
CA LYS B 92 34.45 -3.29 24.43
C LYS B 92 33.82 -4.53 23.79
N PRO B 93 33.93 -5.69 24.45
CA PRO B 93 33.37 -6.96 23.97
C PRO B 93 31.88 -6.85 23.63
N ASP B 94 31.45 -7.57 22.60
CA ASP B 94 30.05 -7.56 22.21
C ASP B 94 29.18 -8.13 23.33
N SER B 95 29.76 -9.01 24.14
CA SER B 95 29.04 -9.63 25.25
C SER B 95 28.76 -8.62 26.36
N GLU B 96 29.47 -7.50 26.34
CA GLU B 96 29.31 -6.47 27.34
C GLU B 96 28.60 -5.22 26.80
N TRP B 97 27.96 -5.38 25.65
CA TRP B 97 27.26 -4.26 25.03
C TRP B 97 26.20 -3.69 25.97
N SER B 98 26.25 -2.37 26.16
CA SER B 98 25.29 -1.69 27.00
C SER B 98 25.00 -0.30 26.44
N ARG B 99 23.73 0.03 26.34
CA ARG B 99 23.32 1.32 25.82
C ARG B 99 23.79 2.44 26.74
N ASN B 100 23.90 2.15 28.03
CA ASN B 100 24.32 3.17 29.00
C ASN B 100 25.76 3.62 28.79
N ASP B 101 26.60 2.75 28.26
CA ASP B 101 28.00 3.09 28.03
C ASP B 101 28.15 4.17 26.95
N LEU B 102 27.11 4.34 26.15
CA LEU B 102 27.15 5.33 25.08
C LEU B 102 26.90 6.75 25.58
N LEU B 103 26.46 6.87 26.84
CA LEU B 103 26.15 8.17 27.41
C LEU B 103 27.21 9.25 27.22
N PRO B 104 28.46 9.02 27.67
CA PRO B 104 29.50 10.04 27.50
C PRO B 104 29.82 10.39 26.04
N PHE B 105 29.46 9.51 25.12
CA PHE B 105 29.73 9.75 23.71
C PHE B 105 28.62 10.48 22.98
N ASN B 106 27.38 10.21 23.36
CA ASN B 106 26.24 10.82 22.67
C ASN B 106 25.56 12.02 23.31
N SER B 107 25.85 12.31 24.57
CA SER B 107 25.21 13.45 25.23
C SER B 107 25.47 14.77 24.52
N LYS B 108 26.74 15.05 24.24
CA LYS B 108 27.16 16.28 23.57
C LYS B 108 26.51 16.45 22.19
N ILE B 109 26.53 15.37 21.42
CA ILE B 109 25.96 15.35 20.08
C ILE B 109 24.48 15.70 20.11
N ILE B 110 23.73 15.00 20.95
CA ILE B 110 22.29 15.23 21.07
C ILE B 110 21.98 16.66 21.53
N ARG B 111 22.75 17.14 22.50
CA ARG B 111 22.54 18.49 23.00
C ARG B 111 22.73 19.50 21.87
N GLU B 112 23.80 19.34 21.09
CA GLU B 112 24.08 20.22 19.97
C GLU B 112 22.94 20.18 18.94
N ILE B 113 22.50 18.97 18.59
CA ILE B 113 21.42 18.83 17.63
C ILE B 113 20.20 19.60 18.16
N GLY B 114 19.91 19.43 19.44
CA GLY B 114 18.77 20.11 20.05
C GLY B 114 18.91 21.62 19.95
N GLN B 115 20.13 22.13 20.15
CA GLN B 115 20.35 23.57 20.07
C GLN B 115 20.10 24.10 18.67
N ASN B 116 20.40 23.29 17.66
CA ASN B 116 20.19 23.69 16.28
C ASN B 116 18.72 23.59 15.89
N ILE B 117 18.01 22.64 16.50
CA ILE B 117 16.60 22.48 16.23
C ILE B 117 15.90 23.74 16.74
N LYS B 118 16.28 24.16 17.94
CA LYS B 118 15.70 25.37 18.52
C LYS B 118 15.90 26.52 17.55
N LYS B 119 17.09 26.58 16.98
CA LYS B 119 17.45 27.65 16.05
C LYS B 119 16.77 27.62 14.68
N TYR B 120 16.65 26.43 14.09
CA TYR B 120 16.08 26.32 12.74
C TYR B 120 14.67 25.76 12.55
N CYS B 121 14.21 24.88 13.44
CA CYS B 121 12.86 24.33 13.31
C CYS B 121 12.23 24.03 14.67
N PRO B 122 12.06 25.06 15.50
CA PRO B 122 11.48 24.94 16.85
C PRO B 122 10.05 24.42 16.88
N LYS B 123 9.37 24.41 15.74
CA LYS B 123 7.99 23.94 15.68
C LYS B 123 7.89 22.51 15.16
N THR B 124 9.03 21.85 15.01
CA THR B 124 9.04 20.50 14.48
C THR B 124 8.67 19.47 15.53
N PHE B 125 8.47 18.24 15.08
CA PHE B 125 8.16 17.13 15.98
C PHE B 125 9.46 16.36 16.03
N ILE B 126 10.02 16.17 17.22
CA ILE B 126 11.28 15.47 17.35
C ILE B 126 11.13 14.02 17.80
N ILE B 127 11.71 13.12 17.04
CA ILE B 127 11.71 11.71 17.39
C ILE B 127 13.17 11.32 17.63
N VAL B 128 13.52 11.11 18.88
CA VAL B 128 14.89 10.73 19.23
C VAL B 128 15.03 9.23 19.15
N VAL B 129 16.17 8.76 18.64
CA VAL B 129 16.45 7.33 18.53
C VAL B 129 17.76 7.03 19.24
N THR B 130 18.70 7.97 19.16
CA THR B 130 20.02 7.83 19.78
C THR B 130 19.97 7.37 21.24
N ASN B 131 20.84 6.43 21.58
CA ASN B 131 20.95 5.89 22.94
C ASN B 131 21.99 6.65 23.77
N PRO B 132 21.86 6.62 25.12
CA PRO B 132 20.79 5.93 25.86
C PRO B 132 19.49 6.70 25.65
N LEU B 133 18.57 6.06 24.93
CA LEU B 133 17.28 6.64 24.54
C LEU B 133 16.54 7.59 25.46
N ASP B 134 16.02 7.07 26.57
CA ASP B 134 15.25 7.89 27.48
C ASP B 134 16.01 9.08 28.04
N CYS B 135 17.32 8.90 28.24
CA CYS B 135 18.15 9.97 28.75
C CYS B 135 18.33 11.02 27.65
N MET B 136 18.60 10.55 26.43
CA MET B 136 18.80 11.45 25.31
C MET B 136 17.56 12.25 24.95
N VAL B 137 16.39 11.69 25.19
CA VAL B 137 15.16 12.41 24.89
C VAL B 137 15.11 13.63 25.80
N LYS B 138 15.46 13.44 27.07
CA LYS B 138 15.44 14.54 28.02
C LYS B 138 16.47 15.61 27.64
N VAL B 139 17.66 15.17 27.25
CA VAL B 139 18.70 16.12 26.84
C VAL B 139 18.19 16.91 25.64
N MET B 140 17.61 16.20 24.68
CA MET B 140 17.08 16.82 23.46
C MET B 140 15.99 17.84 23.80
N CYS B 141 15.11 17.48 24.73
CA CYS B 141 14.04 18.36 25.15
C CYS B 141 14.58 19.65 25.77
N GLU B 142 15.56 19.51 26.64
CA GLU B 142 16.18 20.66 27.29
C GLU B 142 16.86 21.57 26.29
N ALA B 143 17.68 20.98 25.43
CA ALA B 143 18.43 21.72 24.43
C ALA B 143 17.58 22.36 23.33
N SER B 144 16.57 21.64 22.84
CA SER B 144 15.71 22.14 21.77
C SER B 144 14.65 23.12 22.25
N GLY B 145 14.19 22.93 23.49
CA GLY B 145 13.19 23.81 24.08
C GLY B 145 11.79 23.65 23.52
N VAL B 146 11.57 22.61 22.73
CA VAL B 146 10.25 22.39 22.14
C VAL B 146 9.23 21.97 23.19
N PRO B 147 7.94 22.21 22.94
CA PRO B 147 6.89 21.83 23.91
C PRO B 147 7.07 20.32 24.18
N THR B 148 6.75 19.88 25.39
CA THR B 148 6.92 18.49 25.75
C THR B 148 6.09 17.49 24.95
N ASN B 149 5.03 17.97 24.30
CA ASN B 149 4.20 17.08 23.50
C ASN B 149 4.78 16.93 22.08
N MET B 150 5.77 17.76 21.76
CA MET B 150 6.37 17.73 20.42
C MET B 150 7.70 16.98 20.37
N ILE B 151 7.95 16.17 21.38
CA ILE B 151 9.17 15.38 21.41
C ILE B 151 8.92 14.06 22.10
N CYS B 152 9.51 13.00 21.55
CA CYS B 152 9.40 11.67 22.12
C CYS B 152 10.59 10.85 21.66
N GLY B 153 10.73 9.67 22.24
CA GLY B 153 11.82 8.81 21.85
C GLY B 153 11.30 7.48 21.37
N MET B 154 11.85 6.99 20.26
CA MET B 154 11.43 5.70 19.74
C MET B 154 12.24 4.63 20.46
N ALA B 155 11.54 3.61 20.97
CA ALA B 155 12.18 2.50 21.65
C ALA B 155 11.17 1.42 21.98
N CYS B 156 10.20 1.76 22.81
CA CYS B 156 9.21 0.77 23.21
C CYS B 156 8.39 0.15 22.07
N MET B 157 8.22 0.85 20.95
CA MET B 157 7.47 0.24 19.86
C MET B 157 8.34 -0.90 19.30
N LEU B 158 9.65 -0.69 19.32
CA LEU B 158 10.60 -1.70 18.85
C LEU B 158 10.59 -2.87 19.82
N ASP B 159 10.71 -2.55 21.11
CA ASP B 159 10.70 -3.57 22.14
C ASP B 159 9.38 -4.34 22.10
N SER B 160 8.28 -3.63 21.94
CA SER B 160 6.97 -4.26 21.88
C SER B 160 6.84 -5.10 20.62
N GLY B 161 7.46 -4.62 19.53
CA GLY B 161 7.41 -5.34 18.26
C GLY B 161 8.06 -6.70 18.40
N ARG B 162 9.16 -6.73 19.16
CA ARG B 162 9.87 -7.97 19.40
C ARG B 162 8.98 -8.87 20.25
N PHE B 163 8.47 -8.30 21.33
CA PHE B 163 7.59 -8.99 22.26
C PHE B 163 6.44 -9.64 21.45
N ARG B 164 5.82 -8.85 20.59
CA ARG B 164 4.70 -9.34 19.77
C ARG B 164 5.09 -10.41 18.76
N ARG B 165 6.24 -10.27 18.14
CA ARG B 165 6.68 -11.27 17.16
C ARG B 165 6.87 -12.64 17.80
N TYR B 166 7.46 -12.65 18.99
CA TYR B 166 7.69 -13.89 19.72
C TYR B 166 6.37 -14.52 20.18
N VAL B 167 5.46 -13.69 20.66
CA VAL B 167 4.17 -14.19 21.11
C VAL B 167 3.39 -14.70 19.90
N ALA B 168 3.41 -13.94 18.81
CA ALA B 168 2.71 -14.31 17.59
C ALA B 168 3.17 -15.68 17.09
N ASP B 169 4.47 -15.94 17.18
CA ASP B 169 5.03 -17.22 16.75
C ASP B 169 4.59 -18.34 17.67
N ALA B 170 4.50 -18.04 18.97
CA ALA B 170 4.09 -19.04 19.94
C ALA B 170 2.62 -19.41 19.80
N LEU B 171 1.80 -18.45 19.36
CA LEU B 171 0.36 -18.67 19.21
C LEU B 171 -0.10 -18.96 17.78
N SER B 172 0.82 -18.84 16.83
CA SER B 172 0.50 -19.08 15.42
C SER B 172 -0.53 -18.10 14.87
N VAL B 173 -0.38 -16.82 15.20
CA VAL B 173 -1.28 -15.79 14.70
C VAL B 173 -0.42 -14.64 14.16
N SER B 174 -1.03 -13.75 13.39
CA SER B 174 -0.32 -12.60 12.86
C SER B 174 0.03 -11.66 14.01
N PRO B 175 1.23 -11.08 14.00
CA PRO B 175 1.58 -10.15 15.09
C PRO B 175 0.71 -8.91 15.09
N ARG B 176 -0.01 -8.69 13.99
CA ARG B 176 -0.92 -7.56 13.90
C ARG B 176 -1.94 -7.72 15.02
N ASP B 177 -2.32 -8.96 15.30
CA ASP B 177 -3.32 -9.24 16.33
C ASP B 177 -2.79 -9.57 17.71
N VAL B 178 -1.50 -9.34 17.92
CA VAL B 178 -0.94 -9.56 19.23
C VAL B 178 -0.62 -8.20 19.80
N GLN B 179 -1.27 -7.87 20.92
CA GLN B 179 -1.02 -6.60 21.58
C GLN B 179 -0.15 -6.91 22.79
N ALA B 180 1.15 -6.66 22.63
CA ALA B 180 2.09 -6.90 23.71
C ALA B 180 2.83 -5.59 23.87
N THR B 181 2.98 -5.14 25.11
CA THR B 181 3.64 -3.87 25.38
C THR B 181 4.80 -3.93 26.36
N VAL B 182 5.85 -3.18 26.04
CA VAL B 182 7.03 -3.05 26.89
C VAL B 182 7.08 -1.59 27.29
N ILE B 183 7.23 -1.33 28.58
CA ILE B 183 7.30 0.04 29.06
C ILE B 183 8.58 0.21 29.86
N GLY B 184 8.85 1.45 30.25
CA GLY B 184 10.04 1.74 31.02
C GLY B 184 11.18 2.30 30.19
N THR B 185 12.38 2.18 30.74
CA THR B 185 13.60 2.66 30.12
C THR B 185 14.11 1.61 29.11
N HIS B 186 14.44 2.05 27.90
CA HIS B 186 14.96 1.14 26.87
C HIS B 186 16.36 0.73 27.27
N GLY B 187 16.43 -0.47 27.87
CA GLY B 187 17.68 -1.03 28.36
C GLY B 187 17.42 -2.34 29.08
N ASP B 188 18.39 -2.79 29.88
CA ASP B 188 18.25 -4.06 30.58
C ASP B 188 17.09 -4.10 31.57
N CYS B 189 16.57 -2.94 31.94
CA CYS B 189 15.46 -2.87 32.88
C CYS B 189 14.10 -2.58 32.25
N MET B 190 14.02 -2.69 30.93
CA MET B 190 12.74 -2.45 30.27
C MET B 190 11.74 -3.46 30.86
N VAL B 191 10.46 -3.13 30.81
CA VAL B 191 9.45 -4.00 31.38
C VAL B 191 8.39 -4.55 30.43
N PRO B 192 8.58 -5.79 29.96
CA PRO B 192 7.59 -6.39 29.05
C PRO B 192 6.40 -6.75 29.94
N LEU B 193 5.22 -6.24 29.63
CA LEU B 193 4.04 -6.51 30.44
C LEU B 193 3.32 -7.80 30.05
N VAL B 194 3.81 -8.92 30.56
CA VAL B 194 3.23 -10.23 30.26
C VAL B 194 1.76 -10.31 30.63
N ARG B 195 1.41 -9.77 31.79
CA ARG B 195 0.03 -9.80 32.26
C ARG B 195 -0.92 -9.07 31.31
N TYR B 196 -0.40 -8.09 30.58
CA TYR B 196 -1.20 -7.29 29.66
C TYR B 196 -1.27 -7.79 28.22
N ILE B 197 -0.73 -8.97 27.94
CA ILE B 197 -0.75 -9.49 26.58
C ILE B 197 -2.16 -9.87 26.15
N THR B 198 -2.54 -9.45 24.95
CA THR B 198 -3.84 -9.81 24.43
C THR B 198 -3.69 -10.21 22.97
N VAL B 199 -4.59 -11.10 22.54
CA VAL B 199 -4.66 -11.55 21.16
C VAL B 199 -5.99 -10.96 20.73
N ASN B 200 -5.92 -9.90 19.94
CA ASN B 200 -7.09 -9.16 19.49
C ASN B 200 -8.00 -8.83 20.67
N GLY B 201 -7.40 -8.37 21.77
CA GLY B 201 -8.17 -8.01 22.94
C GLY B 201 -8.50 -9.12 23.92
N TYR B 202 -8.28 -10.37 23.52
CA TYR B 202 -8.55 -11.52 24.38
C TYR B 202 -7.32 -11.73 25.26
N PRO B 203 -7.53 -11.82 26.58
CA PRO B 203 -6.42 -12.00 27.51
C PRO B 203 -5.57 -13.24 27.23
N ILE B 204 -4.26 -13.06 27.36
CA ILE B 204 -3.31 -14.14 27.13
C ILE B 204 -3.61 -15.30 28.09
N GLN B 205 -4.17 -14.98 29.25
CA GLN B 205 -4.50 -15.99 30.25
C GLN B 205 -5.41 -17.08 29.68
N LYS B 206 -6.25 -16.71 28.72
CA LYS B 206 -7.16 -17.66 28.10
C LYS B 206 -6.40 -18.70 27.28
N PHE B 207 -5.30 -18.27 26.67
CA PHE B 207 -4.49 -19.17 25.86
C PHE B 207 -3.63 -20.07 26.75
N ILE B 208 -3.40 -19.62 27.98
CA ILE B 208 -2.64 -20.43 28.91
C ILE B 208 -3.60 -21.53 29.39
N LYS B 209 -4.81 -21.13 29.74
CA LYS B 209 -5.83 -22.07 30.20
C LYS B 209 -6.12 -23.11 29.12
N ASP B 210 -6.18 -22.67 27.87
CA ASP B 210 -6.45 -23.55 26.74
C ASP B 210 -5.29 -24.50 26.46
N GLY B 211 -4.14 -24.23 27.08
CA GLY B 211 -2.98 -25.08 26.91
C GLY B 211 -2.17 -24.79 25.65
N VAL B 212 -2.31 -23.59 25.08
CA VAL B 212 -1.59 -23.22 23.87
C VAL B 212 -0.20 -22.68 24.19
N VAL B 213 -0.08 -21.99 25.31
CA VAL B 213 1.18 -21.42 25.74
C VAL B 213 1.23 -21.53 27.27
N THR B 214 2.43 -21.53 27.84
CA THR B 214 2.56 -21.60 29.29
C THR B 214 3.10 -20.30 29.86
N GLU B 215 2.88 -20.11 31.15
CA GLU B 215 3.35 -18.91 31.84
C GLU B 215 4.87 -18.89 31.69
N LYS B 216 5.49 -20.05 31.89
CA LYS B 216 6.95 -20.18 31.78
C LYS B 216 7.40 -19.67 30.42
N GLN B 217 6.73 -20.13 29.38
CA GLN B 217 7.02 -19.71 28.00
C GLN B 217 6.98 -18.20 27.85
N LEU B 218 5.91 -17.60 28.37
CA LEU B 218 5.71 -16.17 28.26
C LEU B 218 6.81 -15.36 28.96
N GLU B 219 7.28 -15.86 30.10
CA GLU B 219 8.35 -15.16 30.82
C GLU B 219 9.67 -15.28 30.07
N GLU B 220 9.86 -16.40 29.39
CA GLU B 220 11.08 -16.61 28.62
C GLU B 220 11.05 -15.68 27.41
N ILE B 221 9.84 -15.42 26.92
CA ILE B 221 9.64 -14.52 25.80
C ILE B 221 9.93 -13.09 26.26
N ALA B 222 9.52 -12.78 27.49
CA ALA B 222 9.77 -11.45 28.07
C ALA B 222 11.26 -11.25 28.23
N GLU B 223 11.96 -12.27 28.71
CA GLU B 223 13.40 -12.19 28.90
C GLU B 223 14.08 -12.00 27.54
N HIS B 224 13.66 -12.78 26.54
CA HIS B 224 14.22 -12.68 25.20
C HIS B 224 14.04 -11.25 24.66
N THR B 225 12.87 -10.69 24.89
CA THR B 225 12.56 -9.33 24.45
C THR B 225 13.55 -8.35 25.08
N LYS B 226 13.77 -8.47 26.39
CA LYS B 226 14.69 -7.58 27.09
C LYS B 226 16.10 -7.60 26.51
N VAL B 227 16.58 -8.78 26.11
CA VAL B 227 17.93 -8.91 25.58
C VAL B 227 18.02 -9.05 24.06
N SER B 228 16.93 -8.72 23.36
CA SER B 228 16.93 -8.82 21.91
C SER B 228 17.93 -7.88 21.25
N GLY B 229 18.15 -6.72 21.85
CA GLY B 229 19.10 -5.78 21.30
C GLY B 229 20.52 -6.34 21.28
N GLY B 230 20.97 -6.82 22.44
CA GLY B 230 22.31 -7.38 22.52
C GLY B 230 22.43 -8.62 21.65
N GLU B 231 21.35 -9.38 21.54
CA GLU B 231 21.36 -10.58 20.72
C GLU B 231 21.73 -10.23 19.28
N ILE B 232 21.12 -9.17 18.76
CA ILE B 232 21.37 -8.74 17.39
C ILE B 232 22.79 -8.19 17.27
N VAL B 233 23.20 -7.38 18.24
CA VAL B 233 24.54 -6.81 18.24
C VAL B 233 25.57 -7.93 18.11
N ARG B 234 25.44 -8.94 18.95
CA ARG B 234 26.37 -10.07 18.92
C ARG B 234 26.32 -10.85 17.61
N PHE B 235 25.14 -10.99 17.03
CA PHE B 235 25.00 -11.70 15.76
C PHE B 235 25.61 -10.91 14.61
N LEU B 236 25.37 -9.61 14.60
CA LEU B 236 25.87 -8.76 13.53
C LEU B 236 27.38 -8.53 13.53
N GLY B 237 27.98 -8.46 14.71
CA GLY B 237 29.42 -8.23 14.78
C GLY B 237 29.75 -6.76 14.69
N GLN B 238 29.08 -6.06 13.79
CA GLN B 238 29.28 -4.62 13.62
C GLN B 238 27.93 -3.90 13.70
N GLY B 239 27.92 -2.77 14.40
CA GLY B 239 26.71 -1.97 14.54
C GLY B 239 25.61 -2.69 15.31
N SER B 240 24.38 -2.20 15.14
CA SER B 240 23.24 -2.79 15.84
C SER B 240 22.00 -2.80 14.95
N ALA B 241 20.87 -3.25 15.50
CA ALA B 241 19.62 -3.33 14.74
C ALA B 241 19.21 -2.02 14.08
N TYR B 242 18.63 -2.11 12.89
CA TYR B 242 18.18 -0.91 12.19
C TYR B 242 16.87 -1.03 11.41
N TYR B 243 16.54 -2.23 10.93
CA TYR B 243 15.31 -2.40 10.15
C TYR B 243 14.04 -2.16 10.97
N ALA B 244 13.96 -2.77 12.15
CA ALA B 244 12.79 -2.60 13.00
C ALA B 244 12.84 -1.21 13.65
N PRO B 245 14.04 -0.75 14.08
CA PRO B 245 14.12 0.57 14.68
C PRO B 245 13.63 1.64 13.70
N ALA B 246 14.09 1.56 12.45
CA ALA B 246 13.69 2.50 11.41
C ALA B 246 12.19 2.44 11.15
N ALA B 247 11.64 1.23 11.03
CA ALA B 247 10.22 1.06 10.77
C ALA B 247 9.38 1.62 11.91
N SER B 248 9.87 1.47 13.14
CA SER B 248 9.17 1.97 14.31
C SER B 248 9.15 3.49 14.34
N ALA B 249 10.32 4.10 14.11
CA ALA B 249 10.42 5.55 14.12
C ALA B 249 9.55 6.16 13.03
N VAL B 250 9.48 5.52 11.88
CA VAL B 250 8.68 6.03 10.77
C VAL B 250 7.17 5.82 11.02
N ALA B 251 6.82 4.76 11.73
CA ALA B 251 5.42 4.50 12.04
C ALA B 251 4.96 5.61 12.98
N MET B 252 5.85 6.00 13.90
CA MET B 252 5.54 7.06 14.84
C MET B 252 5.43 8.39 14.10
N ALA B 253 6.37 8.64 13.19
CA ALA B 253 6.36 9.87 12.41
C ALA B 253 5.11 9.96 11.57
N THR B 254 4.72 8.83 10.99
CA THR B 254 3.54 8.76 10.13
C THR B 254 2.26 9.05 10.92
N SER B 255 2.19 8.57 12.15
CA SER B 255 1.03 8.79 12.99
C SER B 255 0.89 10.27 13.31
N PHE B 256 2.02 10.97 13.35
CA PHE B 256 2.01 12.40 13.61
C PHE B 256 1.62 13.15 12.33
N LEU B 257 2.35 12.88 11.25
CA LEU B 257 2.10 13.54 9.96
C LEU B 257 0.69 13.35 9.43
N ASN B 258 0.12 12.17 9.62
CA ASN B 258 -1.23 11.88 9.15
C ASN B 258 -2.27 11.98 10.26
N ASP B 259 -1.87 12.46 11.43
CA ASP B 259 -2.78 12.58 12.57
C ASP B 259 -3.61 11.31 12.71
N GLU B 260 -2.93 10.16 12.76
CA GLU B 260 -3.62 8.87 12.86
C GLU B 260 -4.12 8.57 14.27
N LYS B 261 -3.45 9.15 15.26
CA LYS B 261 -3.78 8.92 16.66
C LYS B 261 -3.60 7.45 17.01
N ARG B 262 -2.50 6.87 16.52
CA ARG B 262 -2.18 5.50 16.82
C ARG B 262 -1.74 5.44 18.28
N VAL B 263 -1.92 4.28 18.90
CA VAL B 263 -1.53 4.05 20.29
C VAL B 263 -0.20 3.32 20.19
N ILE B 264 0.88 4.03 20.47
CA ILE B 264 2.22 3.46 20.38
C ILE B 264 3.05 3.79 21.60
N PRO B 265 3.58 2.77 22.29
CA PRO B 265 4.39 3.08 23.46
C PRO B 265 5.69 3.73 23.01
N CYS B 266 6.06 4.82 23.65
CA CYS B 266 7.28 5.53 23.31
C CYS B 266 7.74 6.36 24.50
N SER B 267 8.96 6.86 24.45
CA SER B 267 9.50 7.66 25.55
C SER B 267 8.83 9.02 25.51
N VAL B 268 7.99 9.30 26.50
CA VAL B 268 7.26 10.55 26.55
C VAL B 268 7.47 11.30 27.86
N TYR B 269 7.20 12.60 27.83
CA TYR B 269 7.36 13.44 29.01
C TYR B 269 6.34 13.10 30.07
N CYS B 270 6.82 12.89 31.30
CA CYS B 270 5.94 12.57 32.41
C CYS B 270 5.66 13.80 33.26
N ASN B 271 4.39 14.04 33.53
CA ASN B 271 3.99 15.17 34.34
C ASN B 271 3.03 14.67 35.40
N GLY B 272 3.44 13.61 36.10
CA GLY B 272 2.59 13.05 37.14
C GLY B 272 2.27 11.59 36.94
N GLU B 273 2.26 11.13 35.69
CA GLU B 273 1.94 9.73 35.41
C GLU B 273 2.86 8.77 36.12
N TYR B 274 2.29 7.68 36.61
CA TYR B 274 3.06 6.65 37.29
C TYR B 274 3.89 7.24 38.42
N GLY B 275 3.60 8.49 38.77
CA GLY B 275 4.32 9.18 39.84
C GLY B 275 5.60 9.87 39.43
N LEU B 276 5.83 10.01 38.11
CA LEU B 276 7.05 10.64 37.60
C LEU B 276 6.88 12.10 37.20
N LYS B 277 7.96 12.87 37.33
CA LYS B 277 7.94 14.29 36.99
C LYS B 277 9.21 14.73 36.29
N ASP B 278 9.08 15.73 35.42
CA ASP B 278 10.20 16.31 34.69
C ASP B 278 11.18 15.30 34.10
N MET B 279 10.66 14.29 33.42
CA MET B 279 11.51 13.28 32.80
C MET B 279 10.77 12.49 31.73
N PHE B 280 11.53 11.77 30.91
CA PHE B 280 10.94 10.97 29.84
C PHE B 280 11.17 9.50 30.10
N ILE B 281 10.19 8.68 29.77
CA ILE B 281 10.32 7.24 29.93
C ILE B 281 9.31 6.55 29.01
N GLY B 282 9.60 5.32 28.61
CA GLY B 282 8.71 4.59 27.73
C GLY B 282 7.35 4.26 28.34
N LEU B 283 6.29 4.80 27.74
CA LEU B 283 4.93 4.56 28.22
C LEU B 283 3.99 4.52 27.04
N PRO B 284 2.82 3.88 27.20
CA PRO B 284 1.88 3.85 26.08
C PRO B 284 1.39 5.27 25.85
N ALA B 285 1.34 5.69 24.58
CA ALA B 285 0.89 7.04 24.27
C ALA B 285 0.16 7.12 22.94
N VAL B 286 -0.57 8.22 22.75
CA VAL B 286 -1.31 8.45 21.52
C VAL B 286 -0.57 9.50 20.71
N ILE B 287 -0.21 9.16 19.48
CA ILE B 287 0.49 10.08 18.60
C ILE B 287 -0.45 10.62 17.52
N GLY B 288 -0.69 11.92 17.55
CA GLY B 288 -1.56 12.53 16.56
C GLY B 288 -0.95 13.78 15.95
N GLY B 289 -1.77 14.54 15.23
CA GLY B 289 -1.31 15.75 14.59
C GLY B 289 -0.84 16.81 15.57
N ALA B 290 -1.12 16.60 16.86
CA ALA B 290 -0.68 17.53 17.88
C ALA B 290 0.43 16.90 18.70
N GLY B 291 1.12 15.93 18.10
CA GLY B 291 2.21 15.25 18.78
C GLY B 291 1.68 14.22 19.75
N ILE B 292 2.29 14.15 20.93
CA ILE B 292 1.85 13.20 21.95
C ILE B 292 0.56 13.78 22.53
N GLU B 293 -0.56 13.20 22.15
CA GLU B 293 -1.85 13.70 22.59
C GLU B 293 -2.37 13.09 23.89
N ARG B 294 -1.76 12.00 24.32
CA ARG B 294 -2.17 11.33 25.55
C ARG B 294 -1.11 10.35 26.04
N VAL B 295 -0.93 10.32 27.36
CA VAL B 295 0.01 9.39 27.97
C VAL B 295 -0.89 8.45 28.75
N ILE B 296 -0.88 7.18 28.38
CA ILE B 296 -1.71 6.19 29.03
C ILE B 296 -1.11 5.66 30.33
N GLU B 297 -1.88 5.73 31.41
CA GLU B 297 -1.39 5.23 32.68
C GLU B 297 -2.04 3.89 32.95
N LEU B 298 -1.24 2.84 32.93
CA LEU B 298 -1.73 1.51 33.19
C LEU B 298 -1.76 1.23 34.68
N GLU B 299 -2.69 0.37 35.08
CA GLU B 299 -2.85 -0.01 36.48
C GLU B 299 -1.89 -1.17 36.74
N LEU B 300 -0.71 -0.86 37.24
CA LEU B 300 0.30 -1.87 37.51
C LEU B 300 0.14 -2.54 38.88
N ASN B 301 0.43 -3.83 38.96
CA ASN B 301 0.32 -4.54 40.23
C ASN B 301 1.65 -4.45 40.97
N GLU B 302 1.75 -5.12 42.12
CA GLU B 302 2.96 -5.07 42.92
C GLU B 302 4.24 -5.36 42.17
N GLU B 303 4.35 -6.55 41.59
CA GLU B 303 5.56 -6.93 40.85
C GLU B 303 5.86 -6.01 39.68
N GLU B 304 4.83 -5.61 38.94
CA GLU B 304 5.04 -4.74 37.79
C GLU B 304 5.58 -3.38 38.23
N LYS B 305 5.06 -2.87 39.34
CA LYS B 305 5.53 -1.57 39.84
C LYS B 305 6.97 -1.70 40.31
N LYS B 306 7.35 -2.89 40.77
CA LYS B 306 8.70 -3.13 41.23
C LYS B 306 9.64 -3.08 40.03
N GLN B 307 9.25 -3.78 38.97
CA GLN B 307 10.05 -3.80 37.75
C GLN B 307 10.13 -2.40 37.18
N PHE B 308 8.99 -1.72 37.11
CA PHE B 308 8.95 -0.37 36.56
C PHE B 308 9.85 0.57 37.38
N GLN B 309 9.87 0.38 38.69
CA GLN B 309 10.68 1.23 39.55
C GLN B 309 12.16 1.09 39.21
N LYS B 310 12.59 -0.14 38.92
CA LYS B 310 13.99 -0.37 38.57
C LYS B 310 14.27 0.31 37.24
N SER B 311 13.28 0.28 36.35
CA SER B 311 13.43 0.91 35.05
C SER B 311 13.59 2.40 35.28
N VAL B 312 12.79 2.94 36.20
CA VAL B 312 12.85 4.37 36.54
C VAL B 312 14.21 4.73 37.14
N ASP B 313 14.71 3.90 38.05
CA ASP B 313 16.00 4.16 38.69
C ASP B 313 17.13 4.23 37.65
N ASP B 314 17.02 3.39 36.63
CA ASP B 314 18.01 3.37 35.56
C ASP B 314 18.12 4.74 34.89
N VAL B 315 17.00 5.22 34.35
CA VAL B 315 17.01 6.49 33.67
C VAL B 315 17.26 7.69 34.58
N MET B 316 16.76 7.66 35.80
CA MET B 316 16.98 8.78 36.71
C MET B 316 18.46 8.91 37.05
N ALA B 317 19.13 7.77 37.22
CA ALA B 317 20.55 7.79 37.53
C ALA B 317 21.32 8.40 36.36
N LEU B 318 20.94 8.02 35.14
CA LEU B 318 21.61 8.56 33.96
C LEU B 318 21.30 10.05 33.80
N ASN B 319 20.07 10.45 34.13
CA ASN B 319 19.73 11.87 34.04
C ASN B 319 20.52 12.71 35.04
N LYS B 320 20.73 12.20 36.25
CA LYS B 320 21.50 13.02 37.20
C LYS B 320 22.96 13.06 36.79
N ALA B 321 23.43 11.94 36.23
CA ALA B 321 24.81 11.86 35.78
C ALA B 321 25.07 12.89 34.68
N VAL B 322 24.22 12.90 33.65
CA VAL B 322 24.38 13.83 32.55
C VAL B 322 24.37 15.29 33.01
N ALA B 323 23.45 15.61 33.91
CA ALA B 323 23.34 16.97 34.43
C ALA B 323 24.61 17.37 35.17
N ALA B 324 25.12 16.46 35.99
CA ALA B 324 26.32 16.73 36.77
C ALA B 324 27.54 16.98 35.89
N LEU B 325 27.69 16.18 34.83
CA LEU B 325 28.84 16.29 33.93
C LEU B 325 28.69 17.23 32.75
N GLN B 326 27.51 17.83 32.59
CA GLN B 326 27.29 18.71 31.46
C GLN B 326 28.09 20.01 31.47
N ALA B 327 28.70 20.32 30.33
CA ALA B 327 29.49 21.54 30.20
C ALA B 327 28.51 22.71 30.30
N PRO B 328 28.93 23.83 30.91
CA PRO B 328 28.04 24.98 31.02
C PRO B 328 27.78 25.52 29.61
N GLY B 329 28.84 25.48 28.81
CA GLY B 329 28.78 25.96 27.44
C GLY B 329 30.19 26.11 26.89
N PRO C 1 5.63 -20.87 -23.02
CA PRO C 1 5.96 -20.43 -21.64
C PRO C 1 5.00 -21.02 -20.61
N ALA C 2 5.44 -22.06 -19.91
CA ALA C 2 4.59 -22.70 -18.90
C ALA C 2 4.42 -21.81 -17.69
N LEU C 3 3.18 -21.61 -17.28
CA LEU C 3 2.87 -20.77 -16.12
C LEU C 3 3.33 -21.47 -14.83
N VAL C 4 4.11 -20.78 -14.02
CA VAL C 4 4.59 -21.35 -12.77
C VAL C 4 3.85 -20.71 -11.60
N GLN C 5 3.68 -19.40 -11.65
CA GLN C 5 2.98 -18.66 -10.61
C GLN C 5 1.64 -18.15 -11.13
N ARG C 6 0.57 -18.89 -10.84
CA ARG C 6 -0.76 -18.50 -11.27
C ARG C 6 -1.37 -17.58 -10.22
N ARG C 7 -2.00 -16.50 -10.66
CA ARG C 7 -2.63 -15.56 -9.74
C ARG C 7 -3.74 -16.27 -8.99
N LYS C 8 -4.04 -15.80 -7.79
CA LYS C 8 -5.13 -16.41 -7.04
C LYS C 8 -6.41 -16.02 -7.78
N LYS C 9 -7.45 -16.85 -7.68
CA LYS C 9 -8.71 -16.53 -8.33
C LYS C 9 -9.83 -16.49 -7.30
N VAL C 10 -10.59 -15.41 -7.31
CA VAL C 10 -11.71 -15.25 -6.37
C VAL C 10 -13.01 -15.11 -7.16
N ALA C 11 -13.94 -16.01 -6.90
CA ALA C 11 -15.23 -15.98 -7.58
C ALA C 11 -16.26 -15.27 -6.72
N MET C 12 -16.88 -14.24 -7.29
CA MET C 12 -17.90 -13.48 -6.58
C MET C 12 -19.24 -14.02 -7.08
N ILE C 13 -19.85 -14.91 -6.31
CA ILE C 13 -21.14 -15.47 -6.68
C ILE C 13 -22.14 -14.50 -6.10
N GLY C 14 -22.59 -13.60 -6.96
CA GLY C 14 -23.48 -12.53 -6.56
C GLY C 14 -22.65 -11.33 -6.96
N SER C 15 -23.12 -10.58 -7.94
CA SER C 15 -22.40 -9.42 -8.42
C SER C 15 -23.13 -8.11 -8.16
N GLY C 16 -23.83 -8.06 -7.03
CA GLY C 16 -24.55 -6.85 -6.67
C GLY C 16 -23.59 -5.89 -6.02
N MET C 17 -24.11 -5.08 -5.10
CA MET C 17 -23.28 -4.08 -4.42
C MET C 17 -22.02 -4.68 -3.79
N ILE C 18 -22.19 -5.63 -2.89
CA ILE C 18 -21.04 -6.24 -2.22
C ILE C 18 -20.11 -6.99 -3.15
N GLY C 19 -20.69 -7.78 -4.06
CA GLY C 19 -19.87 -8.53 -5.00
C GLY C 19 -18.99 -7.61 -5.83
N GLY C 20 -19.60 -6.57 -6.40
CA GLY C 20 -18.84 -5.64 -7.20
C GLY C 20 -17.80 -4.90 -6.37
N THR C 21 -18.16 -4.55 -5.13
CA THR C 21 -17.24 -3.84 -4.25
C THR C 21 -16.03 -4.69 -3.89
N MET C 22 -16.25 -6.00 -3.75
CA MET C 22 -15.15 -6.89 -3.41
C MET C 22 -14.24 -7.04 -4.63
N GLY C 23 -14.85 -7.02 -5.81
CA GLY C 23 -14.07 -7.13 -7.03
C GLY C 23 -13.19 -5.89 -7.12
N TYR C 24 -13.74 -4.76 -6.69
CA TYR C 24 -13.01 -3.50 -6.71
C TYR C 24 -11.75 -3.61 -5.85
N LEU C 25 -11.92 -4.09 -4.63
CA LEU C 25 -10.80 -4.25 -3.71
C LEU C 25 -9.73 -5.15 -4.31
N CYS C 26 -10.15 -6.22 -4.98
CA CYS C 26 -9.19 -7.13 -5.61
C CYS C 26 -8.42 -6.43 -6.71
N ALA C 27 -9.10 -5.61 -7.49
CA ALA C 27 -8.46 -4.89 -8.58
C ALA C 27 -7.53 -3.81 -8.03
N LEU C 28 -8.02 -3.08 -7.03
CA LEU C 28 -7.23 -2.02 -6.42
C LEU C 28 -5.93 -2.52 -5.79
N ARG C 29 -5.99 -3.69 -5.15
CA ARG C 29 -4.81 -4.25 -4.48
C ARG C 29 -4.09 -5.34 -5.27
N GLU C 30 -4.59 -5.65 -6.47
CA GLU C 30 -4.01 -6.68 -7.30
C GLU C 30 -3.96 -7.98 -6.49
N LEU C 31 -5.03 -8.23 -5.74
CA LEU C 31 -5.12 -9.41 -4.89
C LEU C 31 -5.32 -10.72 -5.64
N ALA C 32 -6.15 -10.69 -6.68
CA ALA C 32 -6.42 -11.89 -7.45
C ALA C 32 -7.26 -11.57 -8.66
N ASP C 33 -7.36 -12.53 -9.57
CA ASP C 33 -8.19 -12.37 -10.74
C ASP C 33 -9.59 -12.46 -10.14
N VAL C 34 -10.55 -11.80 -10.78
CA VAL C 34 -11.91 -11.77 -10.29
C VAL C 34 -12.91 -12.27 -11.32
N VAL C 35 -13.89 -13.05 -10.84
CA VAL C 35 -14.95 -13.54 -11.69
C VAL C 35 -16.26 -13.06 -11.08
N LEU C 36 -17.05 -12.34 -11.86
CA LEU C 36 -18.33 -11.85 -11.38
C LEU C 36 -19.43 -12.73 -11.96
N TYR C 37 -20.21 -13.34 -11.06
CA TYR C 37 -21.30 -14.21 -11.47
C TYR C 37 -22.61 -13.69 -10.87
N ASP C 38 -23.68 -13.79 -11.64
CA ASP C 38 -24.98 -13.33 -11.16
C ASP C 38 -26.07 -13.89 -12.05
N VAL C 39 -27.29 -13.95 -11.53
CA VAL C 39 -28.42 -14.45 -12.31
C VAL C 39 -28.86 -13.36 -13.27
N VAL C 40 -28.62 -12.11 -12.89
CA VAL C 40 -28.97 -10.97 -13.73
C VAL C 40 -28.08 -10.89 -14.94
N LYS C 41 -28.70 -10.74 -16.11
CA LYS C 41 -28.01 -10.67 -17.38
C LYS C 41 -27.51 -9.27 -17.71
N GLY C 42 -26.26 -9.17 -18.15
CA GLY C 42 -25.69 -7.88 -18.52
C GLY C 42 -24.94 -7.13 -17.45
N MET C 43 -25.59 -6.87 -16.32
CA MET C 43 -24.96 -6.12 -15.23
C MET C 43 -23.54 -6.58 -14.86
N PRO C 44 -23.33 -7.90 -14.69
CA PRO C 44 -21.99 -8.38 -14.34
C PRO C 44 -20.93 -8.02 -15.38
N GLU C 45 -21.31 -8.01 -16.65
CA GLU C 45 -20.36 -7.67 -17.71
C GLU C 45 -19.99 -6.19 -17.62
N GLY C 46 -20.95 -5.37 -17.23
CA GLY C 46 -20.70 -3.94 -17.10
C GLY C 46 -19.72 -3.67 -15.98
N LYS C 47 -19.97 -4.26 -14.81
CA LYS C 47 -19.09 -4.08 -13.67
C LYS C 47 -17.71 -4.68 -13.93
N ALA C 48 -17.65 -5.79 -14.67
CA ALA C 48 -16.38 -6.42 -14.99
C ALA C 48 -15.54 -5.48 -15.86
N LEU C 49 -16.20 -4.81 -16.81
CA LEU C 49 -15.51 -3.86 -17.68
C LEU C 49 -14.99 -2.69 -16.85
N ASP C 50 -15.88 -2.12 -16.05
CA ASP C 50 -15.54 -0.98 -15.20
C ASP C 50 -14.32 -1.31 -14.33
N LEU C 51 -14.36 -2.48 -13.69
CA LEU C 51 -13.27 -2.93 -12.82
C LEU C 51 -11.97 -3.20 -13.57
N SER C 52 -12.06 -3.72 -14.79
CA SER C 52 -10.86 -3.99 -15.58
C SER C 52 -10.19 -2.65 -15.91
N HIS C 53 -11.02 -1.63 -16.10
CA HIS C 53 -10.52 -0.29 -16.42
C HIS C 53 -9.78 0.26 -15.21
N VAL C 54 -10.22 -0.13 -14.02
CA VAL C 54 -9.59 0.31 -12.77
C VAL C 54 -8.13 -0.12 -12.71
N THR C 55 -7.82 -1.34 -13.17
CA THR C 55 -6.46 -1.84 -13.13
C THR C 55 -5.49 -0.89 -13.84
N SER C 56 -5.91 -0.34 -14.97
CA SER C 56 -5.05 0.60 -15.69
C SER C 56 -4.84 1.86 -14.85
N VAL C 57 -5.95 2.41 -14.36
CA VAL C 57 -5.90 3.63 -13.56
C VAL C 57 -4.96 3.53 -12.37
N VAL C 58 -5.06 2.42 -11.63
CA VAL C 58 -4.21 2.25 -10.45
C VAL C 58 -2.95 1.42 -10.69
N ASP C 59 -2.64 1.16 -11.95
CA ASP C 59 -1.44 0.42 -12.33
C ASP C 59 -1.28 -0.99 -11.75
N THR C 60 -2.35 -1.78 -11.79
CA THR C 60 -2.28 -3.15 -11.30
C THR C 60 -2.67 -4.05 -12.46
N ASN C 61 -2.47 -5.35 -12.31
CA ASN C 61 -2.84 -6.26 -13.37
C ASN C 61 -3.50 -7.54 -12.87
N VAL C 62 -4.82 -7.54 -12.91
CA VAL C 62 -5.63 -8.69 -12.55
C VAL C 62 -6.69 -8.74 -13.63
N SER C 63 -7.24 -9.92 -13.85
CA SER C 63 -8.27 -10.09 -14.85
C SER C 63 -9.64 -10.11 -14.15
N VAL C 64 -10.54 -9.25 -14.61
CA VAL C 64 -11.88 -9.24 -14.05
C VAL C 64 -12.81 -9.62 -15.20
N ARG C 65 -13.54 -10.71 -15.02
CA ARG C 65 -14.43 -11.21 -16.05
C ARG C 65 -15.78 -11.62 -15.49
N ALA C 66 -16.81 -11.48 -16.30
CA ALA C 66 -18.15 -11.89 -15.91
C ALA C 66 -18.33 -13.29 -16.48
N GLU C 67 -19.03 -14.14 -15.75
CA GLU C 67 -19.30 -15.52 -16.19
C GLU C 67 -20.75 -15.83 -15.82
N TYR C 68 -21.52 -16.35 -16.77
CA TYR C 68 -22.92 -16.64 -16.45
C TYR C 68 -23.22 -18.10 -16.15
N SER C 69 -22.22 -18.96 -16.24
CA SER C 69 -22.41 -20.37 -15.92
C SER C 69 -21.71 -20.66 -14.60
N TYR C 70 -22.27 -21.57 -13.82
CA TYR C 70 -21.67 -21.94 -12.55
C TYR C 70 -20.29 -22.54 -12.80
N GLU C 71 -20.19 -23.36 -13.84
CA GLU C 71 -18.94 -24.02 -14.17
C GLU C 71 -17.80 -23.04 -14.47
N ALA C 72 -18.08 -22.06 -15.32
CA ALA C 72 -17.06 -21.08 -15.69
C ALA C 72 -16.67 -20.19 -14.51
N ALA C 73 -17.66 -19.83 -13.70
CA ALA C 73 -17.41 -18.98 -12.54
C ALA C 73 -16.65 -19.67 -11.42
N LEU C 74 -17.08 -20.88 -11.07
CA LEU C 74 -16.48 -21.65 -9.97
C LEU C 74 -15.18 -22.41 -10.21
N THR C 75 -15.01 -22.97 -11.40
CA THR C 75 -13.82 -23.75 -11.70
C THR C 75 -12.52 -22.96 -11.45
N GLY C 76 -11.64 -23.55 -10.65
CA GLY C 76 -10.36 -22.93 -10.36
C GLY C 76 -10.39 -21.81 -9.34
N ALA C 77 -11.53 -21.60 -8.69
CA ALA C 77 -11.65 -20.53 -7.70
C ALA C 77 -10.95 -20.91 -6.40
N ASP C 78 -9.97 -20.11 -5.99
CA ASP C 78 -9.25 -20.37 -4.75
C ASP C 78 -10.15 -20.05 -3.58
N CYS C 79 -11.02 -19.08 -3.79
CA CYS C 79 -11.95 -18.65 -2.76
C CYS C 79 -13.25 -18.22 -3.43
N VAL C 80 -14.37 -18.60 -2.82
CA VAL C 80 -15.67 -18.25 -3.34
C VAL C 80 -16.42 -17.43 -2.30
N ILE C 81 -16.77 -16.20 -2.66
CA ILE C 81 -17.49 -15.33 -1.74
C ILE C 81 -18.91 -15.21 -2.26
N VAL C 82 -19.86 -15.62 -1.42
CA VAL C 82 -21.26 -15.63 -1.80
C VAL C 82 -22.12 -14.55 -1.19
N THR C 83 -22.68 -13.71 -2.06
CA THR C 83 -23.54 -12.60 -1.66
C THR C 83 -24.88 -12.69 -2.39
N ALA C 84 -25.05 -13.72 -3.21
CA ALA C 84 -26.29 -13.90 -3.97
C ALA C 84 -27.48 -13.95 -3.02
N GLY C 85 -28.56 -13.27 -3.38
CA GLY C 85 -29.75 -13.25 -2.55
C GLY C 85 -30.36 -11.88 -2.40
N LEU C 86 -31.48 -11.79 -1.68
CA LEU C 86 -32.15 -10.51 -1.46
C LEU C 86 -31.60 -9.82 -0.23
N THR C 87 -31.74 -8.50 -0.20
CA THR C 87 -31.28 -7.70 0.93
C THR C 87 -32.44 -7.25 1.80
N LYS C 88 -33.62 -7.15 1.19
CA LYS C 88 -34.82 -6.71 1.91
C LYS C 88 -36.04 -7.47 1.38
N VAL C 89 -37.05 -7.64 2.25
CA VAL C 89 -38.27 -8.33 1.86
C VAL C 89 -39.15 -7.36 1.07
N PRO C 90 -39.65 -7.78 -0.11
CA PRO C 90 -40.50 -6.91 -0.92
C PRO C 90 -41.74 -6.43 -0.16
N GLY C 91 -41.95 -5.11 -0.16
CA GLY C 91 -43.09 -4.53 0.51
C GLY C 91 -42.95 -4.34 2.01
N LYS C 92 -41.86 -4.84 2.58
CA LYS C 92 -41.62 -4.73 4.02
C LYS C 92 -41.07 -3.33 4.34
N PRO C 93 -41.67 -2.64 5.33
CA PRO C 93 -41.21 -1.29 5.68
C PRO C 93 -39.75 -1.32 6.16
N ASP C 94 -39.00 -0.27 5.89
CA ASP C 94 -37.60 -0.19 6.30
C ASP C 94 -37.49 -0.35 7.81
N SER C 95 -38.49 0.15 8.52
CA SER C 95 -38.51 0.07 9.98
C SER C 95 -38.62 -1.35 10.49
N GLU C 96 -39.03 -2.26 9.62
CA GLU C 96 -39.19 -3.66 10.00
C GLU C 96 -38.17 -4.59 9.37
N TRP C 97 -37.06 -4.02 8.91
CA TRP C 97 -36.02 -4.81 8.28
C TRP C 97 -35.44 -5.83 9.25
N SER C 98 -35.48 -7.10 8.85
CA SER C 98 -34.96 -8.19 9.67
C SER C 98 -34.28 -9.20 8.76
N ARG C 99 -33.02 -9.51 9.07
CA ARG C 99 -32.25 -10.46 8.29
C ARG C 99 -32.93 -11.83 8.24
N ASN C 100 -33.60 -12.18 9.34
CA ASN C 100 -34.28 -13.46 9.45
C ASN C 100 -35.41 -13.65 8.42
N ASP C 101 -36.07 -12.56 8.05
CA ASP C 101 -37.15 -12.64 7.07
C ASP C 101 -36.65 -13.04 5.69
N LEU C 102 -35.36 -12.87 5.45
CA LEU C 102 -34.79 -13.22 4.15
C LEU C 102 -34.64 -14.73 3.96
N LEU C 103 -34.81 -15.48 5.04
CA LEU C 103 -34.66 -16.92 5.00
C LEU C 103 -35.29 -17.65 3.81
N PRO C 104 -36.62 -17.56 3.64
CA PRO C 104 -37.25 -18.25 2.51
C PRO C 104 -36.80 -17.78 1.13
N PHE C 105 -36.28 -16.55 1.05
CA PHE C 105 -35.84 -16.01 -0.24
C PHE C 105 -34.43 -16.42 -0.66
N ASN C 106 -33.54 -16.64 0.31
CA ASN C 106 -32.16 -16.96 -0.01
C ASN C 106 -31.72 -18.40 0.28
N SER C 107 -32.53 -19.13 1.04
CA SER C 107 -32.19 -20.50 1.39
C SER C 107 -31.98 -21.42 0.18
N LYS C 108 -32.87 -21.35 -0.79
CA LYS C 108 -32.73 -22.20 -1.97
C LYS C 108 -31.56 -21.77 -2.84
N ILE C 109 -31.32 -20.46 -2.90
CA ILE C 109 -30.21 -19.94 -3.70
C ILE C 109 -28.88 -20.45 -3.18
N ILE C 110 -28.69 -20.32 -1.87
CA ILE C 110 -27.46 -20.76 -1.22
C ILE C 110 -27.25 -22.26 -1.41
N ARG C 111 -28.33 -23.02 -1.27
CA ARG C 111 -28.24 -24.46 -1.44
C ARG C 111 -27.78 -24.79 -2.86
N GLU C 112 -28.37 -24.13 -3.85
CA GLU C 112 -28.00 -24.37 -5.24
C GLU C 112 -26.53 -24.06 -5.47
N ILE C 113 -26.10 -22.92 -4.97
CA ILE C 113 -24.71 -22.50 -5.11
C ILE C 113 -23.79 -23.53 -4.48
N GLY C 114 -24.16 -24.00 -3.28
CA GLY C 114 -23.34 -24.99 -2.61
C GLY C 114 -23.20 -26.25 -3.44
N GLN C 115 -24.30 -26.70 -4.02
CA GLN C 115 -24.29 -27.91 -4.84
C GLN C 115 -23.32 -27.74 -6.01
N ASN C 116 -23.26 -26.53 -6.56
CA ASN C 116 -22.36 -26.27 -7.68
C ASN C 116 -20.90 -26.17 -7.23
N ILE C 117 -20.67 -25.67 -6.04
CA ILE C 117 -19.30 -25.57 -5.52
C ILE C 117 -18.82 -27.02 -5.35
N LYS C 118 -19.70 -27.85 -4.81
CA LYS C 118 -19.40 -29.26 -4.60
C LYS C 118 -18.97 -29.86 -5.93
N LYS C 119 -19.66 -29.48 -7.00
CA LYS C 119 -19.35 -30.01 -8.32
C LYS C 119 -18.13 -29.42 -9.01
N TYR C 120 -17.96 -28.10 -8.94
CA TYR C 120 -16.86 -27.45 -9.64
C TYR C 120 -15.60 -27.03 -8.88
N CYS C 121 -15.73 -26.72 -7.59
CA CYS C 121 -14.56 -26.33 -6.82
C CYS C 121 -14.66 -26.76 -5.35
N PRO C 122 -14.72 -28.09 -5.11
CA PRO C 122 -14.82 -28.65 -3.75
C PRO C 122 -13.63 -28.36 -2.84
N LYS C 123 -12.52 -27.89 -3.42
CA LYS C 123 -11.32 -27.58 -2.64
C LYS C 123 -11.23 -26.10 -2.26
N THR C 124 -12.20 -25.31 -2.69
CA THR C 124 -12.18 -23.88 -2.43
C THR C 124 -12.52 -23.52 -0.98
N PHE C 125 -12.18 -22.29 -0.62
CA PHE C 125 -12.47 -21.76 0.71
C PHE C 125 -13.71 -20.92 0.49
N ILE C 126 -14.79 -21.24 1.19
CA ILE C 126 -16.04 -20.52 1.02
C ILE C 126 -16.29 -19.47 2.08
N ILE C 127 -16.62 -18.25 1.65
CA ILE C 127 -16.95 -17.19 2.58
C ILE C 127 -18.38 -16.77 2.23
N VAL C 128 -19.31 -17.05 3.13
CA VAL C 128 -20.70 -16.69 2.88
C VAL C 128 -20.97 -15.30 3.45
N VAL C 129 -21.76 -14.53 2.75
CA VAL C 129 -22.13 -13.18 3.18
C VAL C 129 -23.66 -13.11 3.25
N THR C 130 -24.32 -13.79 2.31
CA THR C 130 -25.79 -13.82 2.22
C THR C 130 -26.49 -14.08 3.55
N ASN C 131 -27.55 -13.31 3.80
CA ASN C 131 -28.33 -13.44 5.03
C ASN C 131 -29.51 -14.38 4.85
N PRO C 132 -29.98 -14.98 5.97
CA PRO C 132 -29.49 -14.84 7.34
C PRO C 132 -28.15 -15.58 7.48
N LEU C 133 -27.09 -14.79 7.58
CA LEU C 133 -25.72 -15.28 7.62
C LEU C 133 -25.40 -16.64 8.25
N ASP C 134 -25.50 -16.72 9.57
CA ASP C 134 -25.16 -17.96 10.28
C ASP C 134 -25.96 -19.17 9.82
N CYS C 135 -27.22 -18.95 9.46
CA CYS C 135 -28.05 -20.04 8.99
C CYS C 135 -27.60 -20.45 7.58
N MET C 136 -27.33 -19.44 6.74
CA MET C 136 -26.90 -19.69 5.37
C MET C 136 -25.55 -20.39 5.30
N VAL C 137 -24.66 -20.09 6.24
CA VAL C 137 -23.36 -20.73 6.24
C VAL C 137 -23.54 -22.24 6.43
N LYS C 138 -24.49 -22.64 7.28
CA LYS C 138 -24.74 -24.06 7.51
C LYS C 138 -25.37 -24.68 6.27
N VAL C 139 -26.32 -23.98 5.66
CA VAL C 139 -26.97 -24.49 4.45
C VAL C 139 -25.89 -24.72 3.41
N MET C 140 -25.01 -23.74 3.25
CA MET C 140 -23.91 -23.82 2.30
C MET C 140 -22.98 -24.98 2.62
N CYS C 141 -22.71 -25.18 3.91
CA CYS C 141 -21.84 -26.27 4.34
C CYS C 141 -22.46 -27.61 3.95
N GLU C 142 -23.74 -27.78 4.27
CA GLU C 142 -24.44 -29.02 3.95
C GLU C 142 -24.48 -29.31 2.45
N ALA C 143 -24.75 -28.27 1.66
CA ALA C 143 -24.87 -28.42 0.21
C ALA C 143 -23.53 -28.54 -0.53
N SER C 144 -22.50 -27.86 -0.04
CA SER C 144 -21.18 -27.90 -0.68
C SER C 144 -20.36 -29.11 -0.30
N GLY C 145 -20.55 -29.60 0.92
CA GLY C 145 -19.82 -30.76 1.39
C GLY C 145 -18.36 -30.50 1.70
N VAL C 146 -17.95 -29.23 1.71
CA VAL C 146 -16.56 -28.90 1.99
C VAL C 146 -16.23 -29.15 3.46
N PRO C 147 -14.95 -29.37 3.78
CA PRO C 147 -14.54 -29.60 5.18
C PRO C 147 -14.97 -28.38 5.99
N THR C 148 -15.35 -28.60 7.24
CA THR C 148 -15.82 -27.53 8.11
C THR C 148 -14.83 -26.37 8.31
N ASN C 149 -13.54 -26.63 8.09
CA ASN C 149 -12.53 -25.58 8.24
C ASN C 149 -12.40 -24.74 6.97
N MET C 150 -13.07 -25.15 5.90
CA MET C 150 -12.97 -24.43 4.63
C MET C 150 -14.20 -23.61 4.30
N ILE C 151 -15.03 -23.34 5.30
CA ILE C 151 -16.22 -22.53 5.11
C ILE C 151 -16.47 -21.71 6.36
N CYS C 152 -16.79 -20.44 6.15
CA CYS C 152 -17.09 -19.53 7.25
C CYS C 152 -18.00 -18.44 6.72
N GLY C 153 -18.58 -17.66 7.62
CA GLY C 153 -19.44 -16.59 7.17
C GLY C 153 -18.91 -15.24 7.64
N MET C 154 -18.88 -14.25 6.73
CA MET C 154 -18.43 -12.93 7.12
C MET C 154 -19.61 -12.24 7.78
N ALA C 155 -19.38 -11.71 8.98
CA ALA C 155 -20.42 -10.98 9.70
C ALA C 155 -19.84 -10.28 10.90
N CYS C 156 -19.27 -11.06 11.81
CA CYS C 156 -18.73 -10.47 13.02
C CYS C 156 -17.56 -9.50 12.84
N MET C 157 -16.83 -9.59 11.73
CA MET C 157 -15.74 -8.64 11.53
C MET C 157 -16.35 -7.28 11.24
N LEU C 158 -17.51 -7.31 10.58
CA LEU C 158 -18.23 -6.09 10.25
C LEU C 158 -18.80 -5.49 11.54
N ASP C 159 -19.46 -6.33 12.33
CA ASP C 159 -20.05 -5.87 13.58
C ASP C 159 -18.94 -5.34 14.50
N SER C 160 -17.81 -6.03 14.54
CA SER C 160 -16.68 -5.61 15.36
C SER C 160 -16.08 -4.32 14.83
N GLY C 161 -16.06 -4.17 13.51
CA GLY C 161 -15.51 -2.97 12.91
C GLY C 161 -16.31 -1.75 13.33
N ARG C 162 -17.63 -1.91 13.39
CA ARG C 162 -18.51 -0.84 13.81
C ARG C 162 -18.23 -0.52 15.27
N PHE C 163 -18.21 -1.57 16.08
CA PHE C 163 -17.94 -1.51 17.52
C PHE C 163 -16.64 -0.73 17.73
N ARG C 164 -15.61 -1.11 16.97
CA ARG C 164 -14.30 -0.46 17.05
C ARG C 164 -14.30 0.99 16.62
N ARG C 165 -15.02 1.30 15.55
CA ARG C 165 -15.08 2.68 15.07
C ARG C 165 -15.71 3.60 16.12
N TYR C 166 -16.81 3.15 16.71
CA TYR C 166 -17.49 3.95 17.73
C TYR C 166 -16.60 4.16 18.95
N VAL C 167 -15.93 3.09 19.38
CA VAL C 167 -15.02 3.17 20.52
C VAL C 167 -13.85 4.08 20.16
N ALA C 168 -13.31 3.90 18.96
CA ALA C 168 -12.19 4.70 18.48
C ALA C 168 -12.53 6.19 18.55
N ASP C 169 -13.73 6.54 18.12
CA ASP C 169 -14.14 7.94 18.16
C ASP C 169 -14.27 8.45 19.59
N ALA C 170 -14.80 7.62 20.48
CA ALA C 170 -14.97 8.00 21.88
C ALA C 170 -13.64 8.23 22.59
N LEU C 171 -12.62 7.49 22.21
CA LEU C 171 -11.31 7.61 22.85
C LEU C 171 -10.32 8.48 22.09
N SER C 172 -10.67 8.85 20.86
CA SER C 172 -9.79 9.64 20.01
C SER C 172 -8.51 8.90 19.67
N VAL C 173 -8.66 7.67 19.21
CA VAL C 173 -7.51 6.87 18.81
C VAL C 173 -7.85 6.18 17.50
N SER C 174 -6.85 5.68 16.81
CA SER C 174 -7.10 4.98 15.56
C SER C 174 -7.80 3.67 15.89
N PRO C 175 -8.81 3.28 15.08
CA PRO C 175 -9.51 2.02 15.35
C PRO C 175 -8.56 0.84 15.18
N ARG C 176 -7.40 1.08 14.57
CA ARG C 176 -6.41 0.03 14.41
C ARG C 176 -6.04 -0.45 15.81
N ASP C 177 -6.05 0.49 16.75
CA ASP C 177 -5.66 0.16 18.11
C ASP C 177 -6.79 -0.09 19.09
N VAL C 178 -7.97 -0.36 18.55
CA VAL C 178 -9.11 -0.68 19.39
C VAL C 178 -9.45 -2.12 19.05
N GLN C 179 -9.40 -2.99 20.06
CA GLN C 179 -9.75 -4.38 19.86
C GLN C 179 -11.11 -4.52 20.52
N ALA C 180 -12.15 -4.57 19.69
CA ALA C 180 -13.50 -4.73 20.18
C ALA C 180 -14.08 -5.89 19.39
N THR C 181 -14.78 -6.79 20.07
CA THR C 181 -15.34 -7.95 19.42
C THR C 181 -16.83 -8.18 19.64
N VAL C 182 -17.47 -8.66 18.59
CA VAL C 182 -18.88 -9.01 18.63
C VAL C 182 -18.92 -10.48 18.24
N ILE C 183 -19.59 -11.31 19.04
CA ILE C 183 -19.70 -12.73 18.72
C ILE C 183 -21.18 -13.09 18.65
N GLY C 184 -21.46 -14.33 18.28
CA GLY C 184 -22.84 -14.78 18.18
C GLY C 184 -23.43 -14.69 16.79
N THR C 185 -24.75 -14.77 16.73
CA THR C 185 -25.47 -14.71 15.48
C THR C 185 -25.61 -13.28 14.96
N HIS C 186 -25.28 -13.08 13.69
CA HIS C 186 -25.36 -11.77 13.06
C HIS C 186 -26.83 -11.38 12.90
N GLY C 187 -27.32 -10.62 13.88
CA GLY C 187 -28.71 -10.18 13.89
C GLY C 187 -28.96 -9.38 15.15
N ASP C 188 -30.22 -9.21 15.52
CA ASP C 188 -30.56 -8.43 16.70
C ASP C 188 -30.01 -9.01 18.00
N CYS C 189 -29.63 -10.28 17.97
CA CYS C 189 -29.08 -10.92 19.16
C CYS C 189 -27.56 -11.05 19.14
N MET C 190 -26.88 -10.30 18.28
CA MET C 190 -25.43 -10.36 18.25
C MET C 190 -24.93 -9.90 19.62
N VAL C 191 -23.74 -10.34 20.01
CA VAL C 191 -23.22 -10.03 21.33
C VAL C 191 -21.93 -9.19 21.39
N PRO C 192 -22.05 -7.87 21.54
CA PRO C 192 -20.86 -7.02 21.62
C PRO C 192 -20.21 -7.31 22.98
N LEU C 193 -18.92 -7.63 22.98
CA LEU C 193 -18.22 -7.93 24.23
C LEU C 193 -17.56 -6.68 24.81
N VAL C 194 -18.37 -5.85 25.47
CA VAL C 194 -17.89 -4.61 26.08
C VAL C 194 -16.72 -4.88 27.03
N ARG C 195 -16.89 -5.92 27.82
CA ARG C 195 -15.92 -6.35 28.82
C ARG C 195 -14.53 -6.63 28.25
N TYR C 196 -14.49 -7.09 27.00
CA TYR C 196 -13.21 -7.43 26.35
C TYR C 196 -12.57 -6.31 25.55
N ILE C 197 -13.18 -5.13 25.53
CA ILE C 197 -12.63 -4.01 24.78
C ILE C 197 -11.24 -3.64 25.30
N THR C 198 -10.28 -3.54 24.38
CA THR C 198 -8.94 -3.12 24.77
C THR C 198 -8.42 -2.05 23.82
N VAL C 199 -7.51 -1.24 24.34
CA VAL C 199 -6.89 -0.19 23.56
C VAL C 199 -5.44 -0.64 23.51
N ASN C 200 -5.09 -1.25 22.37
CA ASN C 200 -3.76 -1.81 22.18
C ASN C 200 -3.42 -2.75 23.33
N GLY C 201 -4.41 -3.56 23.72
CA GLY C 201 -4.20 -4.53 24.78
C GLY C 201 -4.41 -4.01 26.19
N TYR C 202 -4.69 -2.72 26.33
CA TYR C 202 -4.92 -2.12 27.63
C TYR C 202 -6.42 -2.17 27.91
N PRO C 203 -6.82 -2.74 29.07
CA PRO C 203 -8.21 -2.88 29.47
C PRO C 203 -9.00 -1.58 29.38
N ILE C 204 -10.22 -1.67 28.84
CA ILE C 204 -11.07 -0.51 28.72
C ILE C 204 -11.41 0.04 30.12
N GLN C 205 -11.37 -0.83 31.12
CA GLN C 205 -11.67 -0.43 32.49
C GLN C 205 -10.87 0.76 32.98
N LYS C 206 -9.57 0.78 32.72
CA LYS C 206 -8.75 1.89 33.17
C LYS C 206 -9.13 3.20 32.46
N PHE C 207 -9.62 3.10 31.23
CA PHE C 207 -10.03 4.30 30.50
C PHE C 207 -11.32 4.82 31.10
N ILE C 208 -12.10 3.92 31.69
CA ILE C 208 -13.34 4.32 32.34
C ILE C 208 -12.97 5.06 33.62
N LYS C 209 -12.09 4.45 34.41
CA LYS C 209 -11.65 5.06 35.66
C LYS C 209 -10.97 6.40 35.38
N ASP C 210 -10.29 6.50 34.25
CA ASP C 210 -9.61 7.74 33.90
C ASP C 210 -10.56 8.80 33.37
N GLY C 211 -11.83 8.43 33.20
CA GLY C 211 -12.82 9.37 32.73
C GLY C 211 -12.82 9.68 31.24
N VAL C 212 -12.17 8.83 30.45
CA VAL C 212 -12.13 9.05 29.01
C VAL C 212 -13.48 8.65 28.42
N VAL C 213 -14.04 7.58 28.97
CA VAL C 213 -15.34 7.07 28.53
C VAL C 213 -16.09 6.56 29.77
N THR C 214 -17.41 6.55 29.73
CA THR C 214 -18.18 6.07 30.87
C THR C 214 -18.77 4.70 30.55
N GLU C 215 -19.24 3.99 31.57
CA GLU C 215 -19.81 2.68 31.35
C GLU C 215 -21.11 2.78 30.56
N LYS C 216 -21.88 3.83 30.83
CA LYS C 216 -23.14 4.06 30.13
C LYS C 216 -22.83 4.27 28.65
N GLN C 217 -21.82 5.10 28.40
CA GLN C 217 -21.38 5.43 27.04
C GLN C 217 -20.99 4.17 26.26
N LEU C 218 -20.29 3.26 26.92
CA LEU C 218 -19.87 2.02 26.26
C LEU C 218 -21.09 1.16 25.94
N GLU C 219 -22.01 1.06 26.89
CA GLU C 219 -23.21 0.26 26.67
C GLU C 219 -24.00 0.84 25.49
N GLU C 220 -24.00 2.16 25.36
CA GLU C 220 -24.71 2.81 24.26
C GLU C 220 -24.02 2.44 22.96
N ILE C 221 -22.69 2.39 23.00
CA ILE C 221 -21.91 2.04 21.82
C ILE C 221 -22.25 0.60 21.42
N ALA C 222 -22.36 -0.28 22.41
CA ALA C 222 -22.70 -1.68 22.14
C ALA C 222 -24.07 -1.77 21.47
N GLU C 223 -25.04 -1.01 21.97
CA GLU C 223 -26.38 -1.03 21.38
C GLU C 223 -26.33 -0.47 19.96
N HIS C 224 -25.59 0.62 19.76
CA HIS C 224 -25.50 1.22 18.42
C HIS C 224 -24.93 0.17 17.46
N THR C 225 -23.98 -0.61 17.95
CA THR C 225 -23.36 -1.64 17.14
C THR C 225 -24.41 -2.65 16.68
N LYS C 226 -25.23 -3.12 17.62
CA LYS C 226 -26.27 -4.09 17.31
C LYS C 226 -27.27 -3.62 16.25
N VAL C 227 -27.58 -2.33 16.24
CA VAL C 227 -28.55 -1.80 15.29
C VAL C 227 -27.97 -0.99 14.15
N SER C 228 -26.66 -1.11 13.91
CA SER C 228 -26.00 -0.37 12.84
C SER C 228 -26.46 -0.76 11.45
N GLY C 229 -26.79 -2.03 11.27
CA GLY C 229 -27.24 -2.51 9.98
C GLY C 229 -28.55 -1.85 9.59
N GLY C 230 -29.52 -1.89 10.50
CA GLY C 230 -30.81 -1.29 10.23
C GLY C 230 -30.66 0.22 10.04
N GLU C 231 -29.80 0.83 10.83
CA GLU C 231 -29.56 2.27 10.71
C GLU C 231 -29.19 2.62 9.28
N ILE C 232 -28.26 1.88 8.70
CA ILE C 232 -27.82 2.12 7.32
C ILE C 232 -28.94 1.80 6.34
N VAL C 233 -29.63 0.69 6.56
CA VAL C 233 -30.74 0.31 5.68
C VAL C 233 -31.71 1.48 5.56
N ARG C 234 -32.08 2.06 6.70
CA ARG C 234 -33.02 3.17 6.71
C ARG C 234 -32.47 4.45 6.09
N PHE C 235 -31.16 4.69 6.26
CA PHE C 235 -30.56 5.88 5.67
C PHE C 235 -30.46 5.75 4.15
N LEU C 236 -30.05 4.58 3.66
CA LEU C 236 -29.91 4.37 2.23
C LEU C 236 -31.24 4.36 1.48
N GLY C 237 -32.28 3.80 2.10
CA GLY C 237 -33.58 3.74 1.46
C GLY C 237 -33.74 2.49 0.62
N GLN C 238 -32.65 2.12 -0.05
CA GLN C 238 -32.66 0.91 -0.88
C GLN C 238 -31.40 0.13 -0.58
N GLY C 239 -31.53 -1.20 -0.54
CA GLY C 239 -30.39 -2.04 -0.27
C GLY C 239 -29.86 -1.88 1.14
N SER C 240 -28.66 -2.40 1.37
CA SER C 240 -28.03 -2.33 2.68
C SER C 240 -26.53 -2.05 2.55
N ALA C 241 -25.85 -1.98 3.69
CA ALA C 241 -24.41 -1.69 3.71
C ALA C 241 -23.59 -2.59 2.78
N TYR C 242 -22.54 -2.03 2.20
CA TYR C 242 -21.70 -2.84 1.31
C TYR C 242 -20.22 -2.53 1.33
N TYR C 243 -19.84 -1.30 1.69
CA TYR C 243 -18.42 -0.97 1.73
C TYR C 243 -17.69 -1.72 2.84
N ALA C 244 -18.20 -1.63 4.07
CA ALA C 244 -17.56 -2.32 5.19
C ALA C 244 -17.71 -3.84 5.03
N PRO C 245 -18.90 -4.30 4.58
CA PRO C 245 -19.10 -5.74 4.39
C PRO C 245 -18.09 -6.30 3.38
N ALA C 246 -17.90 -5.59 2.27
CA ALA C 246 -16.97 -6.01 1.24
C ALA C 246 -15.53 -6.06 1.76
N ALA C 247 -15.13 -5.02 2.49
CA ALA C 247 -13.78 -4.96 3.04
C ALA C 247 -13.53 -6.08 4.04
N SER C 248 -14.54 -6.41 4.84
CA SER C 248 -14.43 -7.48 5.83
C SER C 248 -14.24 -8.83 5.15
N ALA C 249 -15.07 -9.11 4.15
CA ALA C 249 -15.01 -10.37 3.43
C ALA C 249 -13.66 -10.53 2.72
N VAL C 250 -13.16 -9.44 2.13
CA VAL C 250 -11.88 -9.50 1.43
C VAL C 250 -10.73 -9.61 2.43
N ALA C 251 -10.86 -8.98 3.58
CA ALA C 251 -9.81 -9.07 4.60
C ALA C 251 -9.70 -10.54 4.99
N MET C 252 -10.84 -11.21 5.14
CA MET C 252 -10.87 -12.63 5.50
C MET C 252 -10.29 -13.48 4.37
N ALA C 253 -10.71 -13.21 3.15
CA ALA C 253 -10.21 -13.96 2.01
C ALA C 253 -8.70 -13.79 1.92
N THR C 254 -8.23 -12.57 2.17
CA THR C 254 -6.80 -12.26 2.10
C THR C 254 -6.00 -13.01 3.16
N SER C 255 -6.55 -13.10 4.37
CA SER C 255 -5.86 -13.81 5.45
C SER C 255 -5.71 -15.29 5.05
N PHE C 256 -6.66 -15.79 4.27
CA PHE C 256 -6.62 -17.17 3.80
C PHE C 256 -5.62 -17.32 2.65
N LEU C 257 -5.81 -16.49 1.61
CA LEU C 257 -4.93 -16.55 0.45
C LEU C 257 -3.46 -16.33 0.76
N ASN C 258 -3.16 -15.46 1.72
CA ASN C 258 -1.79 -15.19 2.09
C ASN C 258 -1.36 -15.84 3.41
N ASP C 259 -2.19 -16.77 3.89
CA ASP C 259 -1.90 -17.48 5.14
C ASP C 259 -1.36 -16.52 6.20
N GLU C 260 -2.08 -15.43 6.43
CA GLU C 260 -1.67 -14.42 7.39
C GLU C 260 -1.91 -14.83 8.84
N LYS C 261 -2.95 -15.64 9.06
CA LYS C 261 -3.29 -16.10 10.39
C LYS C 261 -3.83 -14.96 11.25
N ARG C 262 -4.65 -14.12 10.62
CA ARG C 262 -5.27 -13.00 11.31
C ARG C 262 -6.32 -13.55 12.26
N VAL C 263 -6.54 -12.85 13.37
CA VAL C 263 -7.56 -13.26 14.33
C VAL C 263 -8.78 -12.44 13.95
N ILE C 264 -9.78 -13.09 13.37
CA ILE C 264 -10.98 -12.41 12.91
C ILE C 264 -12.26 -13.12 13.32
N PRO C 265 -13.15 -12.43 14.05
CA PRO C 265 -14.39 -13.13 14.41
C PRO C 265 -15.22 -13.35 13.15
N CYS C 266 -15.76 -14.56 13.01
CA CYS C 266 -16.59 -14.90 11.86
C CYS C 266 -17.45 -16.11 12.19
N SER C 267 -18.41 -16.42 11.33
CA SER C 267 -19.29 -17.55 11.59
C SER C 267 -18.55 -18.82 11.23
N VAL C 268 -18.19 -19.58 12.27
CA VAL C 268 -17.43 -20.81 12.10
C VAL C 268 -18.18 -22.04 12.61
N TYR C 269 -17.70 -23.22 12.21
CA TYR C 269 -18.33 -24.47 12.61
C TYR C 269 -18.06 -24.79 14.08
N CYS C 270 -19.11 -25.09 14.82
CA CYS C 270 -18.98 -25.41 16.23
C CYS C 270 -18.75 -26.92 16.43
N ASN C 271 -17.60 -27.25 16.99
CA ASN C 271 -17.21 -28.63 17.26
C ASN C 271 -17.30 -28.91 18.75
N GLY C 272 -18.32 -28.35 19.40
CA GLY C 272 -18.49 -28.57 20.82
C GLY C 272 -18.33 -27.32 21.69
N GLU C 273 -17.74 -26.27 21.12
CA GLU C 273 -17.55 -25.03 21.87
C GLU C 273 -18.88 -24.57 22.50
N TYR C 274 -18.83 -24.23 23.78
CA TYR C 274 -20.02 -23.78 24.50
C TYR C 274 -21.12 -24.84 24.49
N GLY C 275 -20.78 -26.04 24.07
CA GLY C 275 -21.75 -27.12 24.01
C GLY C 275 -22.53 -27.08 22.70
N LEU C 276 -22.02 -26.33 21.74
CA LEU C 276 -22.66 -26.19 20.43
C LEU C 276 -22.09 -27.19 19.43
N LYS C 277 -22.98 -27.83 18.67
CA LYS C 277 -22.55 -28.80 17.67
C LYS C 277 -23.42 -28.74 16.42
N ASP C 278 -22.84 -29.12 15.29
CA ASP C 278 -23.53 -29.16 14.01
C ASP C 278 -24.19 -27.85 13.63
N MET C 279 -23.47 -26.75 13.80
CA MET C 279 -24.01 -25.43 13.45
C MET C 279 -22.87 -24.42 13.33
N PHE C 280 -23.19 -23.27 12.78
CA PHE C 280 -22.21 -22.20 12.64
C PHE C 280 -22.69 -21.00 13.45
N ILE C 281 -21.75 -20.28 14.04
CA ILE C 281 -22.09 -19.09 14.81
C ILE C 281 -20.85 -18.22 14.90
N GLY C 282 -21.05 -16.92 15.06
CA GLY C 282 -19.93 -16.00 15.16
C GLY C 282 -19.05 -16.19 16.38
N LEU C 283 -17.77 -16.44 16.14
CA LEU C 283 -16.80 -16.64 17.21
C LEU C 283 -15.45 -16.15 16.73
N PRO C 284 -14.56 -15.76 17.67
CA PRO C 284 -13.25 -15.29 17.24
C PRO C 284 -12.54 -16.50 16.63
N ALA C 285 -11.93 -16.31 15.47
CA ALA C 285 -11.24 -17.41 14.82
C ALA C 285 -9.93 -16.93 14.21
N VAL C 286 -9.10 -17.89 13.80
CA VAL C 286 -7.83 -17.57 13.16
C VAL C 286 -7.95 -18.07 11.74
N ILE C 287 -7.81 -17.18 10.76
CA ILE C 287 -7.91 -17.57 9.35
C ILE C 287 -6.52 -17.65 8.75
N GLY C 288 -6.17 -18.83 8.24
CA GLY C 288 -4.88 -19.01 7.64
C GLY C 288 -4.97 -19.80 6.34
N GLY C 289 -3.81 -20.20 5.82
CA GLY C 289 -3.77 -20.97 4.59
C GLY C 289 -4.52 -22.28 4.66
N ALA C 290 -4.86 -22.72 5.88
CA ALA C 290 -5.60 -23.97 6.06
C ALA C 290 -7.05 -23.65 6.43
N GLY C 291 -7.50 -22.44 6.09
CA GLY C 291 -8.85 -22.04 6.40
C GLY C 291 -8.96 -21.64 7.86
N ILE C 292 -10.04 -22.05 8.51
CA ILE C 292 -10.23 -21.73 9.92
C ILE C 292 -9.27 -22.65 10.67
N GLU C 293 -8.27 -22.06 11.30
CA GLU C 293 -7.27 -22.86 12.02
C GLU C 293 -7.46 -22.85 13.53
N ARG C 294 -8.34 -21.98 14.02
CA ARG C 294 -8.59 -21.87 15.46
C ARG C 294 -9.91 -21.17 15.74
N VAL C 295 -10.64 -21.67 16.73
CA VAL C 295 -11.91 -21.08 17.13
C VAL C 295 -11.73 -20.82 18.62
N ILE C 296 -11.84 -19.55 19.01
CA ILE C 296 -11.63 -19.16 20.40
C ILE C 296 -12.92 -19.17 21.21
N GLU C 297 -12.86 -19.90 22.33
CA GLU C 297 -13.99 -20.06 23.23
C GLU C 297 -13.75 -19.17 24.45
N LEU C 298 -14.07 -17.89 24.30
CA LEU C 298 -13.88 -16.91 25.35
C LEU C 298 -14.73 -17.19 26.58
N GLU C 299 -14.23 -16.80 27.75
CA GLU C 299 -15.00 -16.97 28.98
C GLU C 299 -16.04 -15.84 29.02
N LEU C 300 -17.30 -16.19 29.21
CA LEU C 300 -18.34 -15.18 29.24
C LEU C 300 -18.85 -14.97 30.65
N ASN C 301 -19.17 -13.71 30.99
CA ASN C 301 -19.70 -13.43 32.32
C ASN C 301 -21.19 -13.74 32.27
N GLU C 302 -21.90 -13.51 33.38
CA GLU C 302 -23.32 -13.83 33.42
C GLU C 302 -24.12 -13.21 32.27
N GLU C 303 -24.03 -11.89 32.12
CA GLU C 303 -24.77 -11.20 31.07
C GLU C 303 -24.41 -11.68 29.67
N GLU C 304 -23.12 -11.91 29.43
CA GLU C 304 -22.69 -12.37 28.12
C GLU C 304 -23.25 -13.75 27.80
N LYS C 305 -23.32 -14.63 28.82
CA LYS C 305 -23.85 -15.97 28.62
C LYS C 305 -25.33 -15.88 28.29
N LYS C 306 -26.04 -14.98 28.96
CA LYS C 306 -27.47 -14.79 28.72
C LYS C 306 -27.66 -14.33 27.29
N GLN C 307 -26.94 -13.28 26.90
CA GLN C 307 -27.03 -12.75 25.56
C GLN C 307 -26.59 -13.76 24.51
N PHE C 308 -25.56 -14.55 24.83
CA PHE C 308 -25.08 -15.53 23.87
C PHE C 308 -26.11 -16.64 23.67
N GLN C 309 -26.76 -17.04 24.76
CA GLN C 309 -27.78 -18.08 24.65
C GLN C 309 -28.91 -17.61 23.73
N LYS C 310 -29.27 -16.33 23.84
CA LYS C 310 -30.32 -15.77 22.98
C LYS C 310 -29.83 -15.79 21.54
N SER C 311 -28.55 -15.50 21.35
CA SER C 311 -27.98 -15.50 20.02
C SER C 311 -28.06 -16.93 19.47
N VAL C 312 -27.76 -17.90 20.32
CA VAL C 312 -27.82 -19.30 19.91
C VAL C 312 -29.25 -19.72 19.58
N ASP C 313 -30.21 -19.29 20.39
CA ASP C 313 -31.61 -19.64 20.16
C ASP C 313 -32.04 -19.07 18.81
N ASP C 314 -31.52 -17.90 18.49
CA ASP C 314 -31.85 -17.22 17.23
C ASP C 314 -31.42 -18.06 16.02
N VAL C 315 -30.15 -18.45 15.97
CA VAL C 315 -29.70 -19.24 14.83
C VAL C 315 -30.28 -20.65 14.84
N MET C 316 -30.48 -21.23 16.01
CA MET C 316 -31.05 -22.57 16.07
C MET C 316 -32.48 -22.55 15.53
N ALA C 317 -33.20 -21.46 15.78
CA ALA C 317 -34.56 -21.34 15.29
C ALA C 317 -34.52 -21.27 13.76
N LEU C 318 -33.57 -20.49 13.23
CA LEU C 318 -33.40 -20.35 11.80
C LEU C 318 -33.08 -21.68 11.15
N ASN C 319 -32.15 -22.41 11.75
CA ASN C 319 -31.74 -23.71 11.22
C ASN C 319 -32.91 -24.68 11.24
N LYS C 320 -33.75 -24.59 12.26
CA LYS C 320 -34.92 -25.46 12.34
C LYS C 320 -35.85 -25.07 11.19
N ALA C 321 -35.99 -23.77 10.97
CA ALA C 321 -36.84 -23.24 9.91
C ALA C 321 -36.41 -23.70 8.51
N VAL C 322 -35.11 -23.64 8.22
CA VAL C 322 -34.62 -24.06 6.91
C VAL C 322 -34.78 -25.56 6.72
N ALA C 323 -34.57 -26.30 7.79
CA ALA C 323 -34.70 -27.75 7.73
C ALA C 323 -36.12 -28.12 7.33
N ALA C 324 -37.09 -27.37 7.85
CA ALA C 324 -38.50 -27.61 7.54
C ALA C 324 -38.88 -27.12 6.14
N LEU C 325 -38.07 -26.23 5.57
CA LEU C 325 -38.32 -25.70 4.24
C LEU C 325 -37.80 -26.59 3.11
N GLN C 326 -36.65 -27.21 3.33
CA GLN C 326 -36.02 -28.07 2.35
C GLN C 326 -36.97 -29.13 1.80
N PRO D 1 -6.73 -27.66 9.11
CA PRO D 1 -5.66 -28.66 9.31
C PRO D 1 -4.63 -28.58 8.18
N ALA D 2 -4.95 -29.20 7.05
CA ALA D 2 -4.06 -29.20 5.90
C ALA D 2 -3.95 -27.82 5.27
N LEU D 3 -2.73 -27.44 4.92
CA LEU D 3 -2.46 -26.14 4.31
C LEU D 3 -2.85 -26.13 2.84
N VAL D 4 -3.75 -25.22 2.47
CA VAL D 4 -4.20 -25.12 1.10
C VAL D 4 -3.51 -23.96 0.39
N GLN D 5 -3.35 -22.84 1.09
CA GLN D 5 -2.68 -21.67 0.52
C GLN D 5 -1.35 -21.43 1.22
N ARG D 6 -0.26 -21.78 0.56
CA ARG D 6 1.07 -21.61 1.13
C ARG D 6 1.63 -20.27 0.68
N ARG D 7 2.30 -19.56 1.59
CA ARG D 7 2.88 -18.26 1.24
C ARG D 7 4.02 -18.51 0.27
N LYS D 8 4.33 -17.52 -0.56
CA LYS D 8 5.43 -17.66 -1.48
C LYS D 8 6.70 -17.60 -0.63
N LYS D 9 7.80 -18.16 -1.13
CA LYS D 9 9.06 -18.12 -0.40
C LYS D 9 10.15 -17.60 -1.30
N VAL D 10 10.87 -16.59 -0.83
CA VAL D 10 11.97 -16.01 -1.57
C VAL D 10 13.25 -16.23 -0.77
N ALA D 11 14.23 -16.87 -1.40
CA ALA D 11 15.50 -17.14 -0.74
C ALA D 11 16.52 -16.10 -1.16
N MET D 12 17.12 -15.44 -0.17
CA MET D 12 18.14 -14.42 -0.43
C MET D 12 19.50 -15.08 -0.25
N ILE D 13 20.11 -15.48 -1.36
CA ILE D 13 21.42 -16.11 -1.31
C ILE D 13 22.41 -14.96 -1.33
N GLY D 14 22.90 -14.64 -0.13
CA GLY D 14 23.78 -13.52 0.06
C GLY D 14 22.92 -12.64 0.96
N SER D 15 23.39 -12.35 2.16
CA SER D 15 22.63 -11.55 3.11
C SER D 15 23.36 -10.26 3.49
N GLY D 16 24.07 -9.68 2.53
CA GLY D 16 24.79 -8.46 2.78
C GLY D 16 23.81 -7.29 2.65
N MET D 17 24.31 -6.14 2.26
CA MET D 17 23.46 -4.96 2.13
C MET D 17 22.21 -5.21 1.28
N ILE D 18 22.39 -5.73 0.08
CA ILE D 18 21.24 -5.95 -0.80
C ILE D 18 20.34 -7.08 -0.31
N GLY D 19 20.93 -8.19 0.11
CA GLY D 19 20.13 -9.31 0.59
C GLY D 19 19.24 -8.89 1.75
N GLY D 20 19.81 -8.18 2.71
CA GLY D 20 19.05 -7.74 3.86
C GLY D 20 17.97 -6.77 3.47
N THR D 21 18.28 -5.87 2.54
CA THR D 21 17.32 -4.86 2.10
C THR D 21 16.15 -5.48 1.34
N MET D 22 16.40 -6.51 0.55
CA MET D 22 15.30 -7.14 -0.17
C MET D 22 14.42 -7.88 0.84
N GLY D 23 15.04 -8.43 1.87
CA GLY D 23 14.29 -9.12 2.89
C GLY D 23 13.38 -8.12 3.56
N TYR D 24 13.88 -6.89 3.74
CA TYR D 24 13.12 -5.82 4.36
C TYR D 24 11.87 -5.54 3.51
N LEU D 25 12.06 -5.45 2.20
CA LEU D 25 10.92 -5.20 1.33
C LEU D 25 9.87 -6.30 1.44
N CYS D 26 10.31 -7.55 1.50
CA CYS D 26 9.37 -8.66 1.60
C CYS D 26 8.57 -8.61 2.90
N ALA D 27 9.23 -8.27 3.99
CA ALA D 27 8.57 -8.18 5.29
C ALA D 27 7.62 -6.99 5.35
N LEU D 28 8.08 -5.87 4.80
CA LEU D 28 7.27 -4.65 4.77
C LEU D 28 5.99 -4.79 3.96
N ARG D 29 6.05 -5.56 2.89
CA ARG D 29 4.90 -5.73 2.00
C ARG D 29 4.20 -7.06 2.16
N GLU D 30 4.67 -7.87 3.10
CA GLU D 30 4.13 -9.21 3.33
C GLU D 30 4.09 -9.95 2.01
N LEU D 31 5.17 -9.80 1.25
CA LEU D 31 5.29 -10.42 -0.07
C LEU D 31 5.53 -11.92 -0.03
N ALA D 32 6.34 -12.37 0.93
CA ALA D 32 6.64 -13.80 1.03
C ALA D 32 7.51 -14.08 2.24
N ASP D 33 7.57 -15.35 2.63
CA ASP D 33 8.44 -15.72 3.73
C ASP D 33 9.82 -15.48 3.17
N VAL D 34 10.78 -15.20 4.04
CA VAL D 34 12.13 -14.91 3.61
C VAL D 34 13.17 -15.79 4.28
N VAL D 35 14.14 -16.20 3.49
CA VAL D 35 15.25 -17.00 3.97
C VAL D 35 16.52 -16.22 3.65
N LEU D 36 17.33 -15.98 4.67
CA LEU D 36 18.58 -15.27 4.51
C LEU D 36 19.72 -16.26 4.63
N TYR D 37 20.54 -16.34 3.59
CA TYR D 37 21.67 -17.25 3.57
C TYR D 37 22.94 -16.48 3.28
N ASP D 38 24.04 -16.88 3.90
CA ASP D 38 25.31 -16.22 3.68
C ASP D 38 26.44 -17.11 4.19
N VAL D 39 27.64 -16.89 3.66
CA VAL D 39 28.80 -17.66 4.09
C VAL D 39 29.18 -17.17 5.48
N VAL D 40 28.91 -15.89 5.74
CA VAL D 40 29.20 -15.31 7.04
C VAL D 40 28.17 -15.82 8.03
N LYS D 41 28.66 -16.44 9.09
CA LYS D 41 27.83 -17.00 10.14
C LYS D 41 27.52 -15.93 11.18
N GLY D 42 26.30 -15.97 11.71
CA GLY D 42 25.90 -15.02 12.71
C GLY D 42 25.12 -13.84 12.15
N MET D 43 25.77 -13.05 11.30
CA MET D 43 25.13 -11.87 10.73
C MET D 43 23.72 -12.08 10.14
N PRO D 44 23.52 -13.14 9.34
CA PRO D 44 22.17 -13.36 8.78
C PRO D 44 21.10 -13.62 9.85
N GLU D 45 21.49 -14.26 10.94
CA GLU D 45 20.55 -14.55 12.03
C GLU D 45 20.21 -13.23 12.69
N GLY D 46 21.17 -12.32 12.70
CA GLY D 46 20.94 -11.02 13.28
C GLY D 46 19.94 -10.24 12.46
N LYS D 47 20.12 -10.25 11.13
CA LYS D 47 19.22 -9.54 10.25
C LYS D 47 17.84 -10.20 10.22
N ALA D 48 17.80 -11.54 10.30
CA ALA D 48 16.54 -12.27 10.29
C ALA D 48 15.68 -11.86 11.49
N LEU D 49 16.30 -11.78 12.66
CA LEU D 49 15.59 -11.38 13.86
C LEU D 49 15.08 -9.96 13.70
N ASP D 50 15.97 -9.07 13.27
CA ASP D 50 15.64 -7.67 13.07
C ASP D 50 14.45 -7.58 12.12
N LEU D 51 14.49 -8.34 11.02
CA LEU D 51 13.41 -8.33 10.04
C LEU D 51 12.12 -8.96 10.58
N SER D 52 12.25 -9.98 11.42
CA SER D 52 11.05 -10.61 11.97
C SER D 52 10.34 -9.60 12.87
N HIS D 53 11.12 -8.75 13.52
CA HIS D 53 10.58 -7.73 14.41
C HIS D 53 9.81 -6.71 13.58
N VAL D 54 10.30 -6.46 12.36
CA VAL D 54 9.65 -5.51 11.47
C VAL D 54 8.20 -5.92 11.18
N THR D 55 7.95 -7.21 11.00
CA THR D 55 6.60 -7.68 10.70
C THR D 55 5.61 -7.24 11.76
N SER D 56 6.02 -7.26 13.02
CA SER D 56 5.13 -6.82 14.10
C SER D 56 4.90 -5.32 13.96
N VAL D 57 5.99 -4.58 13.81
CA VAL D 57 5.93 -3.13 13.68
C VAL D 57 4.98 -2.67 12.57
N VAL D 58 5.08 -3.29 11.38
CA VAL D 58 4.22 -2.89 10.28
C VAL D 58 2.98 -3.76 10.10
N ASP D 59 2.70 -4.59 11.09
CA ASP D 59 1.52 -5.45 11.09
C ASP D 59 1.38 -6.42 9.92
N THR D 60 2.47 -7.09 9.58
CA THR D 60 2.41 -8.07 8.49
C THR D 60 2.81 -9.40 9.08
N ASN D 61 2.61 -10.48 8.33
CA ASN D 61 3.01 -11.77 8.84
C ASN D 61 3.65 -12.65 7.79
N VAL D 62 4.98 -12.67 7.82
CA VAL D 62 5.78 -13.51 6.95
C VAL D 62 6.88 -14.00 7.87
N SER D 63 7.43 -15.16 7.53
CA SER D 63 8.49 -15.77 8.31
C SER D 63 9.83 -15.32 7.73
N VAL D 64 10.72 -14.84 8.60
CA VAL D 64 12.05 -14.42 8.16
C VAL D 64 13.01 -15.27 8.97
N ARG D 65 13.79 -16.09 8.27
CA ARG D 65 14.72 -17.00 8.93
C ARG D 65 16.06 -17.04 8.23
N ALA D 66 17.11 -17.25 9.00
CA ALA D 66 18.44 -17.39 8.43
C ALA D 66 18.60 -18.89 8.28
N GLU D 67 19.30 -19.33 7.24
CA GLU D 67 19.53 -20.76 7.04
C GLU D 67 21.01 -20.99 6.75
N TYR D 68 21.59 -21.93 7.50
CA TYR D 68 22.99 -22.28 7.39
C TYR D 68 23.35 -23.01 6.10
N SER D 69 22.49 -23.96 5.71
CA SER D 69 22.75 -24.78 4.53
C SER D 69 22.01 -24.38 3.27
N TYR D 70 22.58 -24.77 2.14
CA TYR D 70 21.98 -24.51 0.84
C TYR D 70 20.64 -25.22 0.79
N GLU D 71 20.61 -26.45 1.32
CA GLU D 71 19.38 -27.24 1.31
C GLU D 71 18.22 -26.53 2.01
N ALA D 72 18.45 -26.09 3.24
CA ALA D 72 17.41 -25.42 4.01
C ALA D 72 17.03 -24.06 3.41
N ALA D 73 18.00 -23.39 2.80
CA ALA D 73 17.75 -22.08 2.22
C ALA D 73 17.00 -22.15 0.89
N LEU D 74 17.38 -23.09 0.04
CA LEU D 74 16.79 -23.22 -1.29
C LEU D 74 15.51 -24.04 -1.42
N THR D 75 15.39 -25.11 -0.64
CA THR D 75 14.22 -25.97 -0.73
C THR D 75 12.89 -25.23 -0.59
N GLY D 76 12.07 -25.34 -1.64
CA GLY D 76 10.77 -24.70 -1.63
C GLY D 76 10.75 -23.24 -2.05
N ALA D 77 11.91 -22.70 -2.40
CA ALA D 77 11.99 -21.30 -2.81
C ALA D 77 11.31 -21.06 -4.16
N ASP D 78 10.31 -20.19 -4.18
CA ASP D 78 9.60 -19.84 -5.40
C ASP D 78 10.48 -18.94 -6.25
N CYS D 79 11.33 -18.17 -5.57
CA CYS D 79 12.25 -17.26 -6.25
C CYS D 79 13.54 -17.20 -5.47
N VAL D 80 14.66 -17.15 -6.18
CA VAL D 80 15.97 -17.06 -5.54
C VAL D 80 16.67 -15.83 -6.10
N ILE D 81 17.01 -14.89 -5.21
CA ILE D 81 17.71 -13.68 -5.61
C ILE D 81 19.14 -13.78 -5.08
N VAL D 82 20.10 -13.79 -6.00
CA VAL D 82 21.50 -13.97 -5.65
C VAL D 82 22.33 -12.71 -5.67
N THR D 83 22.87 -12.36 -4.50
CA THR D 83 23.70 -11.18 -4.33
C THR D 83 25.04 -11.56 -3.72
N ALA D 84 25.24 -12.86 -3.51
CA ALA D 84 26.48 -13.34 -2.92
C ALA D 84 27.67 -12.93 -3.77
N GLY D 85 28.70 -12.38 -3.14
CA GLY D 85 29.89 -11.95 -3.87
C GLY D 85 30.50 -10.67 -3.32
N LEU D 86 31.61 -10.24 -3.92
CA LEU D 86 32.29 -9.01 -3.48
C LEU D 86 31.73 -7.80 -4.22
N THR D 87 31.88 -6.62 -3.62
CA THR D 87 31.41 -5.38 -4.21
C THR D 87 32.57 -4.57 -4.80
N LYS D 88 33.76 -4.74 -4.24
CA LYS D 88 34.94 -4.01 -4.71
C LYS D 88 36.19 -4.86 -4.54
N VAL D 89 37.21 -4.61 -5.36
CA VAL D 89 38.45 -5.35 -5.28
C VAL D 89 39.32 -4.80 -4.14
N PRO D 90 39.73 -5.66 -3.20
CA PRO D 90 40.55 -5.21 -2.09
C PRO D 90 41.79 -4.45 -2.56
N GLY D 91 42.02 -3.28 -1.98
CA GLY D 91 43.19 -2.49 -2.33
C GLY D 91 43.07 -1.59 -3.55
N LYS D 92 42.03 -1.78 -4.34
CA LYS D 92 41.82 -0.97 -5.55
C LYS D 92 41.22 0.37 -5.16
N PRO D 93 41.77 1.48 -5.68
CA PRO D 93 41.23 2.81 -5.35
C PRO D 93 39.76 2.93 -5.80
N ASP D 94 38.98 3.75 -5.09
CA ASP D 94 37.58 3.93 -5.46
C ASP D 94 37.43 4.54 -6.86
N SER D 95 38.39 5.39 -7.23
CA SER D 95 38.35 6.05 -8.53
C SER D 95 38.58 5.06 -9.67
N GLU D 96 38.95 3.83 -9.31
CA GLU D 96 39.20 2.77 -10.28
C GLU D 96 38.19 1.64 -10.16
N TRP D 97 37.08 1.90 -9.47
CA TRP D 97 36.05 0.88 -9.29
C TRP D 97 35.51 0.39 -10.63
N SER D 98 35.54 -0.92 -10.83
CA SER D 98 35.04 -1.54 -12.06
C SER D 98 34.36 -2.86 -11.74
N ARG D 99 33.14 -3.03 -12.26
CA ARG D 99 32.39 -4.26 -12.02
C ARG D 99 33.12 -5.45 -12.62
N ASN D 100 33.71 -5.26 -13.80
CA ASN D 100 34.42 -6.34 -14.49
C ASN D 100 35.55 -6.95 -13.66
N ASP D 101 36.19 -6.14 -12.82
CA ASP D 101 37.28 -6.63 -11.98
C ASP D 101 36.82 -7.65 -10.94
N LEU D 102 35.52 -7.74 -10.72
CA LEU D 102 34.99 -8.66 -9.72
C LEU D 102 34.84 -10.08 -10.26
N LEU D 103 34.99 -10.22 -11.57
CA LEU D 103 34.84 -11.50 -12.25
C LEU D 103 35.54 -12.69 -11.57
N PRO D 104 36.87 -12.62 -11.38
CA PRO D 104 37.54 -13.76 -10.75
C PRO D 104 37.10 -14.04 -9.32
N PHE D 105 36.62 -13.00 -8.64
CA PHE D 105 36.18 -13.14 -7.26
C PHE D 105 34.78 -13.72 -7.08
N ASN D 106 33.87 -13.46 -8.02
CA ASN D 106 32.50 -13.95 -7.87
C ASN D 106 32.03 -15.08 -8.78
N SER D 107 32.77 -15.31 -9.87
CA SER D 107 32.39 -16.36 -10.81
C SER D 107 32.23 -17.74 -10.17
N LYS D 108 33.14 -18.11 -9.29
CA LYS D 108 33.08 -19.41 -8.63
C LYS D 108 31.91 -19.48 -7.66
N ILE D 109 31.64 -18.38 -6.98
CA ILE D 109 30.53 -18.33 -6.03
C ILE D 109 29.20 -18.52 -6.74
N ILE D 110 29.05 -17.85 -7.88
CA ILE D 110 27.82 -17.94 -8.66
C ILE D 110 27.61 -19.35 -9.21
N ARG D 111 28.67 -19.97 -9.71
CA ARG D 111 28.58 -21.32 -10.24
C ARG D 111 28.10 -22.28 -9.14
N GLU D 112 28.72 -22.18 -7.96
CA GLU D 112 28.36 -23.06 -6.85
C GLU D 112 26.90 -22.92 -6.46
N ILE D 113 26.42 -21.68 -6.43
CA ILE D 113 25.03 -21.38 -6.10
C ILE D 113 24.12 -22.06 -7.13
N GLY D 114 24.51 -21.93 -8.40
CA GLY D 114 23.72 -22.52 -9.46
C GLY D 114 23.58 -24.02 -9.33
N GLN D 115 24.67 -24.69 -8.99
CA GLN D 115 24.64 -26.13 -8.83
C GLN D 115 23.69 -26.51 -7.70
N ASN D 116 23.68 -25.71 -6.64
CA ASN D 116 22.81 -25.97 -5.52
C ASN D 116 21.34 -25.70 -5.85
N ILE D 117 21.10 -24.71 -6.70
CA ILE D 117 19.74 -24.38 -7.13
C ILE D 117 19.22 -25.57 -7.95
N LYS D 118 20.06 -26.07 -8.84
CA LYS D 118 19.67 -27.21 -9.65
C LYS D 118 19.27 -28.36 -8.75
N LYS D 119 20.04 -28.55 -7.67
CA LYS D 119 19.77 -29.63 -6.74
C LYS D 119 18.56 -29.47 -5.83
N TYR D 120 18.38 -28.29 -5.25
CA TYR D 120 17.29 -28.08 -4.30
C TYR D 120 16.01 -27.38 -4.74
N CYS D 121 16.08 -26.56 -5.79
CA CYS D 121 14.90 -25.87 -6.29
C CYS D 121 15.05 -25.58 -7.77
N PRO D 122 15.06 -26.64 -8.60
CA PRO D 122 15.20 -26.54 -10.05
C PRO D 122 14.05 -25.79 -10.74
N LYS D 123 12.91 -25.68 -10.05
CA LYS D 123 11.75 -25.00 -10.61
C LYS D 123 11.59 -23.55 -10.13
N THR D 124 12.63 -23.00 -9.52
CA THR D 124 12.57 -21.63 -9.01
C THR D 124 12.86 -20.60 -10.10
N PHE D 125 12.57 -19.34 -9.80
CA PHE D 125 12.83 -18.24 -10.71
C PHE D 125 14.08 -17.57 -10.14
N ILE D 126 15.15 -17.56 -10.93
CA ILE D 126 16.42 -16.99 -10.49
C ILE D 126 16.65 -15.55 -10.94
N ILE D 127 16.95 -14.70 -9.97
CA ILE D 127 17.25 -13.30 -10.26
C ILE D 127 18.66 -13.05 -9.72
N VAL D 128 19.61 -12.88 -10.64
CA VAL D 128 20.99 -12.65 -10.28
C VAL D 128 21.25 -11.15 -10.11
N VAL D 129 22.00 -10.78 -9.07
CA VAL D 129 22.33 -9.39 -8.80
C VAL D 129 23.86 -9.22 -8.86
N THR D 130 24.56 -10.24 -8.38
CA THR D 130 26.02 -10.28 -8.33
C THR D 130 26.74 -9.85 -9.62
N ASN D 131 27.70 -8.94 -9.48
CA ASN D 131 28.48 -8.47 -10.61
C ASN D 131 29.70 -9.37 -10.88
N PRO D 132 30.20 -9.37 -12.14
CA PRO D 132 29.70 -8.59 -13.27
C PRO D 132 28.40 -9.26 -13.73
N LEU D 133 27.29 -8.56 -13.50
CA LEU D 133 25.95 -9.08 -13.79
C LEU D 133 25.67 -9.95 -15.01
N ASP D 134 25.76 -9.35 -16.19
CA ASP D 134 25.46 -10.09 -17.40
C ASP D 134 26.28 -11.36 -17.55
N CYS D 135 27.54 -11.33 -17.11
CA CYS D 135 28.39 -12.50 -17.19
C CYS D 135 27.94 -13.51 -16.14
N MET D 136 27.67 -13.02 -14.93
CA MET D 136 27.24 -13.89 -13.84
C MET D 136 25.90 -14.59 -14.10
N VAL D 137 25.01 -13.93 -14.84
CA VAL D 137 23.72 -14.55 -15.15
C VAL D 137 23.94 -15.77 -16.04
N LYS D 138 24.89 -15.65 -16.97
CA LYS D 138 25.19 -16.77 -17.87
C LYS D 138 25.81 -17.91 -17.07
N VAL D 139 26.70 -17.56 -16.15
CA VAL D 139 27.35 -18.57 -15.31
C VAL D 139 26.25 -19.28 -14.51
N MET D 140 25.33 -18.50 -13.98
CA MET D 140 24.22 -19.04 -13.19
C MET D 140 23.33 -19.94 -14.04
N CYS D 141 23.12 -19.55 -15.29
CA CYS D 141 22.27 -20.33 -16.20
C CYS D 141 22.88 -21.69 -16.49
N GLU D 142 24.16 -21.70 -16.87
CA GLU D 142 24.84 -22.95 -17.17
C GLU D 142 24.89 -23.89 -15.97
N ALA D 143 25.19 -23.34 -14.80
CA ALA D 143 25.29 -24.12 -13.57
C ALA D 143 23.96 -24.63 -13.01
N SER D 144 22.92 -23.80 -13.10
CA SER D 144 21.60 -24.16 -12.57
C SER D 144 20.78 -25.06 -13.49
N GLY D 145 20.98 -24.92 -14.80
CA GLY D 145 20.25 -25.71 -15.77
C GLY D 145 18.76 -25.40 -15.87
N VAL D 146 18.31 -24.31 -15.24
CA VAL D 146 16.90 -23.96 -15.29
C VAL D 146 16.48 -23.52 -16.70
N PRO D 147 15.17 -23.54 -16.99
CA PRO D 147 14.70 -23.12 -18.31
C PRO D 147 15.19 -21.70 -18.59
N THR D 148 15.49 -21.41 -19.86
CA THR D 148 16.00 -20.09 -20.25
C THR D 148 15.11 -18.93 -19.82
N ASN D 149 13.81 -19.20 -19.65
CA ASN D 149 12.85 -18.17 -19.25
C ASN D 149 12.72 -18.04 -17.73
N MET D 150 13.39 -18.91 -16.99
CA MET D 150 13.31 -18.89 -15.53
C MET D 150 14.54 -18.30 -14.85
N ILE D 151 15.29 -17.50 -15.59
CA ILE D 151 16.48 -16.86 -15.06
C ILE D 151 16.74 -15.53 -15.77
N CYS D 152 17.15 -14.55 -15.00
CA CYS D 152 17.44 -13.23 -15.53
C CYS D 152 18.33 -12.50 -14.54
N GLY D 153 18.83 -11.34 -14.95
CA GLY D 153 19.68 -10.57 -14.07
C GLY D 153 19.12 -9.17 -13.87
N MET D 154 19.08 -8.73 -12.62
CA MET D 154 18.61 -7.39 -12.32
C MET D 154 19.79 -6.45 -12.55
N ALA D 155 19.53 -5.36 -13.29
CA ALA D 155 20.54 -4.36 -13.55
C ALA D 155 19.94 -3.18 -14.30
N CYS D 156 19.40 -3.45 -15.49
CA CYS D 156 18.84 -2.39 -16.29
C CYS D 156 17.64 -1.67 -15.69
N MET D 157 16.91 -2.32 -14.79
CA MET D 157 15.78 -1.63 -14.17
C MET D 157 16.37 -0.56 -13.27
N LEU D 158 17.53 -0.86 -12.71
CA LEU D 158 18.23 0.07 -11.82
C LEU D 158 18.80 1.21 -12.65
N ASP D 159 19.53 0.87 -13.71
CA ASP D 159 20.10 1.89 -14.59
C ASP D 159 18.97 2.75 -15.15
N SER D 160 17.87 2.11 -15.54
CA SER D 160 16.72 2.83 -16.08
C SER D 160 16.08 3.71 -15.02
N GLY D 161 16.05 3.22 -13.77
CA GLY D 161 15.47 4.02 -12.70
C GLY D 161 16.26 5.29 -12.50
N ARG D 162 17.58 5.20 -12.62
CA ARG D 162 18.45 6.35 -12.45
C ARG D 162 18.19 7.31 -13.60
N PHE D 163 18.15 6.76 -14.81
CA PHE D 163 17.89 7.49 -16.04
C PHE D 163 16.56 8.24 -15.86
N ARG D 164 15.55 7.53 -15.37
CA ARG D 164 14.23 8.12 -15.16
C ARG D 164 14.19 9.19 -14.07
N ARG D 165 14.95 8.99 -13.00
CA ARG D 165 14.97 9.97 -11.92
C ARG D 165 15.56 11.29 -12.39
N TYR D 166 16.68 11.22 -13.11
CA TYR D 166 17.34 12.42 -13.62
C TYR D 166 16.44 13.16 -14.61
N VAL D 167 15.81 12.40 -15.49
CA VAL D 167 14.91 12.99 -16.48
C VAL D 167 13.70 13.59 -15.76
N ALA D 168 13.19 12.88 -14.78
CA ALA D 168 12.03 13.36 -14.01
C ALA D 168 12.34 14.70 -13.33
N ASP D 169 13.54 14.84 -12.79
CA ASP D 169 13.93 16.09 -12.13
C ASP D 169 14.03 17.22 -13.15
N ALA D 170 14.60 16.93 -14.31
CA ALA D 170 14.75 17.94 -15.36
C ALA D 170 13.40 18.41 -15.90
N LEU D 171 12.43 17.51 -15.95
CA LEU D 171 11.10 17.82 -16.45
C LEU D 171 10.09 18.22 -15.38
N SER D 172 10.46 17.98 -14.12
CA SER D 172 9.59 18.29 -12.99
C SER D 172 8.33 17.44 -13.02
N VAL D 173 8.50 16.14 -13.22
CA VAL D 173 7.36 15.23 -13.23
C VAL D 173 7.73 14.00 -12.41
N SER D 174 6.73 13.21 -12.07
CA SER D 174 6.98 12.00 -11.30
C SER D 174 7.68 11.00 -12.21
N PRO D 175 8.72 10.32 -11.70
CA PRO D 175 9.43 9.34 -12.53
C PRO D 175 8.49 8.21 -12.96
N ARG D 176 7.37 8.08 -12.27
CA ARG D 176 6.37 7.07 -12.63
C ARG D 176 5.97 7.32 -14.09
N ASP D 177 5.95 8.60 -14.47
CA ASP D 177 5.56 8.96 -15.82
C ASP D 177 6.69 9.22 -16.80
N VAL D 178 7.87 8.77 -16.45
CA VAL D 178 9.01 8.89 -17.35
C VAL D 178 9.40 7.49 -17.78
N GLN D 179 9.33 7.22 -19.07
CA GLN D 179 9.73 5.91 -19.56
C GLN D 179 11.10 6.12 -20.19
N ALA D 180 12.14 5.72 -19.47
CA ALA D 180 13.51 5.85 -19.97
C ALA D 180 14.11 4.48 -19.80
N THR D 181 14.78 4.01 -20.86
CA THR D 181 15.36 2.68 -20.82
C THR D 181 16.84 2.62 -21.13
N VAL D 182 17.53 1.80 -20.36
CA VAL D 182 18.96 1.55 -20.56
C VAL D 182 19.03 0.07 -20.96
N ILE D 183 19.71 -0.24 -22.05
CA ILE D 183 19.84 -1.64 -22.45
C ILE D 183 21.33 -1.93 -22.55
N GLY D 184 21.69 -3.19 -22.77
CA GLY D 184 23.08 -3.55 -22.88
C GLY D 184 23.66 -4.17 -21.64
N THR D 185 24.97 -4.12 -21.53
CA THR D 185 25.70 -4.68 -20.41
C THR D 185 25.82 -3.66 -19.27
N HIS D 186 25.46 -4.09 -18.07
CA HIS D 186 25.53 -3.24 -16.90
C HIS D 186 27.00 -2.92 -16.62
N GLY D 187 27.42 -1.74 -17.07
CA GLY D 187 28.79 -1.32 -16.90
C GLY D 187 29.03 0.00 -17.61
N ASP D 188 30.29 0.35 -17.81
CA ASP D 188 30.62 1.61 -18.47
C ASP D 188 30.09 1.69 -19.89
N CYS D 189 29.68 0.57 -20.45
CA CYS D 189 29.16 0.56 -21.81
C CYS D 189 27.65 0.36 -21.90
N MET D 190 26.94 0.50 -20.78
CA MET D 190 25.49 0.35 -20.80
C MET D 190 24.97 1.40 -21.78
N VAL D 191 23.79 1.16 -22.36
CA VAL D 191 23.26 2.09 -23.34
C VAL D 191 21.96 2.80 -22.99
N PRO D 192 22.04 4.04 -22.51
CA PRO D 192 20.81 4.75 -22.18
C PRO D 192 20.19 5.15 -23.53
N LEU D 193 18.93 4.80 -23.76
CA LEU D 193 18.29 5.14 -25.03
C LEU D 193 17.59 6.49 -24.95
N VAL D 194 18.34 7.56 -25.16
CA VAL D 194 17.79 8.91 -25.11
C VAL D 194 16.64 9.11 -26.08
N ARG D 195 16.80 8.59 -27.30
CA ARG D 195 15.80 8.73 -28.33
C ARG D 195 14.46 8.09 -27.97
N TYR D 196 14.49 7.10 -27.08
CA TYR D 196 13.27 6.40 -26.67
C TYR D 196 12.60 6.98 -25.43
N ILE D 197 13.16 8.04 -24.86
CA ILE D 197 12.59 8.65 -23.67
C ILE D 197 11.18 9.17 -23.95
N THR D 198 10.22 8.76 -23.13
CA THR D 198 8.85 9.26 -23.28
C THR D 198 8.32 9.72 -21.94
N VAL D 199 7.42 10.68 -21.98
CA VAL D 199 6.77 11.21 -20.79
C VAL D 199 5.35 10.72 -21.01
N ASN D 200 4.98 9.68 -20.26
CA ASN D 200 3.67 9.04 -20.41
C ASN D 200 3.35 8.77 -21.88
N GLY D 201 4.34 8.22 -22.59
CA GLY D 201 4.13 7.90 -23.99
C GLY D 201 4.35 9.03 -24.98
N TYR D 202 4.58 10.23 -24.47
CA TYR D 202 4.82 11.39 -25.34
C TYR D 202 6.32 11.50 -25.60
N PRO D 203 6.73 11.53 -26.87
CA PRO D 203 8.13 11.64 -27.27
C PRO D 203 8.85 12.77 -26.58
N ILE D 204 10.06 12.49 -26.11
CA ILE D 204 10.86 13.50 -25.42
C ILE D 204 11.18 14.61 -26.42
N GLN D 205 11.19 14.25 -27.72
CA GLN D 205 11.48 15.19 -28.79
C GLN D 205 10.71 16.49 -28.68
N LYS D 206 9.41 16.38 -28.43
CA LYS D 206 8.56 17.56 -28.32
C LYS D 206 8.97 18.43 -27.13
N PHE D 207 9.35 17.78 -26.03
CA PHE D 207 9.77 18.52 -24.85
C PHE D 207 11.04 19.30 -25.13
N ILE D 208 11.88 18.76 -26.01
CA ILE D 208 13.12 19.44 -26.37
C ILE D 208 12.77 20.70 -27.15
N LYS D 209 11.89 20.57 -28.13
CA LYS D 209 11.47 21.71 -28.94
C LYS D 209 10.76 22.75 -28.08
N ASP D 210 10.05 22.29 -27.05
CA ASP D 210 9.35 23.21 -26.16
C ASP D 210 10.29 23.88 -25.17
N GLY D 211 11.57 23.49 -25.21
CA GLY D 211 12.58 24.09 -24.34
C GLY D 211 12.59 23.63 -22.90
N VAL D 212 11.87 22.56 -22.57
CA VAL D 212 11.83 22.06 -21.20
C VAL D 212 13.18 21.48 -20.84
N VAL D 213 13.78 20.79 -21.81
CA VAL D 213 15.09 20.18 -21.64
C VAL D 213 15.82 20.30 -22.98
N THR D 214 17.15 20.40 -22.95
CA THR D 214 17.91 20.52 -24.19
C THR D 214 18.51 19.18 -24.56
N GLU D 215 18.92 19.04 -25.82
CA GLU D 215 19.52 17.80 -26.28
C GLU D 215 20.82 17.57 -25.52
N LYS D 216 21.55 18.65 -25.25
CA LYS D 216 22.82 18.53 -24.54
C LYS D 216 22.58 18.09 -23.08
N GLN D 217 21.49 18.54 -22.48
CA GLN D 217 21.19 18.15 -21.11
C GLN D 217 20.82 16.67 -21.03
N LEU D 218 20.06 16.20 -22.01
CA LEU D 218 19.66 14.79 -22.04
C LEU D 218 20.90 13.91 -22.17
N GLU D 219 21.87 14.36 -22.96
CA GLU D 219 23.10 13.61 -23.14
C GLU D 219 23.90 13.59 -21.84
N GLU D 220 23.84 14.67 -21.09
CA GLU D 220 24.54 14.75 -19.81
C GLU D 220 23.86 13.79 -18.85
N ILE D 221 22.54 13.72 -18.94
CA ILE D 221 21.78 12.81 -18.08
C ILE D 221 22.16 11.38 -18.42
N ALA D 222 22.29 11.09 -19.71
CA ALA D 222 22.66 9.75 -20.15
C ALA D 222 24.04 9.38 -19.59
N GLU D 223 24.97 10.33 -19.63
CA GLU D 223 26.31 10.07 -19.12
C GLU D 223 26.25 9.85 -17.62
N HIS D 224 25.53 10.72 -16.91
CA HIS D 224 25.40 10.60 -15.47
C HIS D 224 24.85 9.21 -15.12
N THR D 225 23.87 8.77 -15.90
CA THR D 225 23.26 7.47 -15.70
C THR D 225 24.33 6.38 -15.74
N LYS D 226 25.16 6.42 -16.77
CA LYS D 226 26.22 5.44 -16.94
C LYS D 226 27.20 5.38 -15.77
N VAL D 227 27.56 6.53 -15.22
CA VAL D 227 28.51 6.57 -14.11
C VAL D 227 27.89 6.69 -12.72
N SER D 228 26.59 6.45 -12.59
CA SER D 228 25.94 6.58 -11.29
C SER D 228 26.44 5.58 -10.26
N GLY D 229 26.74 4.36 -10.69
CA GLY D 229 27.24 3.35 -9.77
C GLY D 229 28.53 3.78 -9.12
N GLY D 230 29.46 4.27 -9.93
CA GLY D 230 30.74 4.72 -9.42
C GLY D 230 30.61 5.96 -8.55
N GLU D 231 29.68 6.84 -8.91
CA GLU D 231 29.46 8.05 -8.15
C GLU D 231 29.06 7.70 -6.72
N ILE D 232 28.19 6.70 -6.59
CA ILE D 232 27.74 6.26 -5.27
C ILE D 232 28.88 5.55 -4.55
N VAL D 233 29.62 4.70 -5.26
CA VAL D 233 30.74 3.99 -4.66
C VAL D 233 31.71 4.98 -4.00
N ARG D 234 32.05 6.03 -4.73
CA ARG D 234 32.98 7.04 -4.20
C ARG D 234 32.41 7.83 -3.02
N PHE D 235 31.10 8.07 -3.04
CA PHE D 235 30.47 8.80 -1.95
C PHE D 235 30.38 7.97 -0.68
N LEU D 236 30.00 6.70 -0.82
CA LEU D 236 29.86 5.82 0.33
C LEU D 236 31.16 5.45 1.04
N GLY D 237 32.26 5.36 0.29
CA GLY D 237 33.53 5.00 0.90
C GLY D 237 33.69 3.50 1.01
N GLN D 238 32.63 2.83 1.45
CA GLN D 238 32.64 1.38 1.58
C GLN D 238 31.41 0.81 0.89
N GLY D 239 31.59 -0.31 0.20
CA GLY D 239 30.47 -0.95 -0.48
C GLY D 239 29.93 -0.15 -1.64
N SER D 240 28.73 -0.49 -2.07
CA SER D 240 28.10 0.18 -3.18
C SER D 240 26.58 0.30 -2.97
N ALA D 241 25.88 0.88 -3.95
CA ALA D 241 24.43 1.08 -3.84
C ALA D 241 23.66 -0.19 -3.48
N TYR D 242 22.60 -0.04 -2.68
CA TYR D 242 21.80 -1.20 -2.30
C TYR D 242 20.31 -0.96 -2.17
N TYR D 243 19.90 0.29 -1.96
CA TYR D 243 18.46 0.57 -1.82
C TYR D 243 17.69 0.41 -3.13
N ALA D 244 18.20 1.02 -4.20
CA ALA D 244 17.54 0.94 -5.49
C ALA D 244 17.73 -0.46 -6.07
N PRO D 245 18.94 -1.03 -5.93
CA PRO D 245 19.16 -2.39 -6.45
C PRO D 245 18.18 -3.37 -5.80
N ALA D 246 18.00 -3.25 -4.49
CA ALA D 246 17.09 -4.15 -3.78
C ALA D 246 15.66 -4.00 -4.30
N ALA D 247 15.20 -2.75 -4.41
CA ALA D 247 13.85 -2.45 -4.89
C ALA D 247 13.63 -2.95 -6.30
N SER D 248 14.66 -2.88 -7.14
CA SER D 248 14.57 -3.33 -8.52
C SER D 248 14.41 -4.84 -8.60
N ALA D 249 15.23 -5.56 -7.85
CA ALA D 249 15.18 -7.02 -7.84
C ALA D 249 13.84 -7.53 -7.31
N VAL D 250 13.34 -6.89 -6.26
CA VAL D 250 12.07 -7.29 -5.68
C VAL D 250 10.89 -6.94 -6.60
N ALA D 251 11.01 -5.84 -7.34
CA ALA D 251 9.95 -5.46 -8.27
C ALA D 251 9.87 -6.57 -9.31
N MET D 252 11.03 -7.07 -9.74
CA MET D 252 11.09 -8.14 -10.71
C MET D 252 10.52 -9.44 -10.14
N ALA D 253 10.91 -9.76 -8.92
CA ALA D 253 10.43 -10.96 -8.26
C ALA D 253 8.91 -10.92 -8.11
N THR D 254 8.40 -9.74 -7.78
CA THR D 254 6.96 -9.56 -7.59
C THR D 254 6.19 -9.71 -8.89
N SER D 255 6.78 -9.24 -9.99
CA SER D 255 6.11 -9.35 -11.29
C SER D 255 5.98 -10.83 -11.63
N PHE D 256 6.94 -11.61 -11.19
CA PHE D 256 6.91 -13.06 -11.42
C PHE D 256 5.90 -13.72 -10.49
N LEU D 257 6.06 -13.49 -9.19
CA LEU D 257 5.20 -14.09 -8.17
C LEU D 257 3.72 -13.80 -8.34
N ASN D 258 3.39 -12.59 -8.79
CA ASN D 258 1.99 -12.22 -8.99
C ASN D 258 1.57 -12.22 -10.46
N ASP D 259 2.44 -12.69 -11.34
CA ASP D 259 2.15 -12.75 -12.77
C ASP D 259 1.58 -11.41 -13.22
N GLU D 260 2.32 -10.33 -12.95
CA GLU D 260 1.91 -8.98 -13.30
C GLU D 260 2.16 -8.67 -14.76
N LYS D 261 3.18 -9.31 -15.34
CA LYS D 261 3.54 -9.10 -16.72
C LYS D 261 4.03 -7.67 -16.94
N ARG D 262 4.82 -7.19 -15.98
CA ARG D 262 5.40 -5.86 -16.08
C ARG D 262 6.49 -5.90 -17.15
N VAL D 263 6.76 -4.74 -17.75
CA VAL D 263 7.78 -4.62 -18.77
C VAL D 263 8.96 -4.02 -18.03
N ILE D 264 9.93 -4.86 -17.76
CA ILE D 264 11.11 -4.43 -17.04
C ILE D 264 12.39 -4.83 -17.76
N PRO D 265 13.25 -3.84 -18.04
CA PRO D 265 14.51 -4.14 -18.72
C PRO D 265 15.37 -4.95 -17.77
N CYS D 266 15.83 -6.12 -18.23
CA CYS D 266 16.68 -6.95 -17.40
C CYS D 266 17.56 -7.85 -18.27
N SER D 267 18.57 -8.46 -17.65
CA SER D 267 19.48 -9.32 -18.40
C SER D 267 18.77 -10.64 -18.67
N VAL D 268 18.46 -10.87 -19.95
CA VAL D 268 17.73 -12.07 -20.36
C VAL D 268 18.47 -12.92 -21.39
N TYR D 269 18.07 -14.18 -21.48
CA TYR D 269 18.66 -15.13 -22.41
C TYR D 269 18.34 -14.74 -23.84
N CYS D 270 19.36 -14.65 -24.69
CA CYS D 270 19.15 -14.27 -26.09
C CYS D 270 19.01 -15.46 -27.02
N ASN D 271 17.98 -15.42 -27.85
CA ASN D 271 17.69 -16.48 -28.84
C ASN D 271 17.72 -15.89 -30.23
N GLY D 272 18.65 -14.96 -30.47
CA GLY D 272 18.74 -14.35 -31.78
C GLY D 272 18.50 -12.84 -31.79
N GLU D 273 17.91 -12.31 -30.72
CA GLU D 273 17.66 -10.87 -30.67
C GLU D 273 18.98 -10.14 -30.89
N TYR D 274 19.02 -9.29 -31.92
CA TYR D 274 20.23 -8.54 -32.28
C TYR D 274 21.32 -9.45 -32.81
N GLY D 275 20.94 -10.66 -33.20
CA GLY D 275 21.93 -11.59 -33.70
C GLY D 275 22.72 -12.17 -32.54
N LEU D 276 22.22 -11.93 -31.32
CA LEU D 276 22.88 -12.43 -30.13
C LEU D 276 22.34 -13.81 -29.78
N LYS D 277 23.25 -14.73 -29.44
CA LYS D 277 22.86 -16.08 -29.07
C LYS D 277 23.74 -16.62 -27.95
N ASP D 278 23.19 -17.58 -27.20
CA ASP D 278 23.91 -18.20 -26.11
C ASP D 278 24.55 -17.19 -25.16
N MET D 279 23.80 -16.19 -24.76
CA MET D 279 24.32 -15.19 -23.84
C MET D 279 23.19 -14.38 -23.21
N PHE D 280 23.53 -13.65 -22.15
CA PHE D 280 22.56 -12.81 -21.47
C PHE D 280 23.03 -11.37 -21.59
N ILE D 281 22.08 -10.46 -21.77
CA ILE D 281 22.39 -9.05 -21.87
C ILE D 281 21.11 -8.28 -21.54
N GLY D 282 21.27 -7.06 -21.06
CA GLY D 282 20.12 -6.25 -20.70
C GLY D 282 19.23 -5.86 -21.86
N LEU D 283 17.98 -6.31 -21.82
CA LEU D 283 17.01 -6.00 -22.85
C LEU D 283 15.63 -5.81 -22.22
N PRO D 284 14.73 -5.09 -22.91
CA PRO D 284 13.39 -4.87 -22.39
C PRO D 284 12.69 -6.23 -22.38
N ALA D 285 12.07 -6.58 -21.26
CA ALA D 285 11.38 -7.87 -21.21
C ALA D 285 10.08 -7.79 -20.44
N VAL D 286 9.28 -8.84 -20.58
CA VAL D 286 8.01 -8.95 -19.88
C VAL D 286 8.15 -10.09 -18.87
N ILE D 287 8.01 -9.76 -17.60
CA ILE D 287 8.13 -10.75 -16.53
C ILE D 287 6.76 -11.09 -15.99
N GLY D 288 6.37 -12.35 -16.14
CA GLY D 288 5.09 -12.78 -15.63
C GLY D 288 5.24 -14.09 -14.87
N GLY D 289 4.10 -14.73 -14.59
CA GLY D 289 4.10 -15.98 -13.85
C GLY D 289 4.81 -17.10 -14.58
N ALA D 290 5.15 -16.85 -15.85
CA ALA D 290 5.85 -17.85 -16.65
C ALA D 290 7.28 -17.38 -16.86
N GLY D 291 7.75 -16.51 -15.96
CA GLY D 291 9.10 -16.00 -16.04
C GLY D 291 9.21 -14.93 -17.11
N ILE D 292 10.31 -14.96 -17.87
CA ILE D 292 10.51 -14.01 -18.96
C ILE D 292 9.56 -14.47 -20.06
N GLU D 293 8.48 -13.73 -20.26
CA GLU D 293 7.48 -14.12 -21.25
C GLU D 293 7.66 -13.47 -22.62
N ARG D 294 8.51 -12.46 -22.69
CA ARG D 294 8.77 -11.77 -23.95
C ARG D 294 10.02 -10.90 -23.85
N VAL D 295 10.78 -10.87 -24.93
CA VAL D 295 11.98 -10.06 -25.01
C VAL D 295 11.71 -9.10 -26.16
N ILE D 296 11.74 -7.80 -25.86
CA ILE D 296 11.47 -6.77 -26.87
C ILE D 296 12.76 -6.38 -27.60
N GLU D 297 12.75 -6.47 -28.93
CA GLU D 297 13.91 -6.15 -29.75
C GLU D 297 13.73 -4.83 -30.49
N LEU D 298 14.01 -3.74 -29.79
CA LEU D 298 13.87 -2.39 -30.34
C LEU D 298 14.72 -2.07 -31.56
N GLU D 299 14.19 -1.20 -32.42
CA GLU D 299 14.92 -0.76 -33.60
C GLU D 299 15.91 0.31 -33.09
N LEU D 300 17.18 0.15 -33.42
CA LEU D 300 18.20 1.10 -32.98
C LEU D 300 18.75 1.92 -34.13
N ASN D 301 19.11 3.18 -33.86
CA ASN D 301 19.67 4.02 -34.90
C ASN D 301 21.18 3.76 -34.96
N GLU D 302 21.88 4.45 -35.87
CA GLU D 302 23.31 4.22 -36.03
C GLU D 302 24.12 4.34 -34.74
N GLU D 303 23.95 5.44 -34.02
CA GLU D 303 24.68 5.66 -32.77
C GLU D 303 24.35 4.61 -31.71
N GLU D 304 23.07 4.29 -31.56
CA GLU D 304 22.66 3.30 -30.57
C GLU D 304 23.24 1.93 -30.91
N LYS D 305 23.31 1.60 -32.20
CA LYS D 305 23.87 0.32 -32.60
C LYS D 305 25.34 0.28 -32.24
N LYS D 306 26.04 1.39 -32.47
CA LYS D 306 27.46 1.48 -32.16
C LYS D 306 27.67 1.29 -30.67
N GLN D 307 26.87 2.00 -29.86
CA GLN D 307 27.00 1.88 -28.41
C GLN D 307 26.61 0.47 -27.97
N PHE D 308 25.59 -0.09 -28.59
CA PHE D 308 25.14 -1.43 -28.22
C PHE D 308 26.20 -2.47 -28.55
N GLN D 309 26.89 -2.31 -29.67
CA GLN D 309 27.94 -3.25 -30.06
C GLN D 309 29.03 -3.22 -29.01
N LYS D 310 29.38 -2.02 -28.54
CA LYS D 310 30.42 -1.90 -27.51
C LYS D 310 29.92 -2.61 -26.26
N SER D 311 28.64 -2.48 -26.00
CA SER D 311 28.04 -3.12 -24.84
C SER D 311 28.18 -4.63 -24.99
N VAL D 312 27.94 -5.13 -26.19
CA VAL D 312 28.05 -6.56 -26.47
C VAL D 312 29.51 -7.02 -26.33
N ASP D 313 30.44 -6.26 -26.90
CA ASP D 313 31.85 -6.63 -26.81
C ASP D 313 32.24 -6.77 -25.35
N ASP D 314 31.71 -5.87 -24.52
CA ASP D 314 32.01 -5.88 -23.09
C ASP D 314 31.70 -7.23 -22.45
N VAL D 315 30.45 -7.66 -22.54
CA VAL D 315 30.06 -8.93 -21.94
C VAL D 315 30.65 -10.15 -22.65
N MET D 316 30.81 -10.07 -23.96
CA MET D 316 31.39 -11.21 -24.68
C MET D 316 32.80 -11.45 -24.15
N ALA D 317 33.55 -10.38 -23.96
CA ALA D 317 34.91 -10.49 -23.44
C ALA D 317 34.86 -11.18 -22.08
N LEU D 318 33.92 -10.75 -21.24
CA LEU D 318 33.75 -11.33 -19.91
C LEU D 318 33.46 -12.83 -19.99
N ASN D 319 32.46 -13.20 -20.79
CA ASN D 319 32.09 -14.60 -20.93
C ASN D 319 33.27 -15.42 -21.45
N LYS D 320 34.06 -14.80 -22.33
CA LYS D 320 35.23 -15.48 -22.90
C LYS D 320 36.23 -15.71 -21.78
N ALA D 321 36.40 -14.71 -20.92
CA ALA D 321 37.34 -14.80 -19.80
C ALA D 321 36.86 -15.84 -18.79
N VAL D 322 35.56 -15.87 -18.54
CA VAL D 322 34.98 -16.81 -17.59
C VAL D 322 35.23 -18.25 -18.02
N ALA D 323 34.96 -18.53 -19.28
CA ALA D 323 35.16 -19.87 -19.82
C ALA D 323 36.61 -20.31 -19.67
N ALA D 324 37.51 -19.35 -19.74
CA ALA D 324 38.94 -19.63 -19.61
C ALA D 324 39.37 -19.82 -18.16
N LEU D 325 38.58 -19.28 -17.23
CA LEU D 325 38.86 -19.38 -15.80
C LEU D 325 38.30 -20.61 -15.12
N GLN D 326 37.14 -21.08 -15.57
CA GLN D 326 36.50 -22.24 -14.95
C GLN D 326 35.59 -23.01 -15.90
PA NAD E . -25.30 8.99 -9.42
O1A NAD E . -25.01 7.78 -8.79
O2A NAD E . -26.68 9.17 -10.02
O5B NAD E . -25.03 10.16 -8.38
C5B NAD E . -25.31 11.52 -8.73
C4B NAD E . -25.67 12.10 -7.35
O4B NAD E . -25.82 13.56 -7.59
C3B NAD E . -27.09 11.70 -6.81
O3B NAD E . -26.85 11.15 -5.51
C2B NAD E . -27.85 13.01 -6.75
O2B NAD E . -28.79 13.14 -5.69
C1B NAD E . -26.72 14.05 -6.64
N9A NAD E . -27.21 15.36 -6.98
C8A NAD E . -28.10 15.79 -7.95
N7A NAD E . -28.31 17.09 -7.94
C5A NAD E . -27.50 17.54 -6.91
C6A NAD E . -27.30 18.83 -6.43
N6A NAD E . -27.89 19.95 -6.90
N1A NAD E . -26.42 18.98 -5.35
C2A NAD E . -25.76 17.88 -4.78
N3A NAD E . -25.94 16.57 -5.24
C4A NAD E . -26.82 16.47 -6.31
O3 NAD E . -24.26 9.26 -10.56
PN NAD E . -22.73 8.92 -10.70
O1N NAD E . -22.54 7.57 -11.26
O2N NAD E . -22.15 9.17 -9.37
O5D NAD E . -22.27 9.97 -11.78
C5D NAD E . -22.33 11.40 -11.44
C4D NAD E . -22.00 12.21 -12.67
O4D NAD E . -20.70 11.83 -13.17
C3D NAD E . -22.97 12.05 -13.87
O3D NAD E . -23.34 13.35 -14.37
C2D NAD E . -22.15 11.26 -14.88
O2D NAD E . -22.55 11.47 -16.21
C1D NAD E . -20.79 11.76 -14.61
N1N NAD E . -19.64 10.91 -14.98
C2N NAD E . -18.52 11.45 -15.63
C3N NAD E . -17.47 10.61 -15.95
C7N NAD E . -16.25 11.22 -16.63
O7N NAD E . -15.50 10.46 -17.18
N7N NAD E . -16.05 12.51 -16.62
C4N NAD E . -17.50 9.18 -15.63
C5N NAD E . -18.65 8.67 -14.96
C6N NAD E . -19.75 9.52 -14.63
O9 OXQ F . -17.49 7.39 -19.65
C6 OXQ F . -18.34 6.80 -18.93
O8 OXQ F . -18.29 5.57 -18.68
C2 OXQ F . -19.47 7.60 -18.30
C1 OXQ F . -19.63 8.98 -18.39
O7 OXQ F . -18.80 9.83 -19.05
N3 OXQ F . -20.44 7.08 -17.57
O4 OXQ F . -21.25 8.17 -17.16
N5 OXQ F . -20.71 9.35 -17.71
PA NAD G . 25.20 4.24 12.73
O1A NAD G . 24.94 3.47 11.58
O2A NAD G . 26.58 4.20 13.32
O5B NAD G . 24.81 5.75 12.39
C5B NAD G . 25.06 6.78 13.36
C4B NAD G . 25.43 7.97 12.40
O4B NAD G . 25.56 9.14 13.29
C3B NAD G . 26.83 7.86 11.76
O3B NAD G . 26.61 7.96 10.36
C2B NAD G . 27.61 9.02 12.33
O2B NAD G . 28.56 9.64 11.48
C1B NAD G . 26.49 10.01 12.73
N9A NAD G . 27.00 10.98 13.69
C8A NAD G . 27.91 10.84 14.74
N7A NAD G . 28.14 11.96 15.39
C5A NAD G . 27.34 12.88 14.74
C6A NAD G . 27.17 14.25 14.98
N6A NAD G . 27.77 14.97 15.95
N1A NAD G . 26.28 14.94 14.14
C2A NAD G . 25.60 14.29 13.10
N3A NAD G . 25.76 12.93 12.83
C4A NAD G . 26.63 12.27 13.68
O3 NAD G . 24.17 3.84 13.86
PN NAD G . 22.63 3.46 13.82
O1N NAD G . 22.48 2.00 13.66
O2N NAD G . 22.04 4.31 12.77
O5D NAD G . 22.12 3.86 15.26
C5D NAD G . 22.12 5.28 15.65
C4D NAD G . 21.80 5.40 17.12
O4D NAD G . 20.53 4.79 17.38
C3D NAD G . 22.80 4.70 18.10
O3D NAD G . 23.16 5.61 19.16
C2D NAD G . 22.02 3.50 18.60
O2D NAD G . 22.43 3.06 19.88
C1D NAD G . 20.65 4.01 18.61
N1N NAD G . 19.52 3.05 18.50
C2N NAD G . 18.37 3.21 19.30
C3N NAD G . 17.34 2.31 19.16
C7N NAD G . 16.09 2.52 20.02
O7N NAD G . 15.33 1.59 20.11
N7N NAD G . 15.89 3.66 20.61
C4N NAD G . 17.40 1.19 18.21
C5N NAD G . 18.59 1.06 17.43
C6N NAD G . 19.67 1.99 17.55
O9 OXQ H . 17.39 -2.28 20.87
C6 OXQ H . 18.24 -2.44 19.97
O8 OXQ H . 18.23 -3.40 19.17
C2 OXQ H . 19.37 -1.41 19.85
C1 OXQ H . 19.50 -0.27 20.62
O7 OXQ H . 18.66 0.13 21.60
N3 OXQ H . 20.36 -1.49 18.97
O4 OXQ H . 21.16 -0.35 19.18
N5 OXQ H . 20.59 0.40 20.23
PA NAD I . -27.49 -6.80 -3.88
O1A NAD I . -26.81 -5.62 -4.27
O2A NAD I . -28.99 -6.84 -4.04
O5B NAD I . -26.84 -8.02 -4.66
C5B NAD I . -27.39 -9.33 -4.49
C4B NAD I . -27.17 -9.91 -5.90
O4B NAD I . -27.59 -11.33 -5.82
C3B NAD I . -28.10 -9.33 -7.00
O3B NAD I . -27.23 -8.84 -8.01
C2B NAD I . -28.92 -10.52 -7.47
O2B NAD I . -29.24 -10.53 -8.85
C1B NAD I . -28.01 -11.72 -7.08
N9A NAD I . -28.78 -12.94 -7.07
C8A NAD I . -30.07 -13.21 -6.66
N7A NAD I . -30.44 -14.47 -6.81
C5A NAD I . -29.30 -15.05 -7.36
C6A NAD I . -29.08 -16.38 -7.74
N6A NAD I . -29.96 -17.40 -7.66
N1A NAD I . -27.82 -16.70 -8.26
C2A NAD I . -26.83 -15.71 -8.40
N3A NAD I . -27.02 -14.38 -8.03
C4A NAD I . -28.28 -14.11 -7.51
O3 NAD I . -27.13 -7.11 -2.38
PN NAD I . -25.83 -6.91 -1.53
O1N NAD I . -25.80 -5.56 -0.93
O2N NAD I . -24.70 -7.24 -2.43
O5D NAD I . -26.03 -7.96 -0.38
C5D NAD I . -25.96 -9.39 -0.70
C4D NAD I . -26.34 -10.18 0.52
O4D NAD I . -25.43 -9.89 1.60
C3D NAD I . -27.76 -9.89 1.09
O3D NAD I . -28.46 -11.13 1.29
C2D NAD I . -27.47 -9.14 2.38
O2D NAD I . -28.50 -9.28 3.35
C1D NAD I . -26.21 -9.77 2.82
N1N NAD I . -25.30 -9.02 3.72
C2N NAD I . -24.66 -9.68 4.78
C3N NAD I . -23.81 -8.95 5.60
C7N NAD I . -23.11 -9.69 6.73
O7N NAD I . -22.61 -9.02 7.60
N7N NAD I . -23.08 -11.00 6.75
C4N NAD I . -23.56 -7.53 5.39
C5N NAD I . -24.23 -6.89 4.30
C6N NAD I . -25.12 -7.62 3.44
O9 OXQ J . -25.22 -5.68 8.95
C6 OXQ J . -25.54 -5.04 7.91
O8 OXQ J . -25.26 -3.85 7.70
C2 OXQ J . -26.32 -5.78 6.82
C1 OXQ J . -26.60 -7.15 6.80
O7 OXQ J . -26.21 -8.04 7.74
N3 OXQ J . -26.83 -5.21 5.74
O4 OXQ J . -27.46 -6.24 5.00
N5 OXQ J . -27.29 -7.44 5.71
PA NAD K . 27.65 -6.98 0.35
O1A NAD K . 26.95 -6.14 1.25
O2A NAD K . 29.16 -7.03 0.48
O5B NAD K . 27.05 -8.45 0.46
C5B NAD K . 27.68 -9.53 -0.26
C4B NAD K . 27.38 -10.71 0.72
O4B NAD K . 27.78 -11.93 -0.02
C3B NAD K . 28.27 -10.74 1.98
O3B NAD K . 27.36 -10.85 3.08
C2B NAD K . 29.14 -11.97 1.81
O2B NAD K . 29.50 -12.62 3.02
C1B NAD K . 28.26 -12.86 0.91
N9A NAD K . 29.05 -13.90 0.29
C8A NAD K . 30.34 -13.90 -0.21
N7A NAD K . 30.74 -15.06 -0.70
C5A NAD K . 29.64 -15.87 -0.50
C6A NAD K . 29.45 -17.22 -0.83
N6A NAD K . 30.36 -18.03 -1.40
N1A NAD K . 28.21 -17.79 -0.51
C2A NAD K . 27.19 -17.04 0.11
N3A NAD K . 27.35 -15.69 0.43
C4A NAD K . 28.59 -15.15 0.11
O3 NAD K . 27.28 -6.54 -1.10
PN NAD K . 25.96 -6.01 -1.76
O1N NAD K . 25.88 -4.54 -1.64
O2N NAD K . 24.86 -6.80 -1.16
O5D NAD K . 26.20 -6.38 -3.29
C5D NAD K . 26.19 -7.80 -3.68
C4D NAD K . 26.60 -7.91 -5.12
O4D NAD K . 25.66 -7.19 -5.95
C3D NAD K . 28.00 -7.34 -5.49
O3D NAD K . 28.76 -8.32 -6.23
C2D NAD K . 27.69 -6.11 -6.31
O2D NAD K . 28.69 -5.81 -7.26
C1D NAD K . 26.42 -6.49 -6.97
N1N NAD K . 25.48 -5.43 -7.39
C2N NAD K . 24.82 -5.51 -8.63
C3N NAD K . 23.95 -4.51 -8.99
C7N NAD K . 23.23 -4.63 -10.33
O7N NAD K . 22.71 -3.62 -10.78
N7N NAD K . 23.20 -5.78 -10.96
C4N NAD K . 23.69 -3.36 -8.11
C5N NAD K . 24.38 -3.31 -6.86
C6N NAD K . 25.28 -4.34 -6.48
O9 OXQ L . 25.17 -0.04 -10.36
C6 OXQ L . 25.57 0.13 -9.18
O8 OXQ L . 25.30 1.13 -8.49
C2 OXQ L . 26.43 -0.96 -8.54
C1 OXQ L . 26.80 -2.16 -9.16
O7 OXQ L . 26.42 -2.56 -10.40
N3 OXQ L . 26.95 -0.91 -7.33
O4 OXQ L . 27.66 -2.11 -7.14
N5 OXQ L . 27.53 -2.88 -8.31
#